data_8Z5R
#
_entry.id   8Z5R
#
_cell.length_a   1.00
_cell.length_b   1.00
_cell.length_c   1.00
_cell.angle_alpha   90.00
_cell.angle_beta   90.00
_cell.angle_gamma   90.00
#
_symmetry.space_group_name_H-M   'P 1'
#
loop_
_entity.id
_entity.type
_entity.pdbx_description
1 polymer 'Phosphorylase b kinase regulatory subunit alpha, skeletal muscle isoform'
2 polymer 'Phosphorylase b kinase gamma catalytic chain, skeletal muscle/heart isoform'
3 polymer Calmodulin-3
4 non-polymer "ADENOSINE-5'-TRIPHOSPHATE"
#
loop_
_entity_poly.entity_id
_entity_poly.type
_entity_poly.pdbx_seq_one_letter_code
_entity_poly.pdbx_strand_id
1 'polypeptide(L)'
;MRSRSNSGVRLDGYARLVQQTILCHQNPVTGLLPASYDQKDAWVRDNVYSILAVWGLGLAYRKNADRDEDKAKAYELEQS
VVKLMRGLLHCMIRQVDKVE(SEP)FKY(SEP)Q(SEP)TKD(SEP)LHAKYNTKTCATVVGDDQWGHLQLDATSVYLLF
LAQMTASGLHIIHSLDEVNFIQNLVFYIEAAYKTADFGIWERGDKTNQGISELNAS(SEP)VGMAKAALEALDELDLFGV
KGGPQSVIHVLADEVQHCQ(SEP)ILNSLLPRASTSKEVDASLLSVVSFPAFAVEDSQLVELTKQEIITKLQGRYGCCRF
LRDGYKTPKEDPNRLYYEPAELKLFENIECEWPLFWTYFILDGVFSGNAEQVQEYKEALEAVLIKGKNGVPLLPELY
(SEP)VPPDRVDEEYQNPHTVDRVPMGKLPHMWGQSLYILGSLMAEGFLAPGEIDPLNRRFSTVPKPDVVVQVSILAETE
EIKTILKDKGIYVETIAEVYPIRVQPARIL(SEP)HIYSSLGCNNRMKLSGRPYRHMGVLGTSKLYDIRKTIFTFTPQFI
DQQQFYLALDNKMIVEMLRTDL(SEP)YLCSRWRMTGQPTITFPISHSMLDEDGTSLNSSILAALRKMQDGYFGGARVQT
GKLSEFLTTSCCTHLSFMDPGPEGKLY(SEP)EDYDDNYDYLESGNWMNDYDSTSHARCGDEVARYLDHLLAH(TPO)AP
HPKLAPTSQKGGLDRFQAAVQTTCDLM(SEP)LVTKAKELHVQNVHMYLPTKLFQA(SEP)RP(SEP)FNLLD(SEP)PH
PRQENQVP(SEP)VRVEIHLPRDQ(SEP)GEVDFKALVLQLKETSSLQEQADILYMLYTMKGPDWNTELYNERSATVREL
LTELYGKVGEIRHWGLIRYISGILRKKVEALDEACTDLLSHQKHL(TPO)VGLPPEPREKTISAPLPYEALTQLIDEASE
GDMSISILTQEIMVYLAMYMRTQPGLFAEMFRLRIGLIIQVMATELAHSLRCSAEEATEGLMNLSPSAMKNLLHHIL
(SEP)GKEFGVER(SEP)VRPTDSNV(SEP)PAI(SEP)IHEIGAVGA(TPO)KTER(TPO)GIMQLK(SEP)EIKQVEF
RRL(SEP)I(SEP)AE(SEP)Q(SEP)PGTSM(TPO)PSSGSFPSAYDQQSSKDSRQGQWQRRRRLDGALNRVPVGFYQK
VWKVLQKCHGLSVEGFVLPSSTTREMTPGEIKFSVHVESVLNRVPQPEYRQLLVEAILVLTMLADIEIHSIGSIIAVEKI
VHIANDLFLQEQKTLGADD(TPO)MLAKDPASGICTLLYDSAP(SEP)GRFGTMTYLSKAAATYVQEFLPH(SEP)ICAM
Q
;
A
2 'polypeptide(L)'
;MTRDEALPDSHSAQDFYENYEPKEILGRGVSSVVRRCIHKPTSQEYAVKVIDVTGGGSFSPEEVRELREATLKEVDILRK
VSGHPNIIQLKDTYETNTFFFLVFDLMKRGELFDYLTEKVTLSEKETRKIMRALLEVICTLHKLNIVHRDLKPENILLDD
NMNIKLTDFGFSCQLEPGERLREVCGTPSYLAPEIIECSMNEDHPGYGKEVDMWSTGVIMYTLLAGSPPFWHRKQMLMLR
MIMSGNYQFGSPEWDDYSDTVKDLVSRFLVVQPQNRYTAEEALAHPFFQQYLVEEVRHFSPRGKFKVIALTVLASVRIYY
QYRRVKPVTREIVIRDPYALRPLRRLIDAYAFRIYGHWVKKGQQQNRAALFENTPKAVLLSLAEEDY
;
C
3 'polypeptide(L)'
;DYKDDDDKSGPDEVDASGRMADQLTEEQIAEFKEAFSLFDKDGDGTITTKELGTVMRSLGQNPTEAELQDMINEVDADGN
GTIDFPEFLTMMARKMKDTDSEEEIREAFRVFDKDGNGYISAAELRHVMTNLGEKLTDEEVDEMIREADIDGDGQVNYEE
FVQMMTAK
;
D
#
loop_
_chem_comp.id
_chem_comp.type
_chem_comp.name
_chem_comp.formula
ATP non-polymer ADENOSINE-5'-TRIPHOSPHATE 'C10 H16 N5 O13 P3'
#
# COMPACT_ATOMS: atom_id res chain seq x y z
N SER A 5 37.70 40.09 -24.64
CA SER A 5 37.52 38.65 -24.50
C SER A 5 36.15 38.23 -25.02
N ASN A 6 36.09 37.01 -25.59
CA ASN A 6 34.82 36.50 -26.10
C ASN A 6 33.80 36.31 -24.99
N SER A 7 34.26 35.83 -23.83
CA SER A 7 33.35 35.67 -22.69
C SER A 7 32.76 37.01 -22.26
N GLY A 8 33.57 38.06 -22.27
CA GLY A 8 33.05 39.38 -21.96
C GLY A 8 31.99 39.84 -22.94
N VAL A 9 32.19 39.56 -24.23
CA VAL A 9 31.20 39.92 -25.24
C VAL A 9 29.91 39.16 -25.02
N ARG A 10 30.01 37.86 -24.73
CA ARG A 10 28.81 37.06 -24.46
C ARG A 10 28.08 37.57 -23.23
N LEU A 11 28.81 37.91 -22.17
CA LEU A 11 28.19 38.44 -20.96
C LEU A 11 27.52 39.77 -21.23
N ASP A 12 28.15 40.63 -22.03
CA ASP A 12 27.54 41.91 -22.38
C ASP A 12 26.26 41.70 -23.19
N GLY A 13 26.27 40.74 -24.12
CA GLY A 13 25.06 40.44 -24.86
C GLY A 13 23.94 39.92 -23.98
N TYR A 14 24.28 39.02 -23.04
CA TYR A 14 23.28 38.53 -22.10
C TYR A 14 22.73 39.65 -21.23
N ALA A 15 23.60 40.56 -20.79
CA ALA A 15 23.14 41.69 -19.98
C ALA A 15 22.22 42.60 -20.78
N ARG A 16 22.55 42.84 -22.05
CA ARG A 16 21.68 43.64 -22.90
C ARG A 16 20.32 42.96 -23.09
N LEU A 17 20.32 41.65 -23.30
CA LEU A 17 19.06 40.92 -23.43
C LEU A 17 18.22 41.03 -22.17
N VAL A 18 18.86 40.85 -21.00
CA VAL A 18 18.14 40.93 -19.74
C VAL A 18 17.57 42.33 -19.54
N GLN A 19 18.37 43.36 -19.81
CA GLN A 19 17.91 44.73 -19.64
C GLN A 19 16.75 45.04 -20.56
N GLN A 20 16.82 44.59 -21.82
CA GLN A 20 15.77 44.87 -22.78
C GLN A 20 14.51 44.05 -22.55
N THR A 21 14.61 42.91 -21.86
CA THR A 21 13.44 42.05 -21.66
C THR A 21 12.80 42.17 -20.29
N ILE A 22 13.56 42.00 -19.21
CA ILE A 22 12.98 41.92 -17.88
C ILE A 22 13.21 43.22 -17.11
N LEU A 23 14.46 43.68 -17.09
CA LEU A 23 14.82 44.87 -16.31
C LEU A 23 14.18 46.15 -16.82
N CYS A 24 13.60 46.14 -18.03
CA CYS A 24 12.94 47.32 -18.55
C CYS A 24 11.71 47.70 -17.71
N HIS A 25 11.10 46.74 -17.03
CA HIS A 25 9.91 46.96 -16.21
C HIS A 25 10.24 46.86 -14.72
N GLN A 26 11.39 47.42 -14.33
CA GLN A 26 11.85 47.32 -12.94
C GLN A 26 10.87 47.96 -11.97
N ASN A 27 10.17 49.03 -12.40
CA ASN A 27 9.21 49.74 -11.58
C ASN A 27 9.89 50.25 -10.30
N PRO A 28 10.70 51.31 -10.40
CA PRO A 28 11.46 51.77 -9.25
C PRO A 28 10.57 52.24 -8.10
N VAL A 29 11.23 52.64 -7.01
CA VAL A 29 10.62 53.04 -5.74
C VAL A 29 10.13 51.80 -5.01
N THR A 30 9.32 50.98 -5.68
CA THR A 30 8.83 49.72 -5.11
C THR A 30 9.68 48.53 -5.55
N GLY A 31 10.01 48.43 -6.83
CA GLY A 31 10.84 47.35 -7.33
C GLY A 31 10.11 46.09 -7.72
N LEU A 32 8.77 46.11 -7.77
CA LEU A 32 7.98 44.96 -8.16
C LEU A 32 7.52 45.14 -9.61
N LEU A 33 7.95 44.24 -10.49
CA LEU A 33 7.59 44.32 -11.89
C LEU A 33 6.15 43.89 -12.11
N PRO A 34 5.47 44.49 -13.09
CA PRO A 34 4.14 44.00 -13.47
C PRO A 34 4.23 42.63 -14.12
N ALA A 35 3.15 41.86 -14.00
CA ALA A 35 3.13 40.51 -14.55
C ALA A 35 2.77 40.51 -16.03
N SER A 36 3.51 41.30 -16.82
CA SER A 36 3.35 41.38 -18.27
C SER A 36 1.96 41.89 -18.68
N TYR A 37 1.80 42.17 -19.96
CA TYR A 37 0.53 42.64 -20.53
C TYR A 37 0.01 43.88 -19.83
N ASP A 38 -1.27 44.20 -20.03
CA ASP A 38 -1.90 45.34 -19.38
C ASP A 38 -2.62 44.90 -18.11
N GLN A 39 -1.85 44.29 -17.20
CA GLN A 39 -2.39 43.79 -15.94
C GLN A 39 -2.17 44.75 -14.78
N LYS A 40 -0.99 45.39 -14.72
CA LYS A 40 -0.63 46.33 -13.65
C LYS A 40 -0.75 45.68 -12.27
N ASP A 41 -0.45 44.39 -12.18
CA ASP A 41 -0.49 43.65 -10.94
C ASP A 41 0.79 42.83 -10.80
N ALA A 42 1.23 42.65 -9.56
CA ALA A 42 2.48 41.95 -9.27
C ALA A 42 2.18 40.63 -8.56
N TRP A 43 2.77 39.56 -9.07
CA TRP A 43 2.67 38.24 -8.45
C TRP A 43 3.98 37.92 -7.75
N VAL A 44 3.89 37.40 -6.52
CA VAL A 44 5.09 37.08 -5.76
C VAL A 44 5.90 35.99 -6.47
N ARG A 45 5.22 34.91 -6.87
CA ARG A 45 5.92 33.81 -7.53
C ARG A 45 6.52 34.25 -8.86
N ASP A 46 5.77 35.03 -9.64
CA ASP A 46 6.26 35.48 -10.94
C ASP A 46 7.50 36.35 -10.79
N ASN A 47 7.46 37.31 -9.85
CA ASN A 47 8.62 38.17 -9.63
C ASN A 47 9.82 37.38 -9.11
N VAL A 48 9.57 36.44 -8.20
CA VAL A 48 10.66 35.63 -7.65
C VAL A 48 11.32 34.81 -8.76
N TYR A 49 10.52 34.21 -9.64
CA TYR A 49 11.09 33.42 -10.72
C TYR A 49 11.76 34.30 -11.76
N SER A 50 11.26 35.53 -11.96
CA SER A 50 11.86 36.43 -12.92
C SER A 50 13.22 36.93 -12.46
N ILE A 51 13.36 37.22 -11.16
CA ILE A 51 14.62 37.74 -10.64
C ILE A 51 15.73 36.70 -10.62
N LEU A 52 15.42 35.44 -10.92
CA LEU A 52 16.45 34.41 -10.94
C LEU A 52 17.50 34.68 -12.02
N ALA A 53 17.05 35.11 -13.20
CA ALA A 53 18.00 35.42 -14.27
C ALA A 53 18.90 36.58 -13.89
N VAL A 54 18.34 37.62 -13.26
CA VAL A 54 19.14 38.75 -12.83
C VAL A 54 20.16 38.33 -11.78
N TRP A 55 19.72 37.49 -10.83
CA TRP A 55 20.64 37.02 -9.79
C TRP A 55 21.78 36.20 -10.39
N GLY A 56 21.45 35.31 -11.34
CA GLY A 56 22.49 34.53 -11.98
C GLY A 56 23.45 35.38 -12.78
N LEU A 57 22.92 36.40 -13.48
CA LEU A 57 23.77 37.31 -14.23
C LEU A 57 24.70 38.08 -13.31
N GLY A 58 24.18 38.54 -12.17
CA GLY A 58 25.03 39.22 -11.21
C GLY A 58 26.11 38.32 -10.63
N LEU A 59 25.74 37.07 -10.33
CA LEU A 59 26.75 36.12 -9.84
C LEU A 59 27.82 35.87 -10.89
N ALA A 60 27.44 35.76 -12.16
CA ALA A 60 28.42 35.57 -13.22
C ALA A 60 29.33 36.79 -13.35
N TYR A 61 28.76 37.99 -13.27
CA TYR A 61 29.55 39.20 -13.41
C TYR A 61 30.49 39.40 -12.23
N ARG A 62 30.09 38.94 -11.04
CA ARG A 62 30.92 39.14 -9.85
C ARG A 62 32.26 38.42 -9.96
N LYS A 63 32.30 37.30 -10.68
CA LYS A 63 33.55 36.55 -10.81
C LYS A 63 34.62 37.37 -11.52
N ASN A 64 34.25 38.09 -12.57
CA ASN A 64 35.18 38.94 -13.32
C ASN A 64 35.33 40.27 -12.60
N ALA A 65 36.08 40.24 -11.50
CA ALA A 65 36.30 41.41 -10.67
C ALA A 65 37.54 42.17 -11.18
N ASP A 66 38.04 43.10 -10.38
CA ASP A 66 39.25 43.90 -10.61
C ASP A 66 39.05 44.95 -11.71
N ARG A 67 37.81 45.23 -12.11
CA ARG A 67 37.52 46.29 -13.05
C ARG A 67 36.36 47.13 -12.54
N ASP A 68 36.42 48.44 -12.78
CA ASP A 68 35.38 49.33 -12.27
C ASP A 68 34.03 49.06 -12.91
N GLU A 69 34.01 48.84 -14.23
CA GLU A 69 32.75 48.67 -14.93
C GLU A 69 32.06 47.37 -14.52
N ASP A 70 32.82 46.27 -14.45
CA ASP A 70 32.24 44.99 -14.05
C ASP A 70 31.75 45.04 -12.61
N LYS A 71 32.53 45.67 -11.72
CA LYS A 71 32.10 45.81 -10.33
C LYS A 71 30.83 46.63 -10.24
N ALA A 72 30.75 47.72 -11.00
CA ALA A 72 29.54 48.55 -10.98
C ALA A 72 28.33 47.78 -11.49
N LYS A 73 28.49 47.02 -12.57
CA LYS A 73 27.37 46.24 -13.10
C LYS A 73 26.91 45.18 -12.10
N ALA A 74 27.86 44.48 -11.48
CA ALA A 74 27.50 43.46 -10.49
C ALA A 74 26.80 44.10 -9.30
N TYR A 75 27.32 45.23 -8.82
CA TYR A 75 26.69 45.91 -7.70
C TYR A 75 25.28 46.37 -8.05
N GLU A 76 25.08 46.88 -9.26
CA GLU A 76 23.75 47.29 -9.69
C GLU A 76 22.79 46.11 -9.73
N LEU A 77 23.25 44.96 -10.25
CA LEU A 77 22.38 43.79 -10.32
C LEU A 77 22.01 43.30 -8.91
N GLU A 78 22.99 43.23 -8.01
CA GLU A 78 22.71 42.81 -6.65
C GLU A 78 21.78 43.80 -5.95
N GLN A 79 21.97 45.10 -6.20
CA GLN A 79 21.09 46.10 -5.60
C GLN A 79 19.67 45.97 -6.12
N SER A 80 19.50 45.68 -7.41
CA SER A 80 18.17 45.46 -7.95
C SER A 80 17.51 44.24 -7.31
N VAL A 81 18.27 43.15 -7.15
CA VAL A 81 17.72 41.95 -6.51
C VAL A 81 17.32 42.24 -5.08
N VAL A 82 18.17 42.97 -4.34
CA VAL A 82 17.89 43.31 -2.96
C VAL A 82 16.66 44.22 -2.88
N LYS A 83 16.53 45.15 -3.81
CA LYS A 83 15.36 46.04 -3.83
C LYS A 83 14.08 45.25 -4.06
N LEU A 84 14.11 44.30 -4.99
CA LEU A 84 12.94 43.45 -5.20
C LEU A 84 12.60 42.64 -3.95
N MET A 85 13.62 42.08 -3.30
CA MET A 85 13.38 41.30 -2.09
C MET A 85 12.80 42.16 -0.98
N ARG A 86 13.32 43.38 -0.81
CA ARG A 86 12.80 44.27 0.22
C ARG A 86 11.38 44.71 -0.10
N GLY A 87 11.06 44.95 -1.37
CA GLY A 87 9.69 45.29 -1.74
C GLY A 87 8.74 44.16 -1.42
N LEU A 88 9.11 42.93 -1.76
CA LEU A 88 8.27 41.78 -1.43
C LEU A 88 8.13 41.62 0.08
N LEU A 89 9.22 41.80 0.81
CA LEU A 89 9.17 41.69 2.27
C LEU A 89 8.23 42.73 2.87
N HIS A 90 8.29 43.97 2.38
CA HIS A 90 7.38 45.01 2.85
C HIS A 90 5.94 44.67 2.51
N CYS A 91 5.71 44.12 1.32
CA CYS A 91 4.35 43.73 0.94
C CYS A 91 3.81 42.66 1.89
N MET A 92 4.64 41.67 2.25
CA MET A 92 4.21 40.68 3.23
C MET A 92 4.01 41.30 4.61
N ILE A 93 4.88 42.23 4.99
CA ILE A 93 4.78 42.88 6.30
C ILE A 93 3.47 43.66 6.41
N ARG A 94 2.97 44.18 5.29
CA ARG A 94 1.71 44.93 5.34
C ARG A 94 0.52 44.07 5.74
N GLN A 95 0.65 42.76 5.76
CA GLN A 95 -0.41 41.85 6.18
C GLN A 95 -0.02 41.06 7.43
N VAL A 96 0.59 41.76 8.39
CA VAL A 96 1.01 41.12 9.65
C VAL A 96 -0.22 40.60 10.40
N ASP A 97 -1.31 41.37 10.40
CA ASP A 97 -2.51 40.94 11.09
C ASP A 97 -3.06 39.64 10.50
N LYS A 98 -3.11 39.55 9.17
CA LYS A 98 -3.57 38.31 8.54
C LYS A 98 -2.63 37.16 8.83
N VAL A 99 -1.31 37.42 8.79
CA VAL A 99 -0.33 36.37 9.06
C VAL A 99 -0.51 35.82 10.47
N GLU A 100 -0.74 36.71 11.44
CA GLU A 100 -0.95 36.32 12.82
C GLU A 100 -2.27 35.56 12.98
N SEP A 101 -3.31 35.82 12.30
CA SEP A 101 -4.48 35.05 12.64
CB SEP A 101 -5.71 35.77 12.27
OG SEP A 101 -5.90 36.70 13.32
C SEP A 101 -4.57 33.83 11.89
O SEP A 101 -5.28 32.92 12.28
P SEP A 101 -5.95 38.25 12.95
O1P SEP A 101 -7.25 38.74 13.53
O2P SEP A 101 -4.74 38.84 13.62
O3P SEP A 101 -5.93 38.21 11.44
N PHE A 102 -3.91 33.77 10.77
CA PHE A 102 -3.94 32.49 10.08
C PHE A 102 -3.42 31.39 11.00
N LYS A 103 -2.48 31.74 11.88
CA LYS A 103 -1.81 30.75 12.73
C LYS A 103 -2.81 29.96 13.57
N TYR A 104 -3.87 30.61 14.02
CA TYR A 104 -4.94 29.91 14.73
C TYR A 104 -6.17 29.77 13.84
N SEP A 105 -6.68 28.54 13.76
CA SEP A 105 -7.80 28.21 12.87
CB SEP A 105 -9.08 28.92 13.31
OG SEP A 105 -9.48 28.50 14.60
C SEP A 105 -7.46 28.55 11.42
O SEP A 105 -7.87 29.60 10.91
P SEP A 105 -10.71 29.40 15.11
O1P SEP A 105 -11.79 29.55 13.94
O2P SEP A 105 -11.40 28.70 16.39
O3P SEP A 105 -10.17 30.86 15.53
N GLN A 106 -6.73 27.66 10.77
CA GLN A 106 -6.30 27.87 9.39
C GLN A 106 -7.50 27.88 8.42
N SEP A 107 -7.68 29.01 7.74
CA SEP A 107 -8.79 29.15 6.80
CB SEP A 107 -9.97 29.86 7.47
OG SEP A 107 -11.09 29.92 6.61
C SEP A 107 -8.36 29.91 5.55
O SEP A 107 -7.27 30.48 5.51
P SEP A 107 -12.37 30.49 7.39
O1P SEP A 107 -12.06 32.00 7.87
O2P SEP A 107 -13.65 30.48 6.42
O3P SEP A 107 -12.65 29.58 8.68
N THR A 108 -9.22 29.91 4.54
CA THR A 108 -8.92 30.57 3.27
C THR A 108 -9.04 32.08 3.37
N LYS A 109 -9.81 32.54 4.36
CA LYS A 109 -10.07 33.96 4.56
C LYS A 109 -9.08 34.61 5.51
N ASP A 110 -8.08 33.87 5.99
CA ASP A 110 -7.15 34.41 6.99
C ASP A 110 -5.74 34.57 6.44
N SEP A 111 -5.49 34.05 5.25
CA SEP A 111 -4.17 34.13 4.64
CB SEP A 111 -3.96 32.96 3.67
C SEP A 111 -3.96 35.45 3.91
O SEP A 111 -4.92 36.14 3.55
N LEU A 112 -2.70 35.80 3.68
CA LEU A 112 -2.36 37.02 2.96
C LEU A 112 -2.74 36.90 1.49
N HIS A 113 -3.05 38.03 0.87
CA HIS A 113 -3.45 38.03 -0.52
C HIS A 113 -2.27 37.70 -1.42
N ALA A 114 -2.50 36.77 -2.36
CA ALA A 114 -1.46 36.40 -3.31
C ALA A 114 -1.22 37.49 -4.35
N LYS A 115 -2.26 38.25 -4.69
CA LYS A 115 -2.14 39.33 -5.67
C LYS A 115 -1.77 40.62 -4.94
N TYR A 116 -0.58 41.13 -5.23
CA TYR A 116 -0.10 42.37 -4.65
C TYR A 116 0.01 43.44 -5.74
N ASN A 117 -0.43 44.65 -5.41
CA ASN A 117 -0.52 45.70 -6.41
C ASN A 117 0.87 46.27 -6.70
N THR A 118 0.88 47.29 -7.56
CA THR A 118 2.09 48.02 -7.94
C THR A 118 2.48 49.01 -6.86
N LYS A 119 3.32 49.99 -7.22
CA LYS A 119 3.86 50.98 -6.31
C LYS A 119 2.79 51.54 -5.37
N THR A 120 3.24 51.94 -4.18
CA THR A 120 2.49 52.26 -2.96
C THR A 120 2.08 51.01 -2.20
N CYS A 121 2.35 49.81 -2.74
CA CYS A 121 2.25 48.54 -2.03
C CYS A 121 0.94 48.41 -1.25
N ALA A 122 -0.16 48.40 -2.00
CA ALA A 122 -1.49 48.27 -1.43
C ALA A 122 -2.15 46.99 -1.94
N THR A 123 -3.33 46.71 -1.42
CA THR A 123 -4.11 45.58 -1.88
C THR A 123 -4.92 45.96 -3.12
N VAL A 124 -4.96 45.06 -4.10
CA VAL A 124 -5.62 45.33 -5.37
C VAL A 124 -6.99 44.66 -5.47
N VAL A 125 -7.21 43.54 -4.79
CA VAL A 125 -8.48 42.82 -4.85
C VAL A 125 -8.95 42.51 -3.44
N GLY A 126 -10.23 42.17 -3.34
CA GLY A 126 -10.85 41.88 -2.06
C GLY A 126 -10.48 40.50 -1.54
N ASP A 127 -11.03 40.19 -0.36
CA ASP A 127 -10.73 38.93 0.31
C ASP A 127 -11.61 37.78 -0.18
N ASP A 128 -12.57 38.04 -1.07
CA ASP A 128 -13.45 36.99 -1.58
C ASP A 128 -13.57 36.99 -3.09
N GLN A 129 -12.92 37.91 -3.80
CA GLN A 129 -12.95 37.95 -5.26
C GLN A 129 -11.79 37.18 -5.89
N TRP A 130 -10.95 36.54 -5.08
CA TRP A 130 -9.80 35.80 -5.60
C TRP A 130 -9.41 34.76 -4.57
N GLY A 131 -8.62 33.78 -5.00
CA GLY A 131 -8.14 32.76 -4.10
C GLY A 131 -6.86 33.18 -3.41
N HIS A 132 -6.98 33.68 -2.19
CA HIS A 132 -5.83 34.20 -1.44
C HIS A 132 -5.26 33.14 -0.50
N LEU A 133 -4.88 32.00 -1.10
CA LEU A 133 -4.26 30.91 -0.34
C LEU A 133 -3.31 30.18 -1.30
N GLN A 134 -2.03 30.57 -1.26
CA GLN A 134 -1.00 29.95 -2.10
C GLN A 134 0.27 29.86 -1.25
N LEU A 135 0.45 28.72 -0.58
CA LEU A 135 1.64 28.51 0.24
C LEU A 135 2.89 28.30 -0.62
N ASP A 136 2.72 27.93 -1.88
CA ASP A 136 3.87 27.72 -2.76
C ASP A 136 4.66 29.00 -2.96
N ALA A 137 3.96 30.12 -3.15
CA ALA A 137 4.64 31.39 -3.36
C ALA A 137 5.46 31.78 -2.13
N THR A 138 4.87 31.65 -0.94
CA THR A 138 5.60 31.97 0.28
C THR A 138 6.79 31.03 0.46
N SER A 139 6.60 29.74 0.18
CA SER A 139 7.68 28.78 0.34
C SER A 139 8.83 29.08 -0.61
N VAL A 140 8.54 29.39 -1.88
CA VAL A 140 9.60 29.68 -2.83
C VAL A 140 10.29 30.99 -2.50
N TYR A 141 9.53 31.99 -2.03
CA TYR A 141 10.14 33.26 -1.63
C TYR A 141 11.10 33.05 -0.46
N LEU A 142 10.67 32.30 0.55
CA LEU A 142 11.54 32.05 1.70
C LEU A 142 12.77 31.24 1.29
N LEU A 143 12.58 30.23 0.44
CA LEU A 143 13.70 29.41 -0.01
C LEU A 143 14.73 30.25 -0.75
N PHE A 144 14.28 31.07 -1.70
CA PHE A 144 15.23 31.87 -2.48
C PHE A 144 15.85 32.97 -1.62
N LEU A 145 15.11 33.50 -0.65
CA LEU A 145 15.70 34.44 0.29
C LEU A 145 16.84 33.78 1.06
N ALA A 146 16.62 32.55 1.53
CA ALA A 146 17.67 31.82 2.23
C ALA A 146 18.85 31.56 1.31
N GLN A 147 18.59 31.19 0.05
CA GLN A 147 19.68 30.92 -0.89
C GLN A 147 20.53 32.16 -1.14
N MET A 148 19.88 33.31 -1.35
CA MET A 148 20.64 34.54 -1.58
C MET A 148 21.36 35.00 -0.31
N THR A 149 20.76 34.77 0.87
CA THR A 149 21.44 35.09 2.10
C THR A 149 22.70 34.24 2.27
N ALA A 150 22.62 32.96 1.95
CA ALA A 150 23.80 32.10 2.00
C ALA A 150 24.81 32.49 0.94
N SER A 151 24.35 33.00 -0.20
CA SER A 151 25.26 33.44 -1.25
C SER A 151 26.13 34.59 -0.77
N GLY A 152 25.55 35.54 -0.05
CA GLY A 152 26.29 36.68 0.46
C GLY A 152 25.52 37.97 0.44
N LEU A 153 24.39 37.99 -0.26
CA LEU A 153 23.57 39.20 -0.32
C LEU A 153 22.92 39.48 1.02
N HIS A 154 22.80 40.77 1.35
CA HIS A 154 22.17 41.21 2.58
C HIS A 154 20.77 41.72 2.31
N ILE A 155 19.78 41.16 3.00
CA ILE A 155 18.39 41.53 2.79
C ILE A 155 17.75 41.94 4.11
N ILE A 156 17.85 41.07 5.11
CA ILE A 156 17.27 41.36 6.42
C ILE A 156 18.07 42.48 7.09
N HIS A 157 17.36 43.48 7.60
CA HIS A 157 17.98 44.67 8.17
C HIS A 157 17.63 44.92 9.64
N SER A 158 16.65 44.21 10.20
CA SER A 158 16.23 44.48 11.57
C SER A 158 15.73 43.20 12.22
N LEU A 159 15.71 43.21 13.55
CA LEU A 159 15.23 42.04 14.30
C LEU A 159 13.73 41.85 14.12
N ASP A 160 12.98 42.93 13.87
CA ASP A 160 11.56 42.80 13.58
C ASP A 160 11.34 41.99 12.31
N GLU A 161 12.18 42.20 11.30
CA GLU A 161 12.11 41.39 10.09
C GLU A 161 12.40 39.92 10.40
N VAL A 162 13.34 39.65 11.29
CA VAL A 162 13.64 38.28 11.69
C VAL A 162 12.43 37.65 12.37
N ASN A 163 11.78 38.40 13.25
CA ASN A 163 10.58 37.88 13.93
C ASN A 163 9.47 37.62 12.92
N PHE A 164 9.29 38.52 11.95
CA PHE A 164 8.28 38.32 10.92
C PHE A 164 8.58 37.10 10.06
N ILE A 165 9.86 36.87 9.74
CA ILE A 165 10.24 35.69 8.97
C ILE A 165 9.98 34.43 9.76
N GLN A 166 10.26 34.45 11.06
CA GLN A 166 9.96 33.31 11.92
C GLN A 166 8.45 33.05 11.96
N ASN A 167 7.65 34.11 12.05
CA ASN A 167 6.20 33.94 12.03
C ASN A 167 5.72 33.37 10.71
N LEU A 168 6.31 33.81 9.59
CA LEU A 168 5.96 33.27 8.29
C LEU A 168 6.32 31.80 8.18
N VAL A 169 7.47 31.42 8.73
CA VAL A 169 7.87 30.01 8.74
C VAL A 169 6.88 29.19 9.56
N PHE A 170 6.45 29.72 10.70
CA PHE A 170 5.43 29.05 11.51
C PHE A 170 4.12 28.92 10.74
N TYR A 171 3.76 29.96 9.99
CA TYR A 171 2.52 29.94 9.23
C TYR A 171 2.57 28.92 8.10
N ILE A 172 3.72 28.78 7.43
CA ILE A 172 3.85 27.82 6.34
C ILE A 172 4.14 26.40 6.81
N GLU A 173 4.54 26.21 8.06
CA GLU A 173 4.84 24.88 8.56
C GLU A 173 3.62 23.97 8.61
N ALA A 174 2.40 24.52 8.57
CA ALA A 174 1.18 23.73 8.59
C ALA A 174 0.65 23.44 7.19
N ALA A 175 1.53 23.36 6.20
CA ALA A 175 1.12 23.12 4.83
C ALA A 175 0.75 21.67 4.54
N TYR A 176 1.17 20.73 5.39
CA TYR A 176 0.94 19.32 5.13
C TYR A 176 -0.46 18.84 5.50
N LYS A 177 -1.26 19.69 6.16
CA LYS A 177 -2.60 19.28 6.57
C LYS A 177 -3.64 20.36 6.26
N THR A 178 -3.41 21.13 5.20
CA THR A 178 -4.34 22.17 4.78
C THR A 178 -4.52 22.12 3.27
N ALA A 179 -5.67 22.62 2.81
CA ALA A 179 -6.01 22.63 1.39
C ALA A 179 -5.89 24.04 0.85
N ASP A 180 -5.21 24.19 -0.28
CA ASP A 180 -4.99 25.48 -0.91
C ASP A 180 -5.42 25.41 -2.38
N PHE A 181 -5.39 26.56 -3.04
CA PHE A 181 -5.80 26.65 -4.43
C PHE A 181 -4.72 26.20 -5.41
N GLY A 182 -3.49 26.00 -4.95
CA GLY A 182 -2.43 25.52 -5.80
C GLY A 182 -1.78 26.60 -6.64
N ILE A 183 -0.91 26.16 -7.54
CA ILE A 183 -0.17 27.08 -8.39
C ILE A 183 -1.11 27.79 -9.36
N TRP A 184 -2.05 27.05 -9.95
CA TRP A 184 -2.95 27.61 -10.95
C TRP A 184 -4.06 28.45 -10.34
N GLU A 185 -4.16 28.50 -9.02
CA GLU A 185 -5.19 29.28 -8.32
C GLU A 185 -6.60 28.87 -8.75
N ARG A 186 -6.79 27.58 -9.04
CA ARG A 186 -8.09 27.09 -9.48
C ARG A 186 -8.49 25.80 -8.77
N GLY A 187 -7.73 25.38 -7.76
CA GLY A 187 -8.06 24.13 -7.07
C GLY A 187 -7.95 22.94 -7.99
N ASP A 188 -9.00 22.13 -8.03
CA ASP A 188 -9.04 20.95 -8.88
C ASP A 188 -9.39 21.37 -10.31
N LYS A 189 -9.73 20.39 -11.15
CA LYS A 189 -10.05 20.68 -12.55
C LYS A 189 -11.25 21.61 -12.67
N THR A 190 -12.29 21.36 -11.87
CA THR A 190 -13.44 22.26 -11.81
C THR A 190 -13.25 23.21 -10.64
N ASN A 191 -13.33 24.52 -10.90
CA ASN A 191 -13.11 25.51 -9.86
C ASN A 191 -14.15 25.37 -8.75
N GLN A 192 -15.41 25.68 -9.06
CA GLN A 192 -16.55 25.51 -8.17
C GLN A 192 -16.30 26.06 -6.76
N GLY A 193 -15.35 26.99 -6.63
CA GLY A 193 -14.99 27.51 -5.32
C GLY A 193 -14.49 26.45 -4.36
N ILE A 194 -13.66 25.53 -4.85
CA ILE A 194 -13.14 24.44 -4.03
C ILE A 194 -11.61 24.45 -4.11
N SER A 195 -11.00 23.92 -3.06
CA SER A 195 -9.55 23.78 -2.97
C SER A 195 -9.19 22.39 -2.47
N GLU A 196 -7.99 21.94 -2.82
CA GLU A 196 -7.54 20.61 -2.43
C GLU A 196 -6.04 20.61 -2.24
N LEU A 197 -5.54 19.59 -1.54
CA LEU A 197 -4.12 19.49 -1.28
C LEU A 197 -3.34 19.29 -2.58
N ASN A 198 -2.15 19.88 -2.63
CA ASN A 198 -1.27 19.78 -3.79
C ASN A 198 0.11 19.34 -3.35
N ALA A 199 0.73 18.47 -4.15
CA ALA A 199 2.05 17.95 -3.81
C ALA A 199 3.12 19.03 -3.89
N SER A 200 3.01 19.93 -4.87
CA SER A 200 3.99 20.98 -5.06
C SER A 200 4.07 21.89 -3.84
N SEP A 201 2.91 22.22 -3.29
CA SEP A 201 2.83 23.09 -2.12
CB SEP A 201 1.37 23.32 -1.71
C SEP A 201 3.62 22.53 -0.94
O SEP A 201 4.50 23.19 -0.39
N VAL A 202 3.29 21.29 -0.55
CA VAL A 202 3.94 20.68 0.60
C VAL A 202 5.41 20.42 0.32
N GLY A 203 5.75 20.07 -0.92
CA GLY A 203 7.15 19.85 -1.25
C GLY A 203 7.98 21.12 -1.12
N MET A 204 7.48 22.22 -1.67
CA MET A 204 8.21 23.48 -1.57
C MET A 204 8.25 24.00 -0.14
N ALA A 205 7.18 23.76 0.63
CA ALA A 205 7.19 24.14 2.04
C ALA A 205 8.25 23.36 2.80
N LYS A 206 8.35 22.05 2.55
CA LYS A 206 9.38 21.25 3.20
C LYS A 206 10.77 21.71 2.79
N ALA A 207 10.97 22.03 1.51
CA ALA A 207 12.27 22.51 1.06
C ALA A 207 12.63 23.84 1.72
N ALA A 208 11.66 24.74 1.83
CA ALA A 208 11.91 26.02 2.50
C ALA A 208 12.24 25.83 3.96
N LEU A 209 11.55 24.91 4.64
CA LEU A 209 11.86 24.62 6.04
C LEU A 209 13.26 24.03 6.17
N GLU A 210 13.66 23.15 5.24
CA GLU A 210 15.00 22.59 5.28
C GLU A 210 16.06 23.66 5.05
N ALA A 211 15.81 24.58 4.12
CA ALA A 211 16.80 25.61 3.80
C ALA A 211 17.03 26.54 4.99
N LEU A 212 15.96 26.90 5.71
CA LEU A 212 16.05 27.82 6.84
C LEU A 212 16.16 27.09 8.18
N ASP A 213 16.79 25.91 8.20
CA ASP A 213 16.90 25.16 9.45
C ASP A 213 17.73 25.92 10.48
N GLU A 214 18.92 26.37 10.10
CA GLU A 214 19.78 27.13 11.02
C GLU A 214 20.47 28.28 10.31
N LEU A 215 19.83 28.85 9.28
CA LEU A 215 20.45 29.92 8.51
C LEU A 215 20.56 31.19 9.34
N ASP A 216 21.65 31.92 9.14
CA ASP A 216 21.88 33.21 9.78
C ASP A 216 21.55 34.30 8.76
N LEU A 217 20.46 35.04 9.02
CA LEU A 217 20.00 36.06 8.09
C LEU A 217 20.94 37.26 7.99
N PHE A 218 21.81 37.46 8.99
CA PHE A 218 22.72 38.60 9.00
C PHE A 218 24.09 38.24 8.42
N GLY A 219 24.27 37.04 7.90
CA GLY A 219 25.53 36.66 7.31
C GLY A 219 26.56 36.25 8.34
N VAL A 220 27.83 36.38 7.95
CA VAL A 220 28.93 36.00 8.83
C VAL A 220 28.99 36.88 10.06
N LYS A 221 28.50 38.12 9.97
CA LYS A 221 28.53 39.04 11.09
C LYS A 221 27.35 38.85 12.04
N GLY A 222 26.45 37.93 11.75
CA GLY A 222 25.30 37.73 12.62
C GLY A 222 25.67 37.05 13.92
N GLY A 223 24.80 37.22 14.91
CA GLY A 223 24.99 36.64 16.21
C GLY A 223 23.97 35.55 16.50
N PRO A 224 24.00 35.02 17.73
CA PRO A 224 23.03 33.98 18.11
C PRO A 224 21.59 34.45 18.12
N GLN A 225 21.35 35.76 18.18
CA GLN A 225 20.00 36.29 18.26
C GLN A 225 19.33 36.39 16.89
N SER A 226 20.07 36.18 15.80
CA SER A 226 19.50 36.34 14.46
C SER A 226 19.53 35.04 13.68
N VAL A 227 19.12 33.94 14.31
CA VAL A 227 19.08 32.63 13.68
C VAL A 227 17.63 32.13 13.71
N ILE A 228 17.22 31.47 12.64
CA ILE A 228 15.87 30.94 12.52
C ILE A 228 15.89 29.46 12.92
N HIS A 229 14.97 29.08 13.81
CA HIS A 229 14.87 27.71 14.28
C HIS A 229 13.65 27.04 13.66
N VAL A 230 13.86 25.87 13.07
CA VAL A 230 12.81 25.11 12.38
C VAL A 230 12.81 23.69 12.93
N LEU A 231 11.62 23.21 13.29
CA LEU A 231 11.49 21.84 13.77
C LEU A 231 11.73 20.84 12.65
N ALA A 232 12.18 19.64 13.03
CA ALA A 232 12.41 18.57 12.07
C ALA A 232 11.21 17.66 11.90
N ASP A 233 10.27 17.66 12.85
CA ASP A 233 9.09 16.81 12.73
C ASP A 233 8.24 17.21 11.54
N GLU A 234 8.05 18.51 11.32
CA GLU A 234 7.25 18.97 10.20
C GLU A 234 7.87 18.57 8.87
N VAL A 235 9.20 18.67 8.76
CA VAL A 235 9.88 18.31 7.52
C VAL A 235 9.69 16.83 7.22
N GLN A 236 9.86 15.98 8.23
CA GLN A 236 9.70 14.54 8.03
C GLN A 236 8.24 14.19 7.70
N HIS A 237 7.29 14.86 8.35
CA HIS A 237 5.88 14.63 8.04
C HIS A 237 5.57 15.02 6.59
N CYS A 238 6.11 16.16 6.14
CA CYS A 238 5.91 16.57 4.76
C CYS A 238 6.55 15.58 3.79
N GLN A 239 7.74 15.08 4.14
CA GLN A 239 8.43 14.09 3.31
C GLN A 239 7.60 12.82 3.17
N SEP A 240 7.08 12.33 4.29
CA SEP A 240 6.25 11.12 4.30
CB SEP A 240 5.92 10.71 5.72
C SEP A 240 4.97 11.35 3.49
O SEP A 240 4.52 10.46 2.76
N ILE A 241 4.38 12.54 3.64
CA ILE A 241 3.18 12.90 2.92
C ILE A 241 3.44 12.86 1.42
N LEU A 242 4.54 13.49 1.01
CA LEU A 242 4.90 13.52 -0.41
C LEU A 242 5.18 12.12 -0.94
N ASN A 243 5.89 11.30 -0.16
CA ASN A 243 6.19 9.94 -0.59
C ASN A 243 4.91 9.13 -0.76
N SER A 244 3.94 9.32 0.14
CA SER A 244 2.68 8.60 0.07
C SER A 244 1.66 9.27 -0.86
N LEU A 245 1.99 10.41 -1.46
CA LEU A 245 1.04 11.14 -2.29
C LEU A 245 1.63 11.50 -3.65
N LEU A 246 2.80 10.94 -4.00
CA LEU A 246 3.36 11.26 -5.31
C LEU A 246 3.50 10.05 -6.24
N PRO A 247 2.43 9.28 -6.50
CA PRO A 247 2.37 8.52 -7.75
C PRO A 247 1.56 9.23 -8.82
N ARG A 248 0.90 10.34 -8.47
CA ARG A 248 0.09 11.13 -9.37
C ARG A 248 0.27 12.60 -8.98
N ALA A 249 -0.62 13.46 -9.49
CA ALA A 249 -0.54 14.88 -9.15
C ALA A 249 -1.15 15.16 -7.78
N SER A 250 -2.44 14.87 -7.63
CA SER A 250 -3.15 15.11 -6.37
C SER A 250 -4.28 14.09 -6.27
N THR A 251 -5.21 14.34 -5.34
CA THR A 251 -6.35 13.45 -5.16
C THR A 251 -7.29 13.45 -6.35
N SER A 252 -7.35 14.55 -7.11
CA SER A 252 -8.25 14.65 -8.26
C SER A 252 -7.53 14.67 -9.59
N LYS A 253 -6.29 15.15 -9.65
CA LYS A 253 -5.53 15.23 -10.89
C LYS A 253 -4.63 14.00 -11.00
N GLU A 254 -4.71 13.32 -12.14
CA GLU A 254 -3.88 12.14 -12.35
C GLU A 254 -2.43 12.50 -12.65
N VAL A 255 -2.19 13.68 -13.22
CA VAL A 255 -0.84 14.13 -13.54
C VAL A 255 -0.86 15.64 -13.70
N ASP A 256 0.21 16.28 -13.24
CA ASP A 256 0.37 17.72 -13.36
C ASP A 256 1.79 18.03 -13.83
N ALA A 257 1.91 18.97 -14.75
CA ALA A 257 3.23 19.38 -15.24
C ALA A 257 4.01 20.20 -14.22
N SER A 258 3.35 20.68 -13.16
CA SER A 258 4.05 21.41 -12.12
C SER A 258 4.85 20.48 -11.21
N LEU A 259 4.68 19.16 -11.35
CA LEU A 259 5.43 18.22 -10.54
C LEU A 259 6.93 18.28 -10.83
N LEU A 260 7.32 18.84 -11.98
CA LEU A 260 8.73 19.02 -12.27
C LEU A 260 9.38 19.98 -11.27
N SER A 261 8.66 21.00 -10.83
CA SER A 261 9.19 21.97 -9.88
C SER A 261 9.51 21.37 -8.52
N VAL A 262 9.25 20.08 -8.32
CA VAL A 262 9.53 19.40 -7.07
C VAL A 262 10.69 18.43 -7.27
N VAL A 263 10.83 17.92 -8.49
CA VAL A 263 11.79 16.86 -8.78
C VAL A 263 12.87 17.35 -9.74
N SER A 264 13.21 18.62 -9.67
CA SER A 264 14.19 19.22 -10.56
C SER A 264 14.94 20.31 -9.80
N PHE A 265 15.59 21.21 -10.53
CA PHE A 265 16.39 22.29 -9.94
C PHE A 265 15.64 23.10 -8.88
N PRO A 266 14.39 23.53 -9.09
CA PRO A 266 13.74 24.35 -8.05
C PRO A 266 13.42 23.52 -6.81
N ALA A 267 14.12 23.82 -5.72
CA ALA A 267 13.91 23.37 -4.35
C ALA A 267 14.36 21.92 -4.11
N PHE A 268 14.62 21.14 -5.15
CA PHE A 268 15.13 19.76 -5.03
C PHE A 268 14.48 18.97 -3.89
N ALA A 269 13.17 19.10 -3.73
CA ALA A 269 12.47 18.51 -2.58
C ALA A 269 11.90 17.15 -2.95
N VAL A 270 12.81 16.19 -3.15
CA VAL A 270 12.43 14.83 -3.49
C VAL A 270 13.58 13.87 -3.25
N GLU A 271 13.26 12.63 -2.90
CA GLU A 271 14.26 11.58 -2.78
C GLU A 271 13.84 10.38 -3.63
N ASP A 272 14.57 9.28 -3.54
CA ASP A 272 14.26 8.04 -4.26
C ASP A 272 14.22 8.31 -5.77
N SER A 273 15.41 8.61 -6.30
CA SER A 273 15.61 9.00 -7.70
C SER A 273 14.85 8.10 -8.68
N GLN A 274 14.62 6.84 -8.32
CA GLN A 274 13.79 5.99 -9.15
C GLN A 274 12.38 6.55 -9.29
N LEU A 275 11.80 7.04 -8.20
CA LEU A 275 10.49 7.67 -8.27
C LEU A 275 10.55 8.94 -9.12
N VAL A 276 11.65 9.68 -9.05
CA VAL A 276 11.79 10.89 -9.85
C VAL A 276 11.77 10.53 -11.33
N GLU A 277 12.55 9.52 -11.73
CA GLU A 277 12.56 9.09 -13.12
C GLU A 277 11.20 8.57 -13.55
N LEU A 278 10.53 7.82 -12.67
CA LEU A 278 9.21 7.29 -13.00
C LEU A 278 8.22 8.41 -13.26
N THR A 279 8.19 9.41 -12.38
CA THR A 279 7.26 10.53 -12.52
C THR A 279 7.59 11.34 -13.77
N LYS A 280 8.87 11.55 -14.06
CA LYS A 280 9.25 12.25 -15.28
C LYS A 280 8.81 11.48 -16.51
N GLN A 281 8.93 10.15 -16.48
CA GLN A 281 8.48 9.34 -17.60
C GLN A 281 6.98 9.46 -17.83
N GLU A 282 6.18 9.40 -16.77
CA GLU A 282 4.74 9.58 -16.95
C GLU A 282 4.40 10.99 -17.42
N ILE A 283 5.11 12.00 -16.91
CA ILE A 283 4.85 13.38 -17.35
C ILE A 283 5.13 13.51 -18.84
N ILE A 284 6.26 12.96 -19.30
CA ILE A 284 6.59 13.01 -20.72
C ILE A 284 5.56 12.26 -21.54
N THR A 285 5.13 11.08 -21.08
CA THR A 285 4.18 10.28 -21.84
C THR A 285 2.82 10.95 -21.95
N LYS A 286 2.37 11.60 -20.88
CA LYS A 286 1.00 12.09 -20.82
C LYS A 286 0.85 13.58 -21.12
N LEU A 287 1.96 14.33 -21.24
CA LEU A 287 1.86 15.77 -21.42
C LEU A 287 2.70 16.34 -22.55
N GLN A 288 3.74 15.65 -23.01
CA GLN A 288 4.63 16.23 -24.02
C GLN A 288 3.89 16.43 -25.34
N GLY A 289 4.17 17.56 -25.99
CA GLY A 289 3.58 17.88 -27.26
C GLY A 289 4.57 18.49 -28.24
N ARG A 290 4.07 19.04 -29.35
CA ARG A 290 4.94 19.62 -30.36
C ARG A 290 5.42 21.03 -30.01
N TYR A 291 4.77 21.70 -29.07
CA TYR A 291 5.15 23.05 -28.67
C TYR A 291 5.17 23.17 -27.15
N GLY A 292 5.72 22.17 -26.48
CA GLY A 292 5.77 22.15 -25.03
C GLY A 292 4.87 21.08 -24.45
N CYS A 293 4.68 21.17 -23.13
CA CYS A 293 3.85 20.24 -22.39
C CYS A 293 2.60 20.93 -21.88
N CYS A 294 1.51 20.17 -21.81
CA CYS A 294 0.27 20.71 -21.25
C CYS A 294 0.36 20.80 -19.74
N ARG A 295 -0.40 21.74 -19.16
CA ARG A 295 -0.40 21.91 -17.72
C ARG A 295 -0.92 20.66 -17.02
N PHE A 296 -2.10 20.19 -17.41
CA PHE A 296 -2.69 18.96 -16.89
C PHE A 296 -3.85 18.59 -17.78
N LEU A 297 -4.30 17.34 -17.65
CA LEU A 297 -5.39 16.83 -18.46
C LEU A 297 -6.70 17.53 -18.10
N ARG A 298 -7.53 17.75 -19.12
CA ARG A 298 -8.86 18.34 -18.95
C ARG A 298 -8.79 19.73 -18.32
N ASP A 299 -8.15 20.65 -19.03
CA ASP A 299 -8.08 22.05 -18.64
C ASP A 299 -8.64 22.91 -19.76
N GLY A 300 -9.45 23.89 -19.40
CA GLY A 300 -10.11 24.77 -20.34
C GLY A 300 -9.52 26.16 -20.46
N TYR A 301 -8.32 26.41 -19.92
CA TYR A 301 -7.73 27.73 -19.98
C TYR A 301 -7.31 28.06 -21.41
N LYS A 302 -7.68 29.26 -21.85
CA LYS A 302 -7.37 29.76 -23.21
C LYS A 302 -7.88 28.79 -24.27
N THR A 303 -9.20 28.65 -24.30
CA THR A 303 -9.91 27.76 -25.22
C THR A 303 -10.91 28.56 -26.05
N PRO A 304 -11.28 28.05 -27.24
CA PRO A 304 -12.18 28.82 -28.12
C PRO A 304 -13.64 28.67 -27.73
N LYS A 305 -13.90 28.21 -26.51
CA LYS A 305 -15.26 27.86 -26.10
C LYS A 305 -15.41 28.20 -24.61
N GLU A 306 -16.40 27.56 -23.97
CA GLU A 306 -16.65 27.63 -22.52
C GLU A 306 -16.84 29.06 -22.02
N ASP A 307 -17.15 29.99 -22.94
CA ASP A 307 -17.45 31.38 -22.60
C ASP A 307 -16.33 32.00 -21.79
N PRO A 308 -15.21 32.38 -22.44
CA PRO A 308 -14.03 32.86 -21.71
C PRO A 308 -14.31 33.90 -20.63
N ASN A 309 -15.36 34.71 -20.83
CA ASN A 309 -15.76 35.69 -19.83
C ASN A 309 -16.74 35.08 -18.81
N ARG A 310 -16.30 33.95 -18.25
CA ARG A 310 -17.07 33.23 -17.25
C ARG A 310 -16.12 32.50 -16.31
N LEU A 311 -16.62 32.18 -15.13
CA LEU A 311 -15.84 31.46 -14.12
C LEU A 311 -16.74 30.43 -13.46
N TYR A 312 -16.11 29.51 -12.73
CA TYR A 312 -16.78 28.41 -12.02
C TYR A 312 -17.60 27.57 -13.01
N TYR A 313 -16.87 26.97 -13.95
CA TYR A 313 -17.49 26.24 -15.05
C TYR A 313 -18.27 25.05 -14.49
N GLU A 314 -19.50 24.86 -14.99
CA GLU A 314 -20.35 23.75 -14.59
C GLU A 314 -19.71 22.41 -14.98
N PRO A 315 -20.07 21.32 -14.29
CA PRO A 315 -19.47 20.02 -14.61
C PRO A 315 -19.95 19.47 -15.94
N ALA A 316 -19.41 20.01 -17.05
CA ALA A 316 -19.77 19.55 -18.39
C ALA A 316 -18.55 19.49 -19.31
N GLU A 317 -17.41 19.04 -18.79
CA GLU A 317 -16.16 18.96 -19.54
C GLU A 317 -15.88 17.53 -19.99
N LEU A 318 -16.94 16.79 -20.37
CA LEU A 318 -16.78 15.39 -20.74
C LEU A 318 -15.82 15.22 -21.91
N LYS A 319 -15.98 16.04 -22.96
CA LYS A 319 -15.16 15.92 -24.16
C LYS A 319 -14.76 17.25 -24.76
N LEU A 320 -15.07 18.39 -24.13
CA LEU A 320 -14.87 19.67 -24.77
C LEU A 320 -13.40 20.05 -24.86
N PHE A 321 -12.65 19.89 -23.77
CA PHE A 321 -11.23 20.25 -23.74
C PHE A 321 -10.31 19.05 -23.88
N GLU A 322 -10.84 17.87 -24.13
CA GLU A 322 -10.01 16.68 -24.24
C GLU A 322 -9.27 16.69 -25.56
N ASN A 323 -7.96 16.43 -25.50
CA ASN A 323 -7.02 16.33 -26.61
C ASN A 323 -6.70 17.67 -27.27
N ILE A 324 -7.25 18.79 -26.79
CA ILE A 324 -6.95 20.09 -27.39
C ILE A 324 -6.42 21.05 -26.33
N GLU A 325 -5.80 20.51 -25.28
CA GLU A 325 -5.25 21.34 -24.23
C GLU A 325 -4.02 22.09 -24.72
N CYS A 326 -3.82 23.29 -24.18
CA CYS A 326 -2.68 24.12 -24.55
C CYS A 326 -1.40 23.58 -23.93
N GLU A 327 -0.27 23.95 -24.52
CA GLU A 327 1.04 23.50 -24.08
C GLU A 327 1.93 24.71 -23.78
N TRP A 328 2.77 24.56 -22.75
CA TRP A 328 3.60 25.66 -22.26
C TRP A 328 5.07 25.31 -22.41
N PRO A 329 5.88 26.16 -23.05
CA PRO A 329 7.33 25.89 -23.11
C PRO A 329 8.03 26.02 -21.76
N LEU A 330 7.34 26.53 -20.73
CA LEU A 330 7.95 26.65 -19.41
C LEU A 330 8.37 25.29 -18.88
N PHE A 331 7.59 24.24 -19.19
CA PHE A 331 7.97 22.90 -18.78
C PHE A 331 9.17 22.40 -19.57
N TRP A 332 9.31 22.83 -20.83
CA TRP A 332 10.53 22.52 -21.57
C TRP A 332 11.74 23.19 -20.94
N THR A 333 11.58 24.42 -20.47
CA THR A 333 12.68 25.08 -19.75
C THR A 333 12.98 24.35 -18.44
N TYR A 334 11.95 23.86 -17.75
CA TYR A 334 12.15 23.03 -16.57
C TYR A 334 12.97 21.79 -16.90
N PHE A 335 12.65 21.13 -18.00
CA PHE A 335 13.40 19.95 -18.42
C PHE A 335 14.85 20.31 -18.75
N ILE A 336 15.05 21.45 -19.40
CA ILE A 336 16.41 21.89 -19.73
C ILE A 336 17.21 22.11 -18.45
N LEU A 337 16.61 22.77 -17.46
CA LEU A 337 17.30 23.03 -16.20
C LEU A 337 17.61 21.72 -15.48
N ASP A 338 16.64 20.80 -15.44
CA ASP A 338 16.86 19.52 -14.78
C ASP A 338 17.98 18.74 -15.45
N GLY A 339 18.01 18.72 -16.77
CA GLY A 339 19.08 18.03 -17.47
C GLY A 339 20.44 18.66 -17.24
N VAL A 340 20.51 19.99 -17.34
CA VAL A 340 21.81 20.66 -17.21
C VAL A 340 22.31 20.67 -15.78
N PHE A 341 21.45 20.45 -14.79
CA PHE A 341 21.90 20.51 -13.40
C PHE A 341 22.63 19.25 -12.98
N SER A 342 21.93 18.11 -12.94
CA SER A 342 22.49 16.91 -12.32
C SER A 342 23.68 16.34 -13.09
N GLY A 343 23.42 15.70 -14.24
CA GLY A 343 24.49 15.11 -15.00
C GLY A 343 24.32 15.01 -16.50
N ASN A 344 23.25 15.59 -17.04
CA ASN A 344 22.83 15.31 -18.41
C ASN A 344 23.35 16.37 -19.37
N ALA A 345 23.84 15.93 -20.53
CA ALA A 345 24.32 16.82 -21.57
C ALA A 345 23.57 16.64 -22.89
N GLU A 346 23.39 15.40 -23.34
CA GLU A 346 22.68 15.15 -24.59
C GLU A 346 21.21 15.58 -24.50
N GLN A 347 20.57 15.31 -23.36
CA GLN A 347 19.20 15.73 -23.18
C GLN A 347 19.07 17.25 -23.24
N VAL A 348 20.05 17.96 -22.68
CA VAL A 348 20.04 19.42 -22.74
C VAL A 348 20.10 19.88 -24.19
N GLN A 349 20.99 19.28 -24.98
CA GLN A 349 21.13 19.67 -26.38
C GLN A 349 19.85 19.40 -27.15
N GLU A 350 19.24 18.24 -26.95
CA GLU A 350 18.02 17.91 -27.69
C GLU A 350 16.86 18.81 -27.28
N TYR A 351 16.75 19.12 -25.98
CA TYR A 351 15.66 20.00 -25.54
C TYR A 351 15.88 21.43 -26.00
N LYS A 352 17.13 21.90 -26.04
CA LYS A 352 17.42 23.22 -26.57
C LYS A 352 17.09 23.29 -28.05
N GLU A 353 17.43 22.24 -28.81
CA GLU A 353 17.10 22.21 -30.22
C GLU A 353 15.58 22.21 -30.43
N ALA A 354 14.84 21.47 -29.60
CA ALA A 354 13.39 21.48 -29.70
C ALA A 354 12.81 22.84 -29.35
N LEU A 355 13.36 23.50 -28.32
CA LEU A 355 12.81 24.77 -27.86
C LEU A 355 13.14 25.91 -28.80
N GLU A 356 14.27 25.84 -29.51
CA GLU A 356 14.65 26.92 -30.41
C GLU A 356 13.64 27.08 -31.54
N ALA A 357 12.96 26.01 -31.95
CA ALA A 357 12.00 26.09 -33.03
C ALA A 357 10.69 26.76 -32.60
N VAL A 358 10.31 26.62 -31.33
CA VAL A 358 9.03 27.14 -30.86
C VAL A 358 9.20 28.59 -30.39
N LEU A 359 10.42 29.09 -30.47
CA LEU A 359 10.70 30.48 -30.11
C LEU A 359 10.29 31.42 -31.23
N ILE A 360 9.69 32.54 -30.86
CA ILE A 360 9.20 33.54 -31.80
C ILE A 360 9.95 34.85 -31.55
N LYS A 361 10.39 35.49 -32.63
CA LYS A 361 11.23 36.67 -32.53
C LYS A 361 10.42 37.88 -32.08
N GLY A 362 11.14 38.90 -31.61
CA GLY A 362 10.52 40.14 -31.17
C GLY A 362 11.16 41.37 -31.78
N LYS A 363 11.12 42.49 -31.05
CA LYS A 363 11.72 43.72 -31.55
C LYS A 363 13.24 43.60 -31.61
N ASN A 364 13.81 44.09 -32.72
CA ASN A 364 15.26 44.03 -32.95
C ASN A 364 15.80 42.59 -32.89
N GLY A 365 14.96 41.64 -33.29
CA GLY A 365 15.37 40.24 -33.28
C GLY A 365 15.68 39.69 -31.91
N VAL A 366 14.87 40.03 -30.91
CA VAL A 366 15.08 39.54 -29.54
C VAL A 366 14.27 38.26 -29.38
N PRO A 367 14.84 37.21 -28.79
CA PRO A 367 14.04 36.01 -28.50
C PRO A 367 12.97 36.31 -27.46
N LEU A 368 11.80 35.72 -27.66
CA LEU A 368 10.68 35.87 -26.74
C LEU A 368 9.98 34.53 -26.57
N LEU A 369 9.59 34.22 -25.33
CA LEU A 369 8.93 32.96 -25.03
C LEU A 369 7.44 33.18 -24.92
N PRO A 370 6.62 32.66 -25.85
CA PRO A 370 5.17 32.81 -25.72
C PRO A 370 4.63 32.04 -24.52
N GLU A 371 3.53 32.56 -23.97
CA GLU A 371 2.94 31.95 -22.78
C GLU A 371 2.44 30.54 -23.07
N LEU A 372 1.72 30.36 -24.18
CA LEU A 372 1.14 29.07 -24.51
C LEU A 372 0.70 29.09 -25.97
N TYR A 373 0.49 27.90 -26.52
CA TYR A 373 -0.02 27.76 -27.88
C TYR A 373 -1.45 27.21 -27.85
N SEP A 374 -2.31 27.77 -28.68
CA SEP A 374 -3.72 27.38 -28.69
CB SEP A 374 -4.60 28.56 -28.29
OG SEP A 374 -5.97 28.19 -28.26
C SEP A 374 -4.17 26.85 -30.05
O SEP A 374 -3.72 27.32 -31.09
P SEP A 374 -6.90 29.50 -28.13
O1P SEP A 374 -8.44 29.08 -28.00
O2P SEP A 374 -6.46 30.36 -26.83
O3P SEP A 374 -6.71 30.40 -29.45
N VAL A 375 -5.06 25.85 -30.03
CA VAL A 375 -5.59 25.26 -31.25
C VAL A 375 -6.61 26.20 -31.89
N PRO A 376 -6.47 26.43 -33.19
CA PRO A 376 -7.45 27.27 -33.91
C PRO A 376 -8.84 26.67 -33.82
N PRO A 377 -9.88 27.50 -33.72
CA PRO A 377 -11.25 26.96 -33.60
C PRO A 377 -11.68 26.14 -34.79
N ASP A 378 -11.22 26.47 -35.99
CA ASP A 378 -11.64 25.72 -37.18
C ASP A 378 -11.12 24.29 -37.15
N ARG A 379 -9.86 24.11 -36.77
CA ARG A 379 -9.23 22.79 -36.75
C ARG A 379 -9.31 22.15 -35.36
N VAL A 380 -10.54 21.95 -34.90
CA VAL A 380 -10.80 21.32 -33.61
C VAL A 380 -11.09 19.84 -33.76
N ASP A 381 -11.94 19.46 -34.72
CA ASP A 381 -12.27 18.06 -34.91
C ASP A 381 -11.05 17.27 -35.37
N GLU A 382 -10.20 17.88 -36.19
CA GLU A 382 -9.01 17.17 -36.68
C GLU A 382 -8.08 16.80 -35.55
N GLU A 383 -7.89 17.70 -34.58
CA GLU A 383 -7.02 17.40 -33.45
C GLU A 383 -7.59 16.26 -32.60
N TYR A 384 -8.90 16.26 -32.38
CA TYR A 384 -9.51 15.17 -31.60
C TYR A 384 -9.38 13.85 -32.33
N GLN A 385 -9.66 13.83 -33.64
CA GLN A 385 -9.52 12.59 -34.40
C GLN A 385 -8.05 12.21 -34.60
N ASN A 386 -7.18 13.20 -34.81
CA ASN A 386 -5.75 12.98 -34.99
C ASN A 386 -5.00 13.81 -33.97
N PRO A 387 -4.65 13.24 -32.81
CA PRO A 387 -3.98 14.02 -31.77
C PRO A 387 -2.60 14.49 -32.20
N HIS A 388 -2.25 15.70 -31.76
CA HIS A 388 -0.95 16.30 -32.02
C HIS A 388 -0.62 16.33 -33.51
N THR A 389 -1.57 16.85 -34.29
CA THR A 389 -1.40 16.88 -35.74
C THR A 389 -1.57 18.30 -36.30
N VAL A 390 -2.50 19.06 -35.73
CA VAL A 390 -2.77 20.41 -36.22
C VAL A 390 -1.68 21.36 -35.73
N ASP A 391 -1.64 22.55 -36.31
CA ASP A 391 -0.68 23.58 -35.94
C ASP A 391 -1.37 24.65 -35.11
N ARG A 392 -0.78 24.97 -33.96
CA ARG A 392 -1.35 25.95 -33.04
C ARG A 392 -0.81 27.34 -33.34
N VAL A 393 -1.29 28.33 -32.60
CA VAL A 393 -0.86 29.71 -32.80
C VAL A 393 -0.46 30.29 -31.44
N PRO A 394 0.50 31.21 -31.43
CA PRO A 394 0.90 31.83 -30.17
C PRO A 394 -0.22 32.67 -29.58
N MET A 395 -0.28 32.70 -28.24
CA MET A 395 -1.28 33.49 -27.53
C MET A 395 -0.79 33.71 -26.11
N GLY A 396 -1.50 34.57 -25.39
CA GLY A 396 -1.13 34.92 -24.04
C GLY A 396 -0.09 36.04 -24.01
N LYS A 397 0.50 36.21 -22.82
CA LYS A 397 1.53 37.23 -22.65
C LYS A 397 2.77 36.88 -23.46
N LEU A 398 3.00 37.60 -24.55
CA LEU A 398 4.18 37.34 -25.37
C LEU A 398 5.47 37.58 -24.61
N PRO A 399 5.66 38.68 -23.85
CA PRO A 399 6.88 38.77 -23.01
C PRO A 399 6.70 38.03 -21.69
N HIS A 400 6.66 36.70 -21.76
CA HIS A 400 6.51 35.89 -20.55
C HIS A 400 7.78 35.98 -19.71
N MET A 401 7.73 36.76 -18.63
CA MET A 401 8.93 36.99 -17.82
C MET A 401 9.41 35.71 -17.16
N TRP A 402 8.49 34.89 -16.66
CA TRP A 402 8.88 33.63 -16.02
C TRP A 402 9.62 32.72 -17.00
N GLY A 403 9.01 32.46 -18.15
CA GLY A 403 9.63 31.56 -19.11
C GLY A 403 10.91 32.11 -19.70
N GLN A 404 10.91 33.40 -20.05
CA GLN A 404 12.11 34.00 -20.61
C GLN A 404 13.26 34.01 -19.61
N SER A 405 12.96 34.35 -18.35
CA SER A 405 14.00 34.35 -17.32
C SER A 405 14.55 32.94 -17.10
N LEU A 406 13.67 31.94 -17.05
CA LEU A 406 14.14 30.57 -16.85
C LEU A 406 14.98 30.10 -18.04
N TYR A 407 14.57 30.46 -19.26
CA TYR A 407 15.34 30.08 -20.44
C TYR A 407 16.71 30.77 -20.44
N ILE A 408 16.75 32.04 -20.04
CA ILE A 408 18.02 32.76 -19.97
C ILE A 408 18.94 32.11 -18.95
N LEU A 409 18.39 31.75 -17.78
CA LEU A 409 19.21 31.09 -16.75
C LEU A 409 19.73 29.74 -17.25
N GLY A 410 18.87 28.97 -17.91
CA GLY A 410 19.30 27.68 -18.44
C GLY A 410 20.38 27.82 -19.50
N SER A 411 20.22 28.79 -20.40
CA SER A 411 21.23 29.02 -21.42
C SER A 411 22.55 29.46 -20.81
N LEU A 412 22.49 30.34 -19.81
CA LEU A 412 23.71 30.78 -19.13
C LEU A 412 24.42 29.62 -18.45
N MET A 413 23.65 28.74 -17.80
CA MET A 413 24.25 27.58 -17.15
C MET A 413 24.84 26.62 -18.18
N ALA A 414 24.15 26.41 -19.31
CA ALA A 414 24.66 25.50 -20.33
C ALA A 414 25.92 26.04 -20.98
N GLU A 415 26.00 27.36 -21.17
CA GLU A 415 27.18 27.94 -21.80
C GLU A 415 28.43 27.83 -20.93
N GLY A 416 28.28 27.47 -19.66
CA GLY A 416 29.41 27.30 -18.77
C GLY A 416 29.81 28.54 -17.99
N PHE A 417 29.17 29.68 -18.24
CA PHE A 417 29.49 30.89 -17.48
C PHE A 417 29.10 30.79 -16.02
N LEU A 418 28.21 29.85 -15.68
CA LEU A 418 27.76 29.67 -14.31
C LEU A 418 27.83 28.19 -13.94
N ALA A 419 28.04 27.92 -12.65
CA ALA A 419 28.16 26.58 -12.13
C ALA A 419 26.93 26.21 -11.30
N PRO A 420 26.60 24.92 -11.22
CA PRO A 420 25.46 24.52 -10.39
C PRO A 420 25.63 24.86 -8.92
N GLY A 421 26.86 24.95 -8.42
CA GLY A 421 27.11 25.28 -7.04
C GLY A 421 27.00 26.73 -6.68
N GLU A 422 26.79 27.61 -7.66
CA GLU A 422 26.65 29.04 -7.39
C GLU A 422 25.22 29.41 -7.00
N ILE A 423 24.24 28.96 -7.78
CA ILE A 423 22.84 29.19 -7.44
C ILE A 423 22.39 28.37 -6.24
N ASP A 424 23.10 27.29 -5.92
CA ASP A 424 22.73 26.39 -4.83
C ASP A 424 23.94 26.28 -3.90
N PRO A 425 24.15 27.28 -3.03
CA PRO A 425 25.23 27.17 -2.04
C PRO A 425 24.92 26.20 -0.91
N LEU A 426 23.66 25.79 -0.75
CA LEU A 426 23.27 24.91 0.34
C LEU A 426 23.51 23.44 0.03
N ASN A 427 24.01 23.12 -1.16
CA ASN A 427 24.32 21.74 -1.55
C ASN A 427 23.07 20.86 -1.49
N ARG A 428 22.00 21.34 -2.12
CA ARG A 428 20.76 20.58 -2.24
C ARG A 428 20.76 19.65 -3.45
N ARG A 429 21.81 19.67 -4.26
CA ARG A 429 21.88 18.79 -5.43
C ARG A 429 22.02 17.33 -5.01
N PHE A 430 22.64 17.06 -3.86
CA PHE A 430 22.88 15.72 -3.38
C PHE A 430 21.76 15.20 -2.47
N SER A 431 20.54 15.69 -2.64
CA SER A 431 19.43 15.23 -1.82
C SER A 431 19.04 13.79 -2.13
N THR A 432 19.44 13.26 -3.29
CA THR A 432 19.12 11.90 -3.68
C THR A 432 20.18 10.89 -3.27
N VAL A 433 21.24 11.34 -2.61
CA VAL A 433 22.30 10.41 -2.17
C VAL A 433 21.76 9.51 -1.07
N PRO A 434 21.86 8.19 -1.21
CA PRO A 434 21.33 7.29 -0.17
C PRO A 434 22.04 7.48 1.16
N LYS A 435 21.28 7.33 2.24
CA LYS A 435 21.82 7.41 3.60
C LYS A 435 22.38 6.05 4.02
N PRO A 436 23.65 5.98 4.39
CA PRO A 436 24.26 4.68 4.70
C PRO A 436 23.62 3.98 5.90
N ASP A 437 23.62 4.63 7.05
CA ASP A 437 23.11 4.06 8.29
C ASP A 437 23.09 5.14 9.36
N VAL A 438 22.58 4.78 10.53
CA VAL A 438 22.55 5.67 11.68
C VAL A 438 22.53 4.81 12.95
N VAL A 439 23.22 5.26 13.98
CA VAL A 439 23.26 4.60 15.28
C VAL A 439 22.55 5.49 16.29
N VAL A 440 21.58 4.92 17.00
CA VAL A 440 20.79 5.65 17.98
C VAL A 440 21.26 5.25 19.38
N GLN A 441 21.31 6.24 20.28
CA GLN A 441 21.77 6.03 21.65
C GLN A 441 20.59 6.11 22.60
N VAL A 442 20.49 5.14 23.51
CA VAL A 442 19.41 5.07 24.48
C VAL A 442 20.03 5.07 25.88
N SER A 443 19.53 5.96 26.73
CA SER A 443 19.96 6.06 28.12
C SER A 443 18.80 5.72 29.04
N ILE A 444 19.06 4.88 30.03
CA ILE A 444 18.03 4.40 30.95
C ILE A 444 18.37 4.91 32.35
N LEU A 445 17.38 5.52 33.00
CA LEU A 445 17.55 6.03 34.36
C LEU A 445 16.50 5.44 35.29
N ALA A 446 16.81 5.45 36.58
CA ALA A 446 15.90 4.95 37.61
C ALA A 446 15.33 6.14 38.38
N GLU A 447 14.00 6.14 38.54
CA GLU A 447 13.35 7.26 39.23
C GLU A 447 13.78 7.33 40.69
N THR A 448 13.90 6.19 41.36
CA THR A 448 14.23 6.14 42.78
C THR A 448 15.37 5.16 42.99
N GLU A 449 15.82 5.08 44.25
CA GLU A 449 16.93 4.19 44.58
C GLU A 449 16.53 2.72 44.46
N GLU A 450 15.28 2.40 44.79
CA GLU A 450 14.83 1.01 44.73
C GLU A 450 14.88 0.48 43.30
N ILE A 451 14.48 1.30 42.33
CA ILE A 451 14.53 0.87 40.94
C ILE A 451 15.96 0.60 40.50
N LYS A 452 16.89 1.49 40.88
CA LYS A 452 18.29 1.28 40.53
C LYS A 452 18.85 0.02 41.18
N THR A 453 18.48 -0.24 42.44
CA THR A 453 18.94 -1.45 43.11
C THR A 453 18.39 -2.69 42.43
N ILE A 454 17.11 -2.66 42.05
CA ILE A 454 16.50 -3.80 41.37
C ILE A 454 17.19 -4.05 40.03
N LEU A 455 17.45 -2.98 39.27
CA LEU A 455 18.13 -3.15 37.98
C LEU A 455 19.55 -3.68 38.16
N LYS A 456 20.25 -3.21 39.19
CA LYS A 456 21.59 -3.72 39.47
C LYS A 456 21.55 -5.19 39.83
N ASP A 457 20.54 -5.61 40.61
CA ASP A 457 20.39 -7.03 40.94
C ASP A 457 20.13 -7.86 39.70
N LYS A 458 19.47 -7.28 38.69
CA LYS A 458 19.15 -7.98 37.45
C LYS A 458 20.21 -7.77 36.37
N GLY A 459 21.42 -7.35 36.75
CA GLY A 459 22.50 -7.19 35.79
C GLY A 459 22.39 -5.98 34.88
N ILE A 460 21.67 -4.95 35.30
CA ILE A 460 21.52 -3.72 34.52
C ILE A 460 22.11 -2.57 35.34
N TYR A 461 23.05 -1.85 34.74
CA TYR A 461 23.70 -0.72 35.38
C TYR A 461 23.13 0.58 34.80
N VAL A 462 22.55 1.41 35.66
CA VAL A 462 21.93 2.67 35.28
C VAL A 462 22.30 3.73 36.31
N GLU A 463 21.82 4.95 36.08
CA GLU A 463 22.03 6.06 36.99
C GLU A 463 20.69 6.66 37.39
N THR A 464 20.55 7.02 38.66
CA THR A 464 19.29 7.52 39.18
C THR A 464 19.00 8.92 38.65
N ILE A 465 17.85 9.46 39.05
CA ILE A 465 17.48 10.82 38.65
C ILE A 465 18.47 11.82 39.24
N ALA A 466 18.95 11.56 40.45
CA ALA A 466 19.94 12.42 41.07
C ALA A 466 21.32 12.16 40.46
N GLU A 467 22.34 12.73 41.10
CA GLU A 467 23.76 12.62 40.75
C GLU A 467 24.07 12.96 39.30
N VAL A 468 23.14 13.65 38.62
CA VAL A 468 23.34 14.07 37.24
C VAL A 468 23.10 15.57 37.17
N TYR A 469 23.36 16.26 38.28
CA TYR A 469 23.06 17.69 38.46
C TYR A 469 23.32 18.57 37.25
N PRO A 470 24.43 18.43 36.50
CA PRO A 470 24.58 19.26 35.29
C PRO A 470 23.48 19.04 34.26
N ILE A 471 22.84 17.88 34.26
CA ILE A 471 21.77 17.57 33.31
C ILE A 471 20.44 17.55 34.05
N ARG A 472 19.39 17.99 33.35
CA ARG A 472 18.05 18.00 33.91
C ARG A 472 17.10 17.25 32.98
N VAL A 473 16.16 16.54 33.58
CA VAL A 473 15.18 15.73 32.84
C VAL A 473 13.80 16.27 33.14
N GLN A 474 13.08 16.66 32.10
CA GLN A 474 11.73 17.19 32.20
C GLN A 474 10.89 16.62 31.08
N PRO A 475 9.57 16.55 31.26
CA PRO A 475 8.70 16.04 30.20
C PRO A 475 8.67 17.00 29.00
N ALA A 476 8.14 16.48 27.89
CA ALA A 476 8.08 17.25 26.65
C ALA A 476 7.11 18.42 26.72
N ARG A 477 6.19 18.44 27.69
CA ARG A 477 5.28 19.56 27.83
C ARG A 477 6.04 20.85 28.14
N ILE A 478 7.07 20.77 28.98
CA ILE A 478 7.89 21.94 29.28
C ILE A 478 8.58 22.44 28.02
N LEU A 479 9.09 21.51 27.21
CA LEU A 479 9.74 21.86 25.95
C LEU A 479 8.76 22.57 25.01
N SEP A 480 7.54 22.05 24.94
CA SEP A 480 6.50 22.64 24.11
CB SEP A 480 5.24 21.77 24.11
C SEP A 480 6.16 24.05 24.57
O SEP A 480 6.05 24.98 23.77
N HIS A 481 6.02 24.22 25.89
CA HIS A 481 5.71 25.53 26.47
C HIS A 481 6.83 26.53 26.19
N ILE A 482 8.08 26.05 26.27
CA ILE A 482 9.22 26.91 25.99
C ILE A 482 9.24 27.32 24.53
N TYR A 483 9.02 26.36 23.62
CA TYR A 483 9.03 26.68 22.19
C TYR A 483 7.84 27.57 21.81
N SER A 484 6.77 27.56 22.61
CA SER A 484 5.63 28.42 22.34
C SER A 484 5.97 29.90 22.50
N SER A 485 7.06 30.22 23.19
CA SER A 485 7.47 31.60 23.41
C SER A 485 8.60 32.04 22.48
N LEU A 486 8.66 31.48 21.28
CA LEU A 486 9.67 31.84 20.29
C LEU A 486 9.02 32.68 19.20
N GLY A 487 9.72 33.73 18.76
CA GLY A 487 9.13 34.66 17.80
C GLY A 487 7.99 35.46 18.37
N CYS A 488 8.12 35.94 19.59
CA CYS A 488 7.09 36.74 20.24
C CYS A 488 7.50 38.20 20.25
N ASN A 489 6.62 39.06 19.75
CA ASN A 489 6.84 40.50 19.72
C ASN A 489 5.58 41.22 20.16
N ASN A 490 5.75 42.27 20.97
CA ASN A 490 4.62 43.05 21.45
C ASN A 490 4.35 44.28 20.59
N ARG A 491 5.39 44.90 20.04
CA ARG A 491 5.20 46.06 19.18
C ARG A 491 4.44 45.69 17.92
N MET A 492 4.77 44.56 17.31
CA MET A 492 4.10 44.08 16.10
C MET A 492 2.92 43.17 16.40
N LYS A 493 2.62 42.92 17.67
CA LYS A 493 1.49 42.08 18.09
C LYS A 493 1.62 40.67 17.52
N LEU A 494 2.71 40.00 17.88
CA LEU A 494 2.97 38.63 17.47
C LEU A 494 2.87 37.73 18.69
N SER A 495 2.08 36.67 18.57
CA SER A 495 1.81 35.76 19.69
C SER A 495 2.76 34.57 19.73
N GLY A 496 3.69 34.46 18.79
CA GLY A 496 4.64 33.36 18.78
C GLY A 496 4.04 32.08 18.25
N ARG A 497 4.81 31.01 18.41
CA ARG A 497 4.39 29.70 17.91
C ARG A 497 3.19 29.18 18.70
N PRO A 498 2.13 28.74 18.04
CA PRO A 498 1.01 28.13 18.78
C PRO A 498 1.44 26.83 19.43
N TYR A 499 0.80 26.51 20.56
CA TYR A 499 1.14 25.30 21.29
C TYR A 499 0.85 24.07 20.45
N ARG A 500 1.81 23.15 20.41
CA ARG A 500 1.68 21.91 19.65
C ARG A 500 2.53 20.83 20.30
N HIS A 501 2.16 19.58 20.05
CA HIS A 501 2.90 18.45 20.59
C HIS A 501 4.25 18.30 19.89
N MET A 502 5.21 17.76 20.62
CA MET A 502 6.55 17.52 20.09
C MET A 502 6.75 16.03 19.86
N GLY A 503 7.24 15.68 18.68
CA GLY A 503 7.44 14.29 18.33
C GLY A 503 8.73 13.72 18.90
N VAL A 504 9.01 12.47 18.53
CA VAL A 504 10.21 11.80 19.00
C VAL A 504 11.46 12.46 18.42
N LEU A 505 11.37 12.94 17.18
CA LEU A 505 12.53 13.54 16.52
C LEU A 505 12.91 14.89 17.13
N GLY A 506 12.01 15.51 17.89
CA GLY A 506 12.29 16.78 18.51
C GLY A 506 12.88 16.64 19.90
N THR A 507 12.31 15.75 20.72
CA THR A 507 12.80 15.57 22.08
C THR A 507 14.12 14.82 22.13
N SER A 508 14.50 14.13 21.04
CA SER A 508 15.74 13.36 21.05
C SER A 508 16.97 14.25 21.13
N LYS A 509 16.99 15.32 20.35
CA LYS A 509 18.15 16.20 20.33
C LYS A 509 18.26 16.97 21.64
N LEU A 510 19.50 17.20 22.07
CA LEU A 510 19.77 17.91 23.31
C LEU A 510 19.59 19.40 23.12
N TYR A 511 19.17 20.08 24.19
CA TYR A 511 18.94 21.52 24.17
C TYR A 511 19.77 22.18 25.27
N ASP A 512 20.35 23.33 24.94
CA ASP A 512 21.15 24.11 25.88
C ASP A 512 20.40 25.39 26.23
N ILE A 513 19.98 25.50 27.48
CA ILE A 513 19.24 26.65 27.97
C ILE A 513 19.98 27.23 29.16
N ARG A 514 20.30 28.53 29.09
CA ARG A 514 20.99 29.23 30.19
C ARG A 514 22.28 28.53 30.57
N LYS A 515 23.06 28.15 29.56
CA LYS A 515 24.35 27.46 29.75
C LYS A 515 24.18 26.15 30.51
N THR A 516 23.03 25.50 30.36
CA THR A 516 22.76 24.23 31.00
C THR A 516 22.16 23.27 29.97
N ILE A 517 22.63 22.03 29.98
CA ILE A 517 22.16 21.01 29.05
C ILE A 517 20.85 20.45 29.57
N PHE A 518 19.81 20.49 28.73
CA PHE A 518 18.49 20.00 29.07
C PHE A 518 18.12 18.85 28.14
N THR A 519 17.65 17.75 28.74
CA THR A 519 17.15 16.60 28.00
C THR A 519 15.69 16.40 28.36
N PHE A 520 14.92 15.87 27.41
CA PHE A 520 13.49 15.68 27.58
C PHE A 520 13.10 14.24 27.27
N THR A 521 12.25 13.67 28.11
CA THR A 521 11.71 12.34 27.84
C THR A 521 10.76 12.39 26.65
N PRO A 522 10.58 11.27 25.96
CA PRO A 522 9.62 11.25 24.84
C PRO A 522 8.21 11.55 25.33
N GLN A 523 7.43 12.18 24.47
CA GLN A 523 6.10 12.64 24.85
C GLN A 523 5.11 11.49 25.05
N PHE A 524 5.41 10.30 24.51
CA PHE A 524 4.44 9.22 24.51
C PHE A 524 4.43 8.40 25.80
N ILE A 525 5.28 8.73 26.77
CA ILE A 525 5.30 8.01 28.04
C ILE A 525 4.60 8.80 29.14
N ASP A 526 3.76 9.76 28.78
CA ASP A 526 3.05 10.58 29.76
C ASP A 526 1.71 9.91 30.09
N GLN A 527 1.61 9.36 31.29
CA GLN A 527 0.37 8.71 31.71
C GLN A 527 -0.72 9.72 32.05
N GLN A 528 -0.34 10.94 32.44
CA GLN A 528 -1.33 11.95 32.79
C GLN A 528 -2.16 12.35 31.57
N GLN A 529 -1.53 12.48 30.41
CA GLN A 529 -2.26 12.91 29.22
C GLN A 529 -3.29 11.88 28.79
N PHE A 530 -2.92 10.60 28.82
CA PHE A 530 -3.83 9.55 28.40
C PHE A 530 -3.41 8.24 29.05
N TYR A 531 -4.34 7.28 29.05
CA TYR A 531 -4.12 5.99 29.69
C TYR A 531 -3.41 4.99 28.79
N LEU A 532 -3.04 5.40 27.57
CA LEU A 532 -2.35 4.48 26.67
C LEU A 532 -1.01 4.04 27.23
N ALA A 533 -0.33 4.94 27.96
CA ALA A 533 0.98 4.63 28.53
C ALA A 533 0.89 3.63 29.69
N LEU A 534 -0.31 3.36 30.21
CA LEU A 534 -0.43 2.42 31.32
C LEU A 534 -0.05 1.00 30.90
N ASP A 535 -0.48 0.58 29.72
CA ASP A 535 -0.23 -0.79 29.27
C ASP A 535 1.23 -0.96 28.88
N ASN A 536 1.87 -2.00 29.42
CA ASN A 536 3.28 -2.23 29.16
C ASN A 536 3.52 -2.67 27.72
N LYS A 537 2.63 -3.50 27.17
CA LYS A 537 2.78 -3.94 25.78
C LYS A 537 2.70 -2.76 24.83
N MET A 538 1.77 -1.83 25.08
CA MET A 538 1.73 -0.60 24.29
C MET A 538 3.02 0.19 24.44
N ILE A 539 3.57 0.25 25.66
CA ILE A 539 4.81 0.99 25.87
C ILE A 539 5.93 0.41 25.01
N VAL A 540 6.11 -0.91 25.05
CA VAL A 540 7.23 -1.51 24.33
C VAL A 540 7.01 -1.42 22.82
N GLU A 541 5.77 -1.68 22.35
CA GLU A 541 5.49 -1.60 20.93
C GLU A 541 5.69 -0.18 20.39
N MET A 542 5.20 0.82 21.14
CA MET A 542 5.32 2.20 20.69
C MET A 542 6.76 2.68 20.77
N LEU A 543 7.52 2.20 21.76
CA LEU A 543 8.95 2.51 21.82
C LEU A 543 9.67 1.93 20.61
N ARG A 544 9.35 0.68 20.24
CA ARG A 544 9.98 0.08 19.07
C ARG A 544 9.61 0.84 17.79
N THR A 545 8.34 1.26 17.68
CA THR A 545 7.92 2.01 16.51
C THR A 545 8.63 3.36 16.44
N ASP A 546 8.75 4.05 17.57
CA ASP A 546 9.44 5.33 17.61
C ASP A 546 10.92 5.17 17.27
N LEU A 547 11.54 4.10 17.76
CA LEU A 547 12.94 3.82 17.45
C LEU A 547 13.12 3.57 15.96
N SEP A 548 12.20 2.82 15.35
CA SEP A 548 12.25 2.55 13.93
CB SEP A 548 11.14 1.56 13.54
OG SEP A 548 11.24 1.19 12.17
C SEP A 548 12.10 3.84 13.12
O SEP A 548 12.83 4.06 12.15
P SEP A 548 10.14 0.07 11.81
O1P SEP A 548 10.51 -0.63 10.42
O2P SEP A 548 10.11 -1.03 12.99
O3P SEP A 548 8.69 0.77 11.71
N TYR A 549 11.16 4.68 13.54
CA TYR A 549 10.93 5.97 12.88
C TYR A 549 12.19 6.83 12.96
N LEU A 550 12.78 6.89 14.15
CA LEU A 550 14.00 7.69 14.34
C LEU A 550 15.15 7.17 13.49
N CYS A 551 15.31 5.85 13.43
CA CYS A 551 16.37 5.25 12.63
C CYS A 551 16.13 5.42 11.14
N SER A 552 14.87 5.58 10.72
CA SER A 552 14.57 5.62 9.29
C SER A 552 15.09 6.90 8.64
N ARG A 553 14.54 8.06 9.04
CA ARG A 553 14.89 9.32 8.39
C ARG A 553 16.15 9.95 8.99
N TRP A 554 16.06 10.37 10.24
CA TRP A 554 17.11 11.13 10.95
C TRP A 554 17.80 12.13 10.03
N ARG A 555 17.00 13.04 9.47
CA ARG A 555 17.55 14.03 8.54
C ARG A 555 18.39 15.09 9.25
N MET A 556 18.37 15.15 10.57
CA MET A 556 19.14 16.16 11.29
C MET A 556 20.57 15.67 11.51
N THR A 557 21.50 16.62 11.47
CA THR A 557 22.91 16.31 11.66
C THR A 557 23.19 15.93 13.11
N GLY A 558 24.21 15.10 13.32
CA GLY A 558 24.61 14.67 14.63
C GLY A 558 23.92 13.37 15.05
N GLN A 559 24.47 12.78 16.11
CA GLN A 559 23.92 11.54 16.64
C GLN A 559 22.75 11.84 17.58
N PRO A 560 21.76 10.94 17.64
CA PRO A 560 20.60 11.19 18.50
C PRO A 560 20.76 10.58 19.89
N THR A 561 19.82 10.88 20.79
CA THR A 561 19.84 10.35 22.15
C THR A 561 18.41 10.22 22.64
N ILE A 562 18.08 9.05 23.17
CA ILE A 562 16.74 8.78 23.71
C ILE A 562 16.88 8.42 25.19
N THR A 563 16.10 9.10 26.02
CA THR A 563 16.10 8.86 27.47
C THR A 563 14.85 8.10 27.85
N PHE A 564 15.03 6.95 28.51
CA PHE A 564 13.91 6.09 28.92
C PHE A 564 13.90 5.94 30.44
N PRO A 565 13.14 6.76 31.16
CA PRO A 565 13.05 6.58 32.62
C PRO A 565 12.16 5.40 32.96
N ILE A 566 12.45 4.79 34.11
CA ILE A 566 11.70 3.66 34.63
C ILE A 566 10.77 4.18 35.71
N SER A 567 9.46 4.04 35.49
CA SER A 567 8.47 4.54 36.42
C SER A 567 8.06 3.44 37.40
N HIS A 568 7.29 3.83 38.42
CA HIS A 568 6.79 2.91 39.43
C HIS A 568 5.51 2.20 38.99
N SER A 569 4.89 2.62 37.90
CA SER A 569 3.64 2.02 37.45
C SER A 569 3.84 0.78 36.59
N MET A 570 5.08 0.49 36.19
CA MET A 570 5.38 -0.68 35.36
C MET A 570 5.89 -1.85 36.19
N LEU A 571 5.89 -1.74 37.52
CA LEU A 571 6.32 -2.83 38.37
C LEU A 571 5.25 -3.92 38.43
N ASP A 572 5.64 -5.08 38.97
CA ASP A 572 4.73 -6.20 39.08
C ASP A 572 3.72 -5.95 40.20
N GLU A 573 2.89 -6.97 40.46
CA GLU A 573 1.87 -6.85 41.50
C GLU A 573 2.51 -6.67 42.88
N ASP A 574 3.58 -7.42 43.15
CA ASP A 574 4.27 -7.30 44.43
C ASP A 574 5.11 -6.04 44.54
N GLY A 575 5.40 -5.37 43.43
CA GLY A 575 6.22 -4.17 43.46
C GLY A 575 7.64 -4.42 43.90
N THR A 576 8.25 -5.52 43.43
CA THR A 576 9.62 -5.85 43.79
C THR A 576 10.52 -6.14 42.59
N SER A 577 9.95 -6.27 41.39
CA SER A 577 10.75 -6.55 40.21
C SER A 577 10.07 -5.97 38.99
N LEU A 578 10.84 -5.78 37.93
CA LEU A 578 10.31 -5.21 36.70
C LEU A 578 9.45 -6.25 35.97
N ASN A 579 8.58 -5.75 35.09
CA ASN A 579 7.74 -6.63 34.30
C ASN A 579 8.56 -7.36 33.24
N SER A 580 7.99 -8.45 32.73
CA SER A 580 8.70 -9.28 31.76
C SER A 580 8.97 -8.53 30.47
N SER A 581 7.98 -7.77 29.98
CA SER A 581 8.15 -7.07 28.71
C SER A 581 9.24 -6.01 28.79
N ILE A 582 9.22 -5.20 29.86
CA ILE A 582 10.22 -4.15 30.01
C ILE A 582 11.61 -4.75 30.18
N LEU A 583 11.72 -5.82 30.97
CA LEU A 583 13.02 -6.48 31.15
C LEU A 583 13.53 -7.04 29.83
N ALA A 584 12.65 -7.67 29.04
CA ALA A 584 13.07 -8.20 27.75
C ALA A 584 13.51 -7.08 26.81
N ALA A 585 12.77 -5.96 26.81
CA ALA A 585 13.17 -4.83 25.97
C ALA A 585 14.52 -4.27 26.37
N LEU A 586 14.76 -4.14 27.68
CA LEU A 586 16.05 -3.65 28.15
C LEU A 586 17.18 -4.61 27.79
N ARG A 587 16.93 -5.92 27.92
CA ARG A 587 17.95 -6.90 27.57
C ARG A 587 18.25 -6.86 26.08
N LYS A 588 17.23 -6.71 25.25
CA LYS A 588 17.44 -6.59 23.81
C LYS A 588 18.22 -5.33 23.48
N MET A 589 17.91 -4.22 24.15
CA MET A 589 18.65 -2.98 23.93
C MET A 589 20.10 -3.13 24.35
N GLN A 590 20.35 -3.93 25.40
CA GLN A 590 21.72 -4.17 25.83
C GLN A 590 22.53 -4.90 24.76
N ASP A 591 21.90 -5.86 24.08
CA ASP A 591 22.55 -6.63 23.00
C ASP A 591 22.71 -5.83 21.72
N GLY A 592 22.44 -4.54 21.72
CA GLY A 592 22.60 -3.71 20.55
C GLY A 592 21.66 -4.00 19.40
N TYR A 593 20.42 -4.36 19.71
CA TYR A 593 19.42 -4.58 18.67
C TYR A 593 18.01 -4.60 19.27
N PHE A 594 17.13 -3.75 18.76
CA PHE A 594 15.75 -3.73 19.20
C PHE A 594 14.89 -3.15 18.08
N GLY A 595 13.83 -3.86 17.74
CA GLY A 595 12.98 -3.45 16.63
C GLY A 595 13.70 -3.53 15.31
N GLY A 596 14.01 -2.37 14.72
CA GLY A 596 14.75 -2.34 13.48
C GLY A 596 15.87 -1.31 13.49
N ALA A 597 16.45 -1.08 14.67
CA ALA A 597 17.50 -0.09 14.82
C ALA A 597 18.63 -0.67 15.67
N ARG A 598 19.83 -0.11 15.48
CA ARG A 598 21.00 -0.49 16.26
C ARG A 598 21.17 0.50 17.41
N VAL A 599 21.26 -0.02 18.63
CA VAL A 599 21.30 0.79 19.83
C VAL A 599 22.56 0.46 20.61
N GLN A 600 23.06 1.44 21.36
CA GLN A 600 24.18 1.22 22.27
C GLN A 600 23.83 1.88 23.61
N THR A 601 23.99 1.14 24.69
CA THR A 601 23.65 1.65 26.01
C THR A 601 24.87 2.29 26.67
N GLY A 602 24.64 3.40 27.35
CA GLY A 602 25.72 4.09 28.02
C GLY A 602 25.21 5.19 28.92
N LYS A 603 26.14 6.06 29.32
CA LYS A 603 25.84 7.17 30.22
C LYS A 603 25.51 8.42 29.43
N LEU A 604 24.73 9.30 30.04
CA LEU A 604 24.39 10.57 29.40
C LEU A 604 25.63 11.43 29.19
N SER A 605 26.56 11.40 30.14
CA SER A 605 27.79 12.17 29.99
C SER A 605 28.60 11.68 28.79
N GLU A 606 28.66 10.35 28.58
CA GLU A 606 29.35 9.82 27.42
C GLU A 606 28.69 10.26 26.12
N PHE A 607 27.35 10.25 26.08
CA PHE A 607 26.64 10.68 24.87
C PHE A 607 26.77 12.18 24.66
N LEU A 608 27.04 12.93 25.72
CA LEU A 608 27.16 14.39 25.60
C LEU A 608 28.35 14.81 24.73
N THR A 609 29.36 13.96 24.61
CA THR A 609 30.54 14.33 23.84
C THR A 609 30.20 14.55 22.37
N THR A 610 29.43 13.62 21.78
CA THR A 610 28.94 13.78 20.41
C THR A 610 27.43 13.55 20.42
N SER A 611 26.68 14.60 20.11
CA SER A 611 25.22 14.53 20.07
C SER A 611 24.71 15.77 19.35
N CYS A 612 23.39 15.83 19.15
CA CYS A 612 22.75 16.98 18.52
C CYS A 612 22.38 17.98 19.60
N CYS A 613 23.13 19.08 19.69
CA CYS A 613 22.94 20.10 20.69
C CYS A 613 22.42 21.37 20.03
N THR A 614 21.34 21.92 20.57
CA THR A 614 20.73 23.14 20.08
C THR A 614 20.73 24.19 21.18
N HIS A 615 21.10 25.43 20.83
CA HIS A 615 21.16 26.52 21.77
C HIS A 615 20.00 27.47 21.53
N LEU A 616 19.25 27.76 22.59
CA LEU A 616 18.10 28.67 22.52
C LEU A 616 18.55 30.05 23.00
N SER A 617 18.82 30.94 22.06
CA SER A 617 19.25 32.29 22.42
C SER A 617 18.10 33.13 22.95
N PHE A 618 16.88 32.84 22.52
CA PHE A 618 15.72 33.62 22.94
C PHE A 618 15.38 33.46 24.40
N MET A 619 15.88 32.40 25.06
CA MET A 619 15.60 32.15 26.46
C MET A 619 16.49 32.96 27.39
N ASP A 620 17.47 33.69 26.85
CA ASP A 620 18.35 34.50 27.66
C ASP A 620 17.59 35.66 28.28
N PRO A 621 17.96 36.07 29.51
CA PRO A 621 17.29 37.19 30.18
C PRO A 621 17.62 38.54 29.53
N ASP A 762 -30.99 17.08 47.40
CA ASP A 762 -30.14 17.68 48.42
C ASP A 762 -28.66 17.48 48.08
N PHE A 763 -27.94 18.59 47.92
CA PHE A 763 -26.52 18.51 47.59
C PHE A 763 -25.73 17.84 48.71
N LYS A 764 -26.02 18.19 49.97
CA LYS A 764 -25.31 17.60 51.10
C LYS A 764 -25.53 16.10 51.17
N ALA A 765 -26.77 15.65 50.98
CA ALA A 765 -27.06 14.23 51.01
C ALA A 765 -26.33 13.48 49.89
N LEU A 766 -26.32 14.07 48.69
CA LEU A 766 -25.62 13.46 47.57
C LEU A 766 -24.12 13.38 47.83
N VAL A 767 -23.55 14.43 48.41
CA VAL A 767 -22.12 14.43 48.72
C VAL A 767 -21.80 13.36 49.76
N LEU A 768 -22.65 13.25 50.80
CA LEU A 768 -22.44 12.23 51.82
C LEU A 768 -22.54 10.83 51.23
N GLN A 769 -23.52 10.61 50.36
CA GLN A 769 -23.66 9.30 49.71
C GLN A 769 -22.45 8.99 48.84
N LEU A 770 -21.95 9.97 48.09
CA LEU A 770 -20.77 9.77 47.27
C LEU A 770 -19.56 9.42 48.15
N LYS A 771 -19.42 10.10 49.30
CA LYS A 771 -18.30 9.82 50.18
C LYS A 771 -18.40 8.41 50.77
N GLU A 772 -19.62 7.98 51.12
CA GLU A 772 -19.80 6.72 51.84
C GLU A 772 -20.07 5.52 50.95
N THR A 773 -20.31 5.72 49.65
CA THR A 773 -20.71 4.61 48.80
C THR A 773 -19.53 3.71 48.44
N SER A 774 -19.80 2.42 48.34
CA SER A 774 -18.86 1.44 47.82
C SER A 774 -19.11 1.27 46.32
N SER A 775 -18.55 0.22 45.72
CA SER A 775 -18.77 -0.11 44.32
C SER A 775 -18.31 1.04 43.41
N LEU A 776 -16.99 1.21 43.37
CA LEU A 776 -16.31 2.31 42.69
C LEU A 776 -16.91 2.66 41.33
N GLN A 777 -17.43 1.68 40.60
CA GLN A 777 -18.14 2.00 39.36
C GLN A 777 -19.38 2.84 39.63
N GLU A 778 -20.15 2.47 40.65
CA GLU A 778 -21.29 3.29 41.04
C GLU A 778 -20.83 4.65 41.56
N GLN A 779 -19.66 4.69 42.20
CA GLN A 779 -19.10 5.97 42.63
C GLN A 779 -18.81 6.87 41.42
N ALA A 780 -18.26 6.30 40.36
CA ALA A 780 -18.00 7.07 39.14
C ALA A 780 -19.31 7.52 38.50
N ASP A 781 -20.33 6.66 38.52
CA ASP A 781 -21.64 7.05 37.97
C ASP A 781 -22.23 8.22 38.77
N ILE A 782 -22.11 8.16 40.10
CA ILE A 782 -22.59 9.26 40.94
C ILE A 782 -21.84 10.54 40.63
N LEU A 783 -20.51 10.44 40.54
CA LEU A 783 -19.71 11.62 40.22
C LEU A 783 -20.12 12.20 38.87
N TYR A 784 -20.39 11.34 37.89
CA TYR A 784 -20.83 11.79 36.58
C TYR A 784 -22.17 12.51 36.67
N MET A 785 -23.11 11.98 37.46
CA MET A 785 -24.44 12.59 37.46
C MET A 785 -24.41 13.95 38.17
N LEU A 786 -23.63 14.08 39.24
CA LEU A 786 -23.46 15.41 39.83
C LEU A 786 -22.66 16.34 38.92
N TYR A 787 -21.71 15.82 38.15
CA TYR A 787 -21.00 16.66 37.20
C TYR A 787 -21.96 17.20 36.14
N THR A 788 -22.87 16.36 35.65
CA THR A 788 -23.82 16.79 34.62
C THR A 788 -24.89 17.70 35.20
N MET A 789 -25.26 17.51 36.48
CA MET A 789 -26.36 18.25 37.08
C MET A 789 -25.90 19.58 37.66
N LYS A 790 -24.96 19.54 38.62
CA LYS A 790 -24.55 20.77 39.29
C LYS A 790 -23.05 20.80 39.61
N GLY A 791 -22.24 19.96 38.96
CA GLY A 791 -20.82 19.92 39.24
C GLY A 791 -19.87 20.23 38.09
N PRO A 792 -20.14 21.26 37.27
CA PRO A 792 -19.17 21.60 36.21
C PRO A 792 -17.84 22.03 36.80
N ASP A 793 -17.87 23.02 37.68
CA ASP A 793 -16.69 23.44 38.42
C ASP A 793 -16.98 23.80 39.86
N TRP A 794 -18.21 23.61 40.33
CA TRP A 794 -18.56 23.97 41.71
C TRP A 794 -17.90 23.02 42.69
N ASN A 795 -17.48 23.57 43.84
CA ASN A 795 -16.87 22.75 44.88
C ASN A 795 -17.91 21.83 45.51
N THR A 796 -17.55 20.56 45.67
CA THR A 796 -18.44 19.59 46.28
C THR A 796 -18.51 19.70 47.79
N GLU A 797 -17.59 20.45 48.41
CA GLU A 797 -17.55 20.65 49.86
C GLU A 797 -17.43 19.32 50.62
N LEU A 798 -16.79 18.32 49.98
CA LEU A 798 -16.60 17.04 50.65
C LEU A 798 -15.68 17.18 51.86
N TYR A 799 -14.60 17.94 51.72
CA TYR A 799 -13.66 18.17 52.80
C TYR A 799 -13.96 19.49 53.51
N ASN A 800 -13.49 19.61 54.74
CA ASN A 800 -13.70 20.79 55.56
C ASN A 800 -12.44 21.65 55.67
N GLU A 801 -11.28 21.03 55.91
CA GLU A 801 -10.04 21.79 56.05
C GLU A 801 -9.68 22.51 54.75
N ARG A 802 -9.81 21.83 53.61
CA ARG A 802 -9.47 22.40 52.32
C ARG A 802 -10.63 22.21 51.36
N SER A 803 -10.90 23.24 50.56
CA SER A 803 -11.97 23.20 49.56
C SER A 803 -11.39 22.68 48.25
N ALA A 804 -11.75 21.46 47.86
CA ALA A 804 -11.28 20.84 46.64
C ALA A 804 -12.40 20.81 45.62
N THR A 805 -12.11 21.28 44.41
CA THR A 805 -13.11 21.31 43.35
C THR A 805 -13.38 19.90 42.82
N VAL A 806 -14.33 19.82 41.89
CA VAL A 806 -14.68 18.53 41.30
C VAL A 806 -13.53 17.98 40.47
N ARG A 807 -12.75 18.87 39.85
CA ARG A 807 -11.63 18.42 39.03
C ARG A 807 -10.56 17.73 39.88
N GLU A 808 -10.28 18.28 41.06
CA GLU A 808 -9.28 17.64 41.94
C GLU A 808 -9.73 16.26 42.37
N LEU A 809 -11.01 16.11 42.74
CA LEU A 809 -11.53 14.81 43.12
C LEU A 809 -11.50 13.84 41.93
N LEU A 810 -11.80 14.34 40.74
CA LEU A 810 -11.75 13.50 39.55
C LEU A 810 -10.32 13.01 39.29
N THR A 811 -9.34 13.90 39.44
CA THR A 811 -7.95 13.50 39.25
C THR A 811 -7.51 12.50 40.31
N GLU A 812 -7.96 12.70 41.56
CA GLU A 812 -7.64 11.75 42.62
C GLU A 812 -8.24 10.38 42.33
N LEU A 813 -9.48 10.35 41.85
CA LEU A 813 -10.11 9.08 41.48
C LEU A 813 -9.37 8.41 40.34
N TYR A 814 -8.95 9.19 39.33
CA TYR A 814 -8.19 8.62 38.23
C TYR A 814 -6.87 8.04 38.72
N GLY A 815 -6.18 8.75 39.61
CA GLY A 815 -4.93 8.23 40.15
C GLY A 815 -5.13 6.96 40.96
N LYS A 816 -6.19 6.91 41.75
CA LYS A 816 -6.48 5.70 42.53
C LYS A 816 -6.81 4.53 41.61
N VAL A 817 -7.59 4.78 40.55
CA VAL A 817 -7.95 3.71 39.63
C VAL A 817 -6.72 3.21 38.86
N GLY A 818 -5.81 4.12 38.51
CA GLY A 818 -4.62 3.71 37.78
C GLY A 818 -3.76 2.69 38.50
N GLU A 819 -3.78 2.69 39.83
CA GLU A 819 -3.00 1.72 40.60
C GLU A 819 -3.61 0.33 40.54
N ILE A 820 -4.94 0.24 40.64
CA ILE A 820 -5.59 -1.07 40.66
C ILE A 820 -5.61 -1.69 39.26
N ARG A 821 -5.48 -0.87 38.21
CA ARG A 821 -5.44 -1.32 36.83
C ARG A 821 -6.70 -2.12 36.47
N HIS A 822 -7.85 -1.46 36.61
CA HIS A 822 -9.14 -2.05 36.32
C HIS A 822 -9.85 -1.16 35.31
N TRP A 823 -10.10 -1.70 34.11
CA TRP A 823 -10.60 -0.91 32.98
C TRP A 823 -12.13 -0.93 32.91
N GLY A 824 -12.80 -0.55 33.99
CA GLY A 824 -14.24 -0.47 33.98
C GLY A 824 -14.75 0.94 33.98
N LEU A 825 -14.07 1.83 34.71
CA LEU A 825 -14.44 3.23 34.78
C LEU A 825 -13.39 4.16 34.19
N ILE A 826 -12.30 3.62 33.63
CA ILE A 826 -11.28 4.46 33.03
C ILE A 826 -11.84 5.19 31.81
N ARG A 827 -12.63 4.50 30.99
CA ARG A 827 -13.24 5.14 29.83
C ARG A 827 -14.19 6.26 30.25
N TYR A 828 -14.98 6.01 31.29
CA TYR A 828 -15.89 7.05 31.79
C TYR A 828 -15.12 8.25 32.33
N ILE A 829 -14.04 8.00 33.06
CA ILE A 829 -13.24 9.10 33.60
C ILE A 829 -12.63 9.92 32.46
N SER A 830 -12.08 9.25 31.45
CA SER A 830 -11.50 9.96 30.31
C SER A 830 -12.56 10.76 29.57
N GLY A 831 -13.75 10.20 29.38
CA GLY A 831 -14.82 10.93 28.72
C GLY A 831 -15.27 12.15 29.51
N ILE A 832 -15.35 12.01 30.84
CA ILE A 832 -15.72 13.15 31.68
C ILE A 832 -14.67 14.24 31.60
N LEU A 833 -13.40 13.86 31.67
CA LEU A 833 -12.30 14.82 31.56
C LEU A 833 -12.14 15.38 30.16
N ARG A 834 -12.81 14.80 29.16
CA ARG A 834 -12.72 15.23 27.77
C ARG A 834 -11.29 15.16 27.25
N LYS A 835 -10.52 14.18 27.72
CA LYS A 835 -9.16 14.00 27.24
C LYS A 835 -9.17 13.53 25.80
N LYS A 836 -8.34 14.15 24.97
CA LYS A 836 -8.26 13.83 23.56
C LYS A 836 -6.89 13.27 23.22
N VAL A 837 -6.86 12.29 22.31
CA VAL A 837 -5.60 11.67 21.92
C VAL A 837 -4.73 12.70 21.22
N GLU A 838 -3.47 12.77 21.62
CA GLU A 838 -2.54 13.72 21.03
C GLU A 838 -2.26 13.37 19.57
N ALA A 839 -2.00 14.40 18.77
CA ALA A 839 -1.72 14.26 17.34
C ALA A 839 -2.85 13.56 16.60
N LEU A 840 -4.10 13.84 16.99
CA LEU A 840 -5.24 13.28 16.27
C LEU A 840 -5.31 13.81 14.84
N ASP A 841 -5.00 15.09 14.65
CA ASP A 841 -4.99 15.67 13.31
C ASP A 841 -3.92 15.01 12.45
N GLU A 842 -2.77 14.68 13.03
CA GLU A 842 -1.74 13.97 12.29
C GLU A 842 -2.24 12.62 11.82
N ALA A 843 -2.92 11.88 12.70
CA ALA A 843 -3.49 10.60 12.31
C ALA A 843 -4.54 10.77 11.21
N CYS A 844 -5.37 11.80 11.32
CA CYS A 844 -6.41 12.03 10.32
C CYS A 844 -5.79 12.33 8.96
N THR A 845 -4.78 13.19 8.91
CA THR A 845 -4.18 13.54 7.63
C THR A 845 -3.39 12.37 7.06
N ASP A 846 -2.76 11.57 7.93
CA ASP A 846 -2.08 10.36 7.46
C ASP A 846 -3.07 9.39 6.84
N LEU A 847 -4.24 9.22 7.46
CA LEU A 847 -5.26 8.34 6.89
C LEU A 847 -5.80 8.89 5.58
N LEU A 848 -6.02 10.21 5.50
CA LEU A 848 -6.60 10.82 4.31
C LEU A 848 -5.62 10.95 3.16
N SER A 849 -4.31 10.86 3.43
CA SER A 849 -3.32 10.99 2.37
C SER A 849 -3.40 9.87 1.35
N HIS A 850 -4.07 8.76 1.66
CA HIS A 850 -4.16 7.62 0.76
C HIS A 850 -5.53 7.51 0.10
N GLN A 851 -6.23 8.63 -0.07
CA GLN A 851 -7.54 8.68 -0.71
C GLN A 851 -8.54 7.77 0.00
N LYS A 852 -8.78 8.09 1.27
CA LYS A 852 -9.71 7.34 2.11
C LYS A 852 -10.73 8.28 2.72
N HIS A 853 -11.89 7.74 3.05
CA HIS A 853 -12.98 8.49 3.65
C HIS A 853 -13.27 7.97 5.06
N LEU A 854 -13.49 8.89 5.99
CA LEU A 854 -13.74 8.52 7.38
C LEU A 854 -15.16 8.89 7.82
N TPO A 855 -15.84 7.92 8.42
CA TPO A 855 -17.20 8.14 8.93
CB TPO A 855 -18.22 7.45 8.06
C TPO A 855 -17.31 7.66 10.38
O TPO A 855 -17.07 6.49 10.66
N VAL A 856 -17.67 8.56 11.28
CA VAL A 856 -17.69 8.26 12.71
C VAL A 856 -19.09 7.94 13.22
N GLY A 857 -19.17 6.96 14.11
CA GLY A 857 -20.43 6.60 14.74
C GLY A 857 -21.28 5.68 13.89
N LEU A 858 -22.39 5.24 14.48
CA LEU A 858 -23.36 4.44 13.75
C LEU A 858 -23.94 5.26 12.60
N PRO A 859 -24.26 4.63 11.47
CA PRO A 859 -24.84 5.35 10.33
C PRO A 859 -26.34 5.46 10.40
N PRO A 860 -26.90 6.64 10.67
CA PRO A 860 -28.22 6.99 10.13
C PRO A 860 -28.05 7.82 8.87
N GLU A 861 -29.17 8.10 8.23
CA GLU A 861 -29.15 8.93 7.03
C GLU A 861 -28.70 10.36 7.30
N PRO A 862 -29.30 11.13 8.25
CA PRO A 862 -28.96 12.56 8.36
C PRO A 862 -27.55 12.84 8.89
N ARG A 863 -27.19 12.25 10.03
CA ARG A 863 -25.98 12.63 10.74
C ARG A 863 -24.77 11.91 10.15
N GLU A 864 -23.66 11.93 10.90
CA GLU A 864 -22.36 11.38 10.50
C GLU A 864 -21.94 11.85 9.10
N LYS A 865 -21.84 13.17 8.95
CA LYS A 865 -21.34 13.75 7.71
C LYS A 865 -19.93 13.25 7.43
N THR A 866 -19.68 12.87 6.18
CA THR A 866 -18.39 12.29 5.81
C THR A 866 -17.29 13.33 5.87
N ILE A 867 -16.06 12.85 5.99
CA ILE A 867 -14.87 13.70 6.05
C ILE A 867 -14.06 13.45 4.77
N SER A 868 -13.81 14.52 4.02
CA SER A 868 -13.07 14.43 2.76
C SER A 868 -11.80 15.26 2.72
N ALA A 869 -11.67 16.27 3.58
CA ALA A 869 -10.52 17.14 3.62
C ALA A 869 -10.01 17.25 5.04
N PRO A 870 -8.71 17.51 5.22
CA PRO A 870 -8.18 17.68 6.58
C PRO A 870 -8.83 18.86 7.29
N LEU A 871 -9.00 18.72 8.59
CA LEU A 871 -9.64 19.72 9.44
C LEU A 871 -8.75 20.01 10.63
N PRO A 872 -8.86 21.20 11.22
CA PRO A 872 -8.06 21.52 12.41
C PRO A 872 -8.44 20.63 13.59
N TYR A 873 -7.62 20.72 14.64
CA TYR A 873 -7.83 19.89 15.82
C TYR A 873 -9.16 20.23 16.50
N GLU A 874 -9.49 21.52 16.60
CA GLU A 874 -10.73 21.92 17.23
C GLU A 874 -11.94 21.41 16.45
N ALA A 875 -11.91 21.55 15.13
CA ALA A 875 -13.03 21.08 14.31
C ALA A 875 -13.16 19.56 14.39
N LEU A 876 -12.05 18.84 14.36
CA LEU A 876 -12.09 17.38 14.47
C LEU A 876 -12.66 16.95 15.81
N THR A 877 -12.24 17.60 16.90
CA THR A 877 -12.77 17.26 18.22
C THR A 877 -14.26 17.58 18.31
N GLN A 878 -14.68 18.71 17.75
CA GLN A 878 -16.10 19.06 17.77
C GLN A 878 -16.92 18.04 16.99
N LEU A 879 -16.44 17.62 15.82
CA LEU A 879 -17.15 16.62 15.03
C LEU A 879 -17.22 15.28 15.77
N ILE A 880 -16.12 14.88 16.42
CA ILE A 880 -16.11 13.62 17.17
C ILE A 880 -17.11 13.69 18.32
N ASP A 881 -17.13 14.81 19.05
CA ASP A 881 -18.07 14.95 20.16
C ASP A 881 -19.51 14.95 19.66
N GLU A 882 -19.78 15.62 18.55
CA GLU A 882 -21.13 15.65 18.00
C GLU A 882 -21.58 14.26 17.58
N ALA A 883 -20.68 13.50 16.94
CA ALA A 883 -21.02 12.13 16.56
C ALA A 883 -21.26 11.25 17.79
N SER A 884 -20.43 11.42 18.83
CA SER A 884 -20.56 10.58 20.01
C SER A 884 -21.83 10.90 20.79
N GLU A 885 -22.26 12.16 20.76
CA GLU A 885 -23.47 12.61 21.46
C GLU A 885 -23.31 12.40 22.96
N GLY A 886 -24.36 11.95 23.63
CA GLY A 886 -24.34 11.74 25.06
C GLY A 886 -23.70 10.46 25.53
N ASP A 887 -23.24 9.61 24.62
CA ASP A 887 -22.64 8.34 25.03
C ASP A 887 -21.27 8.53 25.66
N MET A 888 -20.62 9.67 25.38
CA MET A 888 -19.34 10.04 26.00
C MET A 888 -18.22 9.07 25.65
N SER A 889 -18.32 7.82 26.13
CA SER A 889 -17.28 6.83 25.88
C SER A 889 -17.16 6.48 24.41
N ILE A 890 -18.19 6.74 23.61
CA ILE A 890 -18.13 6.47 22.18
C ILE A 890 -17.03 7.31 21.53
N SER A 891 -16.86 8.55 21.98
CA SER A 891 -15.79 9.39 21.45
C SER A 891 -14.42 8.80 21.76
N ILE A 892 -14.24 8.31 22.99
CA ILE A 892 -12.96 7.71 23.37
C ILE A 892 -12.68 6.46 22.55
N LEU A 893 -13.70 5.61 22.37
CA LEU A 893 -13.53 4.41 21.55
C LEU A 893 -13.20 4.77 20.11
N THR A 894 -13.87 5.79 19.57
CA THR A 894 -13.59 6.23 18.21
C THR A 894 -12.17 6.74 18.06
N GLN A 895 -11.70 7.53 19.05
CA GLN A 895 -10.33 8.03 19.00
C GLN A 895 -9.33 6.88 19.07
N GLU A 896 -9.57 5.90 19.95
CA GLU A 896 -8.69 4.75 20.06
C GLU A 896 -8.63 3.97 18.75
N ILE A 897 -9.80 3.71 18.14
CA ILE A 897 -9.82 2.96 16.90
C ILE A 897 -9.13 3.75 15.79
N MET A 898 -9.36 5.06 15.74
CA MET A 898 -8.74 5.88 14.71
C MET A 898 -7.22 5.89 14.84
N VAL A 899 -6.70 6.04 16.06
CA VAL A 899 -5.25 6.06 16.23
C VAL A 899 -4.66 4.69 15.94
N TYR A 900 -5.35 3.61 16.31
CA TYR A 900 -4.87 2.28 15.96
C TYR A 900 -4.83 2.08 14.46
N LEU A 901 -5.87 2.53 13.75
CA LEU A 901 -5.91 2.38 12.30
C LEU A 901 -4.78 3.19 11.65
N ALA A 902 -4.55 4.41 12.13
CA ALA A 902 -3.48 5.23 11.58
C ALA A 902 -2.12 4.59 11.84
N MET A 903 -1.92 4.04 13.04
CA MET A 903 -0.65 3.39 13.35
C MET A 903 -0.43 2.16 12.48
N TYR A 904 -1.48 1.37 12.26
CA TYR A 904 -1.35 0.18 11.42
C TYR A 904 -1.23 0.51 9.94
N MET A 905 -1.67 1.71 9.53
CA MET A 905 -1.51 2.11 8.13
C MET A 905 -0.04 2.19 7.73
N ARG A 906 0.78 2.76 8.60
CA ARG A 906 2.20 2.94 8.26
C ARG A 906 2.94 1.61 8.27
N THR A 907 2.68 0.77 9.26
CA THR A 907 3.42 -0.48 9.39
C THR A 907 3.06 -1.46 8.29
N GLN A 908 1.77 -1.65 8.02
CA GLN A 908 1.29 -2.63 7.06
C GLN A 908 0.30 -1.95 6.12
N PRO A 909 0.80 -1.24 5.09
CA PRO A 909 -0.07 -0.56 4.12
C PRO A 909 -0.55 -1.47 2.99
N GLY A 910 -0.91 -2.70 3.35
CA GLY A 910 -1.49 -3.63 2.41
C GLY A 910 -2.77 -4.22 2.96
N LEU A 911 -2.92 -4.13 4.29
CA LEU A 911 -4.12 -4.60 4.95
C LEU A 911 -5.33 -3.73 4.62
N PHE A 912 -5.13 -2.42 4.50
CA PHE A 912 -6.21 -1.48 4.29
C PHE A 912 -6.52 -1.25 2.82
N ALA A 913 -5.86 -1.97 1.91
CA ALA A 913 -6.17 -1.87 0.50
C ALA A 913 -7.55 -2.46 0.22
N GLU A 914 -8.08 -2.11 -0.96
CA GLU A 914 -9.39 -2.51 -1.47
C GLU A 914 -10.55 -1.89 -0.70
N MET A 915 -10.29 -1.16 0.38
CA MET A 915 -11.32 -0.47 1.15
C MET A 915 -11.27 1.01 0.84
N PHE A 916 -12.42 1.58 0.48
CA PHE A 916 -12.49 2.99 0.12
C PHE A 916 -12.91 3.90 1.27
N ARG A 917 -13.82 3.44 2.13
CA ARG A 917 -14.30 4.23 3.25
C ARG A 917 -14.19 3.41 4.53
N LEU A 918 -13.83 4.08 5.62
CA LEU A 918 -13.70 3.46 6.94
C LEU A 918 -14.78 4.02 7.85
N ARG A 919 -15.58 3.13 8.45
CA ARG A 919 -16.66 3.50 9.33
C ARG A 919 -16.32 3.02 10.74
N ILE A 920 -16.02 3.97 11.63
CA ILE A 920 -15.64 3.61 13.00
C ILE A 920 -16.82 3.00 13.75
N GLY A 921 -18.02 3.57 13.56
CA GLY A 921 -19.19 3.03 14.24
C GLY A 921 -19.54 1.63 13.79
N LEU A 922 -19.45 1.38 12.47
CA LEU A 922 -19.69 0.04 11.96
C LEU A 922 -18.66 -0.94 12.49
N ILE A 923 -17.40 -0.50 12.59
CA ILE A 923 -16.35 -1.35 13.16
C ILE A 923 -16.67 -1.68 14.61
N ILE A 924 -17.12 -0.67 15.37
CA ILE A 924 -17.48 -0.90 16.77
C ILE A 924 -18.61 -1.92 16.88
N GLN A 925 -19.63 -1.77 16.03
CA GLN A 925 -20.74 -2.70 16.05
C GLN A 925 -20.29 -4.12 15.70
N VAL A 926 -19.39 -4.24 14.71
CA VAL A 926 -18.88 -5.55 14.31
C VAL A 926 -18.13 -6.19 15.46
N MET A 927 -17.25 -5.43 16.13
CA MET A 927 -16.49 -5.96 17.24
C MET A 927 -17.41 -6.39 18.38
N ALA A 928 -18.43 -5.59 18.67
CA ALA A 928 -19.39 -5.97 19.70
C ALA A 928 -20.13 -7.25 19.32
N THR A 929 -20.50 -7.39 18.05
CA THR A 929 -21.19 -8.59 17.60
C THR A 929 -20.30 -9.83 17.75
N GLU A 930 -19.02 -9.72 17.37
CA GLU A 930 -18.12 -10.86 17.55
C GLU A 930 -17.89 -11.18 19.01
N LEU A 931 -17.80 -10.16 19.87
CA LEU A 931 -17.67 -10.43 21.30
C LEU A 931 -18.90 -11.16 21.83
N ALA A 932 -20.09 -10.73 21.42
CA ALA A 932 -21.31 -11.40 21.86
C ALA A 932 -21.36 -12.84 21.35
N HIS A 933 -20.94 -13.06 20.10
CA HIS A 933 -20.94 -14.42 19.54
C HIS A 933 -19.95 -15.31 20.27
N SER A 934 -18.74 -14.80 20.55
CA SER A 934 -17.72 -15.60 21.20
C SER A 934 -18.11 -15.92 22.65
N LEU A 935 -18.62 -14.94 23.38
CA LEU A 935 -19.00 -15.15 24.77
C LEU A 935 -20.41 -15.69 24.93
N ARG A 936 -21.19 -15.75 23.84
CA ARG A 936 -22.58 -16.22 23.88
C ARG A 936 -23.39 -15.47 24.94
N CYS A 937 -23.17 -14.15 24.99
CA CYS A 937 -23.81 -13.28 25.96
C CYS A 937 -24.67 -12.25 25.23
N SER A 938 -25.31 -11.39 26.02
CA SER A 938 -26.17 -10.35 25.48
C SER A 938 -25.34 -9.18 24.95
N ALA A 939 -26.03 -8.22 24.31
CA ALA A 939 -25.36 -7.05 23.79
C ALA A 939 -24.77 -6.20 24.90
N GLU A 940 -25.49 -6.04 26.01
CA GLU A 940 -24.97 -5.27 27.13
C GLU A 940 -23.73 -5.92 27.71
N GLU A 941 -23.74 -7.24 27.87
CA GLU A 941 -22.56 -7.94 28.37
C GLU A 941 -21.39 -7.82 27.40
N ALA A 942 -21.67 -7.89 26.10
CA ALA A 942 -20.62 -7.72 25.10
C ALA A 942 -20.00 -6.33 25.18
N THR A 943 -20.84 -5.30 25.34
CA THR A 943 -20.31 -3.93 25.47
C THR A 943 -19.50 -3.78 26.75
N GLU A 944 -19.97 -4.38 27.85
CA GLU A 944 -19.21 -4.31 29.10
C GLU A 944 -17.85 -4.99 28.95
N GLY A 945 -17.81 -6.15 28.30
CA GLY A 945 -16.55 -6.81 28.05
C GLY A 945 -15.63 -6.00 27.15
N LEU A 946 -16.21 -5.34 26.14
CA LEU A 946 -15.41 -4.49 25.26
C LEU A 946 -14.81 -3.33 26.05
N MET A 947 -15.59 -2.72 26.93
CA MET A 947 -15.05 -1.65 27.78
C MET A 947 -13.96 -2.17 28.70
N ASN A 948 -14.16 -3.36 29.28
CA ASN A 948 -13.18 -3.95 30.17
C ASN A 948 -11.94 -4.46 29.43
N LEU A 949 -11.98 -4.53 28.11
CA LEU A 949 -10.84 -5.05 27.36
C LEU A 949 -9.65 -4.09 27.46
N SER A 950 -8.46 -4.67 27.61
CA SER A 950 -7.26 -3.87 27.70
C SER A 950 -6.93 -3.24 26.34
N PRO A 951 -6.22 -2.11 26.34
CA PRO A 951 -5.85 -1.49 25.05
C PRO A 951 -5.05 -2.43 24.15
N SER A 952 -4.14 -3.22 24.71
CA SER A 952 -3.41 -4.20 23.91
C SER A 952 -4.37 -5.25 23.37
N ALA A 953 -5.30 -5.73 24.20
CA ALA A 953 -6.32 -6.65 23.73
C ALA A 953 -7.19 -6.02 22.66
N MET A 954 -7.52 -4.73 22.82
CA MET A 954 -8.29 -4.03 21.80
C MET A 954 -7.54 -3.98 20.47
N LYS A 955 -6.24 -3.68 20.51
CA LYS A 955 -5.45 -3.62 19.28
C LYS A 955 -5.35 -5.00 18.63
N ASN A 956 -5.13 -6.04 19.43
CA ASN A 956 -5.06 -7.39 18.88
C ASN A 956 -6.39 -7.81 18.27
N LEU A 957 -7.50 -7.47 18.93
CA LEU A 957 -8.81 -7.80 18.41
C LEU A 957 -9.09 -7.06 17.10
N LEU A 958 -8.72 -5.78 17.03
CA LEU A 958 -8.92 -5.02 15.80
C LEU A 958 -8.07 -5.58 14.68
N HIS A 959 -6.83 -5.98 14.98
CA HIS A 959 -5.97 -6.60 13.98
C HIS A 959 -6.58 -7.90 13.46
N HIS A 960 -7.10 -8.73 14.38
CA HIS A 960 -7.72 -9.98 13.99
C HIS A 960 -8.96 -9.75 13.13
N ILE A 961 -9.77 -8.76 13.50
CA ILE A 961 -10.99 -8.47 12.76
C ILE A 961 -10.66 -7.95 11.36
N LEU A 962 -9.70 -7.04 11.26
CA LEU A 962 -9.31 -6.47 9.98
C LEU A 962 -8.65 -7.52 9.10
N SEP A 963 -8.01 -8.51 9.72
CA SEP A 963 -7.39 -9.60 8.99
CB SEP A 963 -6.44 -10.38 9.90
OG SEP A 963 -5.30 -10.82 9.20
C SEP A 963 -8.44 -10.53 8.41
O SEP A 963 -8.21 -11.20 7.41
P SEP A 963 -4.00 -10.22 9.92
O1P SEP A 963 -2.76 -10.19 8.89
O2P SEP A 963 -4.35 -8.73 10.42
O3P SEP A 963 -3.63 -11.14 11.19
N GLY A 964 -9.61 -10.55 9.03
CA GLY A 964 -10.69 -11.43 8.62
C GLY A 964 -10.36 -12.88 8.89
N LYS A 965 -9.80 -13.15 10.07
CA LYS A 965 -9.37 -14.48 10.46
C LYS A 965 -10.06 -14.87 11.75
N GLU A 966 -10.15 -16.18 11.98
CA GLU A 966 -10.76 -16.71 13.19
C GLU A 966 -9.84 -17.74 13.85
N GLN A 1053 -21.12 -20.57 9.28
CA GLN A 1053 -19.80 -19.95 9.17
C GLN A 1053 -19.75 -19.02 7.97
N TRP A 1054 -20.33 -19.47 6.85
CA TRP A 1054 -20.31 -18.66 5.64
C TRP A 1054 -21.19 -17.43 5.79
N GLN A 1055 -22.31 -17.55 6.50
CA GLN A 1055 -23.17 -16.39 6.72
C GLN A 1055 -22.45 -15.31 7.51
N ARG A 1056 -21.75 -15.70 8.58
CA ARG A 1056 -20.98 -14.74 9.35
C ARG A 1056 -19.87 -14.11 8.52
N ARG A 1057 -19.21 -14.91 7.68
CA ARG A 1057 -18.16 -14.39 6.82
C ARG A 1057 -18.72 -13.36 5.84
N ARG A 1058 -19.88 -13.65 5.25
CA ARG A 1058 -20.50 -12.71 4.33
C ARG A 1058 -20.92 -11.43 5.06
N ARG A 1059 -21.43 -11.57 6.28
CA ARG A 1059 -21.80 -10.39 7.06
C ARG A 1059 -20.59 -9.53 7.37
N LEU A 1060 -19.47 -10.16 7.73
CA LEU A 1060 -18.23 -9.40 7.97
C LEU A 1060 -17.76 -8.71 6.70
N ASP A 1061 -17.81 -9.40 5.56
CA ASP A 1061 -17.34 -8.80 4.31
C ASP A 1061 -18.22 -7.63 3.92
N GLY A 1062 -19.54 -7.76 4.05
CA GLY A 1062 -20.43 -6.67 3.69
C GLY A 1062 -20.33 -5.49 4.64
N ALA A 1063 -20.15 -5.76 5.94
CA ALA A 1063 -20.11 -4.69 6.92
C ALA A 1063 -18.93 -3.76 6.70
N LEU A 1064 -17.77 -4.32 6.35
CA LEU A 1064 -16.57 -3.53 6.10
C LEU A 1064 -16.45 -3.08 4.65
N ASN A 1065 -17.48 -3.34 3.83
CA ASN A 1065 -17.55 -2.95 2.43
C ASN A 1065 -16.24 -3.24 1.69
N ARG A 1066 -15.86 -4.51 1.72
CA ARG A 1066 -14.66 -4.98 1.03
C ARG A 1066 -15.00 -5.44 -0.37
N VAL A 1067 -14.37 -4.82 -1.38
CA VAL A 1067 -14.65 -5.13 -2.77
C VAL A 1067 -13.33 -5.32 -3.50
N PRO A 1068 -13.35 -6.10 -4.60
CA PRO A 1068 -12.14 -6.26 -5.41
C PRO A 1068 -11.55 -4.94 -5.86
N VAL A 1069 -10.26 -4.98 -6.20
CA VAL A 1069 -9.58 -3.77 -6.66
C VAL A 1069 -10.16 -3.29 -7.98
N GLY A 1070 -10.45 -4.22 -8.89
CA GLY A 1070 -10.96 -3.86 -10.20
C GLY A 1070 -12.47 -3.75 -10.27
N PHE A 1071 -13.12 -3.66 -9.10
CA PHE A 1071 -14.57 -3.54 -9.07
C PHE A 1071 -15.04 -2.26 -9.74
N TYR A 1072 -14.32 -1.15 -9.52
CA TYR A 1072 -14.71 0.13 -10.11
C TYR A 1072 -14.67 0.06 -11.64
N GLN A 1073 -13.61 -0.53 -12.19
CA GLN A 1073 -13.50 -0.63 -13.65
C GLN A 1073 -14.60 -1.53 -14.22
N LYS A 1074 -14.91 -2.63 -13.54
CA LYS A 1074 -15.97 -3.52 -14.00
C LYS A 1074 -17.32 -2.81 -13.99
N VAL A 1075 -17.60 -2.06 -12.91
CA VAL A 1075 -18.86 -1.34 -12.83
C VAL A 1075 -18.93 -0.27 -13.93
N TRP A 1076 -17.82 0.43 -14.16
CA TRP A 1076 -17.79 1.45 -15.21
C TRP A 1076 -18.04 0.83 -16.58
N LYS A 1077 -17.40 -0.31 -16.86
CA LYS A 1077 -17.62 -0.97 -18.14
C LYS A 1077 -19.06 -1.44 -18.29
N VAL A 1078 -19.65 -1.97 -17.22
CA VAL A 1078 -21.03 -2.41 -17.28
C VAL A 1078 -21.96 -1.23 -17.55
N LEU A 1079 -21.72 -0.10 -16.88
CA LEU A 1079 -22.53 1.09 -17.11
C LEU A 1079 -22.35 1.61 -18.53
N GLN A 1080 -21.15 1.45 -19.09
CA GLN A 1080 -20.94 1.80 -20.48
C GLN A 1080 -21.74 0.90 -21.42
N LYS A 1081 -21.81 -0.40 -21.10
CA LYS A 1081 -22.45 -1.38 -21.96
C LYS A 1081 -23.93 -1.58 -21.64
N CYS A 1082 -24.47 -0.89 -20.65
CA CYS A 1082 -25.87 -1.06 -20.28
C CYS A 1082 -26.50 0.30 -20.02
N HIS A 1083 -27.82 0.37 -20.16
CA HIS A 1083 -28.54 1.61 -19.92
C HIS A 1083 -28.47 2.02 -18.46
N GLY A 1084 -28.54 1.06 -17.55
CA GLY A 1084 -28.46 1.37 -16.13
C GLY A 1084 -28.63 0.13 -15.29
N LEU A 1085 -28.57 0.33 -13.98
CA LEU A 1085 -28.72 -0.74 -13.01
C LEU A 1085 -29.80 -0.36 -12.00
N SER A 1086 -30.62 -1.34 -11.64
CA SER A 1086 -31.70 -1.15 -10.66
C SER A 1086 -31.38 -1.96 -9.42
N VAL A 1087 -31.42 -1.30 -8.26
CA VAL A 1087 -31.10 -1.94 -6.99
C VAL A 1087 -32.34 -1.91 -6.11
N GLU A 1088 -33.52 -2.03 -6.73
CA GLU A 1088 -34.80 -1.96 -6.03
C GLU A 1088 -34.93 -0.62 -5.29
N GLY A 1089 -34.97 0.45 -6.07
CA GLY A 1089 -35.02 1.80 -5.52
C GLY A 1089 -34.07 2.74 -6.25
N PHE A 1090 -34.59 3.89 -6.66
CA PHE A 1090 -33.83 4.88 -7.43
C PHE A 1090 -33.28 4.26 -8.72
N VAL A 1091 -32.29 4.91 -9.32
CA VAL A 1091 -31.67 4.41 -10.54
C VAL A 1091 -30.31 5.08 -10.69
N LEU A 1092 -29.38 4.38 -11.33
CA LEU A 1092 -28.06 4.93 -11.64
C LEU A 1092 -27.94 5.04 -13.15
N PRO A 1093 -28.02 6.24 -13.72
CA PRO A 1093 -27.98 6.37 -15.17
C PRO A 1093 -26.60 6.08 -15.73
N SER A 1094 -26.58 5.67 -17.00
CA SER A 1094 -25.32 5.44 -17.71
C SER A 1094 -24.71 6.72 -18.26
N SER A 1095 -25.40 7.85 -18.16
CA SER A 1095 -24.87 9.11 -18.67
C SER A 1095 -23.69 9.62 -17.84
N THR A 1096 -23.45 9.03 -16.67
CA THR A 1096 -22.36 9.49 -15.82
C THR A 1096 -21.00 8.96 -16.24
N THR A 1097 -20.95 8.03 -17.20
CA THR A 1097 -19.66 7.47 -17.61
C THR A 1097 -18.85 8.47 -18.42
N ARG A 1098 -19.51 9.34 -19.17
CA ARG A 1098 -18.79 10.36 -19.93
C ARG A 1098 -18.32 11.50 -19.02
N GLU A 1099 -19.11 11.82 -18.00
CA GLU A 1099 -18.72 12.88 -17.07
C GLU A 1099 -17.57 12.44 -16.17
N MET A 1100 -17.46 11.14 -15.92
CA MET A 1100 -16.51 10.60 -14.97
C MET A 1100 -15.47 9.73 -15.67
N THR A 1101 -14.48 9.31 -14.90
CA THR A 1101 -13.41 8.42 -15.33
C THR A 1101 -13.24 7.32 -14.29
N PRO A 1102 -12.78 6.14 -14.71
CA PRO A 1102 -12.60 5.05 -13.73
C PRO A 1102 -11.62 5.37 -12.62
N GLY A 1103 -10.59 6.16 -12.90
CA GLY A 1103 -9.59 6.50 -11.91
C GLY A 1103 -9.94 7.65 -11.00
N GLU A 1104 -11.09 8.27 -11.18
CA GLU A 1104 -11.50 9.42 -10.37
C GLU A 1104 -12.33 8.96 -9.18
N ILE A 1105 -12.09 9.59 -8.03
CA ILE A 1105 -12.70 9.15 -6.78
C ILE A 1105 -14.20 9.42 -6.75
N LYS A 1106 -14.66 10.46 -7.45
CA LYS A 1106 -16.07 10.83 -7.38
C LYS A 1106 -16.96 9.72 -7.92
N PHE A 1107 -16.55 9.08 -9.02
CA PHE A 1107 -17.31 7.94 -9.54
C PHE A 1107 -17.36 6.80 -8.53
N SER A 1108 -16.23 6.54 -7.86
CA SER A 1108 -16.17 5.45 -6.89
C SER A 1108 -17.12 5.71 -5.72
N VAL A 1109 -17.11 6.93 -5.18
CA VAL A 1109 -18.02 7.23 -4.06
C VAL A 1109 -19.46 7.23 -4.53
N HIS A 1110 -19.71 7.63 -5.78
CA HIS A 1110 -21.07 7.55 -6.32
C HIS A 1110 -21.56 6.10 -6.36
N VAL A 1111 -20.72 5.18 -6.84
CA VAL A 1111 -21.12 3.78 -6.88
C VAL A 1111 -21.32 3.23 -5.48
N GLU A 1112 -20.44 3.59 -4.54
CA GLU A 1112 -20.61 3.13 -3.17
C GLU A 1112 -21.91 3.64 -2.56
N SER A 1113 -22.23 4.91 -2.80
CA SER A 1113 -23.48 5.48 -2.28
C SER A 1113 -24.70 4.80 -2.90
N VAL A 1114 -24.62 4.49 -4.21
CA VAL A 1114 -25.70 3.77 -4.87
C VAL A 1114 -25.87 2.39 -4.25
N LEU A 1115 -24.77 1.69 -3.99
CA LEU A 1115 -24.83 0.35 -3.42
C LEU A 1115 -25.05 0.33 -1.92
N ASN A 1116 -24.94 1.48 -1.25
CA ASN A 1116 -25.11 1.55 0.19
C ASN A 1116 -26.56 1.73 0.63
N ARG A 1117 -27.50 1.81 -0.32
CA ARG A 1117 -28.90 1.98 0.04
C ARG A 1117 -29.42 0.77 0.81
N VAL A 1118 -29.04 -0.43 0.40
CA VAL A 1118 -29.46 -1.64 1.11
C VAL A 1118 -28.70 -1.74 2.43
N PRO A 1119 -29.38 -1.84 3.57
CA PRO A 1119 -28.69 -1.91 4.87
C PRO A 1119 -28.28 -3.31 5.31
N GLN A 1120 -28.33 -4.31 4.43
CA GLN A 1120 -27.97 -5.67 4.80
C GLN A 1120 -26.60 -5.99 4.22
N PRO A 1121 -25.57 -6.20 5.04
CA PRO A 1121 -24.24 -6.54 4.50
C PRO A 1121 -24.25 -7.79 3.64
N GLU A 1122 -25.00 -8.82 4.03
CA GLU A 1122 -25.10 -10.02 3.22
C GLU A 1122 -25.74 -9.71 1.87
N TYR A 1123 -26.80 -8.90 1.87
CA TYR A 1123 -27.40 -8.48 0.62
C TYR A 1123 -26.45 -7.63 -0.21
N ARG A 1124 -25.63 -6.81 0.46
CA ARG A 1124 -24.62 -6.02 -0.26
C ARG A 1124 -23.62 -6.92 -0.97
N GLN A 1125 -23.16 -7.97 -0.27
CA GLN A 1125 -22.24 -8.91 -0.89
C GLN A 1125 -22.92 -9.66 -2.05
N LEU A 1126 -24.19 -10.01 -1.88
CA LEU A 1126 -24.92 -10.65 -2.96
C LEU A 1126 -25.02 -9.75 -4.19
N LEU A 1127 -25.30 -8.46 -3.97
CA LEU A 1127 -25.34 -7.52 -5.09
C LEU A 1127 -23.98 -7.37 -5.73
N VAL A 1128 -22.91 -7.37 -4.93
CA VAL A 1128 -21.56 -7.23 -5.47
C VAL A 1128 -21.23 -8.42 -6.36
N GLU A 1129 -21.52 -9.64 -5.89
CA GLU A 1129 -21.21 -10.81 -6.72
C GLU A 1129 -22.13 -10.90 -7.93
N ALA A 1130 -23.37 -10.44 -7.81
CA ALA A 1130 -24.25 -10.36 -8.98
C ALA A 1130 -23.69 -9.39 -10.02
N ILE A 1131 -23.18 -8.25 -9.57
CA ILE A 1131 -22.55 -7.30 -10.48
C ILE A 1131 -21.32 -7.92 -11.14
N LEU A 1132 -20.54 -8.68 -10.36
CA LEU A 1132 -19.36 -9.33 -10.91
C LEU A 1132 -19.73 -10.35 -12.00
N VAL A 1133 -20.75 -11.17 -11.73
CA VAL A 1133 -21.13 -12.17 -12.71
C VAL A 1133 -21.78 -11.52 -13.93
N LEU A 1134 -22.50 -10.41 -13.73
CA LEU A 1134 -23.02 -9.66 -14.87
C LEU A 1134 -21.89 -9.08 -15.71
N THR A 1135 -20.82 -8.60 -15.07
CA THR A 1135 -19.65 -8.12 -15.79
C THR A 1135 -19.02 -9.25 -16.60
N MET A 1136 -18.91 -10.44 -16.00
CA MET A 1136 -18.35 -11.58 -16.71
C MET A 1136 -19.21 -11.94 -17.93
N LEU A 1137 -20.53 -11.93 -17.75
CA LEU A 1137 -21.43 -12.22 -18.88
C LEU A 1137 -21.31 -11.17 -19.98
N ALA A 1138 -21.20 -9.90 -19.59
CA ALA A 1138 -21.05 -8.84 -20.58
C ALA A 1138 -19.71 -8.97 -21.32
N ASP A 1139 -18.68 -9.42 -20.63
CA ASP A 1139 -17.41 -9.70 -21.29
C ASP A 1139 -17.56 -10.86 -22.28
N ILE A 1140 -18.30 -11.90 -21.88
CA ILE A 1140 -18.50 -13.05 -22.77
C ILE A 1140 -19.41 -12.67 -23.93
N GLU A 1141 -20.51 -11.98 -23.65
CA GLU A 1141 -21.52 -11.67 -24.66
C GLU A 1141 -21.29 -10.26 -25.20
N ILE A 1142 -21.00 -10.17 -26.51
CA ILE A 1142 -20.78 -8.88 -27.16
C ILE A 1142 -22.12 -8.47 -27.79
N HIS A 1143 -22.69 -7.40 -27.23
CA HIS A 1143 -23.94 -6.81 -27.68
C HIS A 1143 -24.20 -5.59 -26.78
N SER A 1144 -25.32 -4.92 -27.05
CA SER A 1144 -25.81 -3.84 -26.20
C SER A 1144 -27.10 -4.28 -25.55
N ILE A 1145 -27.16 -4.20 -24.21
CA ILE A 1145 -28.36 -4.61 -23.50
C ILE A 1145 -29.52 -3.69 -23.84
N GLY A 1146 -29.29 -2.38 -23.83
CA GLY A 1146 -30.32 -1.43 -24.22
C GLY A 1146 -31.54 -1.42 -23.33
N SER A 1147 -31.36 -1.62 -22.03
CA SER A 1147 -32.47 -1.61 -21.08
C SER A 1147 -31.89 -1.55 -19.67
N ILE A 1148 -32.78 -1.40 -18.70
CA ILE A 1148 -32.43 -1.36 -17.28
C ILE A 1148 -32.58 -2.76 -16.71
N ILE A 1149 -31.52 -3.26 -16.08
CA ILE A 1149 -31.51 -4.59 -15.48
C ILE A 1149 -31.62 -4.43 -13.97
N ALA A 1150 -32.47 -5.24 -13.35
CA ALA A 1150 -32.69 -5.20 -11.91
C ALA A 1150 -31.92 -6.34 -11.27
N VAL A 1151 -30.86 -6.00 -10.54
CA VAL A 1151 -30.07 -7.01 -9.84
C VAL A 1151 -30.87 -7.64 -8.71
N GLU A 1152 -31.80 -6.88 -8.12
CA GLU A 1152 -32.68 -7.45 -7.11
C GLU A 1152 -33.56 -8.55 -7.70
N LYS A 1153 -34.10 -8.32 -8.90
CA LYS A 1153 -34.85 -9.36 -9.58
C LYS A 1153 -33.97 -10.54 -9.90
N ILE A 1154 -32.71 -10.29 -10.26
CA ILE A 1154 -31.78 -11.38 -10.58
C ILE A 1154 -31.54 -12.25 -9.35
N VAL A 1155 -31.27 -11.63 -8.21
CA VAL A 1155 -31.00 -12.42 -7.01
C VAL A 1155 -32.27 -13.11 -6.53
N HIS A 1156 -33.44 -12.49 -6.73
CA HIS A 1156 -34.69 -13.16 -6.40
C HIS A 1156 -34.90 -14.40 -7.27
N ILE A 1157 -34.61 -14.30 -8.56
CA ILE A 1157 -34.73 -15.45 -9.45
C ILE A 1157 -33.75 -16.53 -9.06
N ALA A 1158 -32.53 -16.15 -8.68
CA ALA A 1158 -31.54 -17.12 -8.23
C ALA A 1158 -32.02 -17.83 -6.96
N ASN A 1159 -32.59 -17.07 -6.02
CA ASN A 1159 -33.11 -17.68 -4.80
C ASN A 1159 -34.27 -18.64 -5.11
N ASP A 1160 -35.15 -18.25 -6.04
CA ASP A 1160 -36.25 -19.13 -6.41
C ASP A 1160 -35.74 -20.42 -7.04
N LEU A 1161 -34.73 -20.31 -7.92
CA LEU A 1161 -34.14 -21.50 -8.52
C LEU A 1161 -33.48 -22.39 -7.47
N PHE A 1162 -32.80 -21.78 -6.50
CA PHE A 1162 -32.19 -22.56 -5.43
C PHE A 1162 -33.25 -23.28 -4.60
N LEU A 1163 -34.35 -22.60 -4.30
CA LEU A 1163 -35.43 -23.23 -3.55
C LEU A 1163 -36.05 -24.39 -4.34
N GLN A 1164 -36.24 -24.20 -5.65
CA GLN A 1164 -36.77 -25.28 -6.48
C GLN A 1164 -35.83 -26.47 -6.51
N GLU A 1165 -34.53 -26.21 -6.64
CA GLU A 1165 -33.56 -27.30 -6.64
C GLU A 1165 -33.53 -28.03 -5.31
N GLN A 1166 -33.62 -27.29 -4.21
CA GLN A 1166 -33.65 -27.93 -2.89
C GLN A 1166 -34.90 -28.79 -2.71
N LYS A 1167 -36.05 -28.28 -3.17
CA LYS A 1167 -37.28 -29.06 -3.10
C LYS A 1167 -37.18 -30.32 -3.95
N THR A 1168 -36.59 -30.21 -5.14
CA THR A 1168 -36.43 -31.38 -6.00
C THR A 1168 -35.49 -32.41 -5.37
N LEU A 1169 -34.41 -31.94 -4.74
CA LEU A 1169 -33.44 -32.85 -4.15
C LEU A 1169 -34.07 -33.68 -3.03
N GLY A 1170 -34.88 -33.05 -2.17
CA GLY A 1170 -35.52 -33.77 -1.09
C GLY A 1170 -35.46 -33.06 0.25
N ALA A 1171 -34.93 -31.83 0.26
CA ALA A 1171 -34.88 -31.06 1.50
C ALA A 1171 -36.27 -30.72 1.98
N ASP A 1172 -36.47 -30.80 3.29
CA ASP A 1172 -37.78 -30.58 3.89
C ASP A 1172 -37.96 -29.11 4.24
N ASP A 1173 -39.04 -28.82 4.98
CA ASP A 1173 -39.43 -27.44 5.27
C ASP A 1173 -38.45 -26.71 6.19
N TPO A 1174 -37.76 -27.46 7.04
CA TPO A 1174 -36.83 -26.84 8.00
CB TPO A 1174 -36.57 -27.80 9.15
CG2 TPO A 1174 -37.90 -28.24 9.76
OG1 TPO A 1174 -35.85 -28.94 8.69
P TPO A 1174 -34.58 -29.14 9.67
O1P TPO A 1174 -34.98 -28.89 11.06
O2P TPO A 1174 -34.04 -30.65 9.52
O3P TPO A 1174 -33.42 -28.11 9.24
C TPO A 1174 -35.52 -26.43 7.33
O TPO A 1174 -34.82 -25.56 7.83
N MET A 1175 -35.20 -27.07 6.21
CA MET A 1175 -34.00 -26.74 5.47
C MET A 1175 -34.24 -25.52 4.58
N LEU A 1176 -35.45 -25.42 4.04
CA LEU A 1176 -35.83 -24.29 3.18
C LEU A 1176 -36.36 -23.16 4.07
N ALA A 1177 -35.45 -22.58 4.84
CA ALA A 1177 -35.78 -21.49 5.73
C ALA A 1177 -36.03 -20.20 4.94
N LYS A 1178 -36.67 -19.23 5.60
CA LYS A 1178 -37.02 -17.96 4.98
C LYS A 1178 -36.44 -16.83 5.82
N ASP A 1179 -35.81 -15.86 5.16
CA ASP A 1179 -35.25 -14.73 5.88
C ASP A 1179 -36.36 -13.85 6.44
N PRO A 1180 -36.27 -13.43 7.70
CA PRO A 1180 -37.34 -12.60 8.28
C PRO A 1180 -37.55 -11.28 7.57
N ALA A 1181 -36.50 -10.65 7.03
CA ALA A 1181 -36.63 -9.32 6.44
C ALA A 1181 -35.85 -9.17 5.14
N SER A 1182 -35.43 -10.28 4.51
CA SER A 1182 -34.74 -10.21 3.25
C SER A 1182 -35.23 -11.20 2.19
N GLY A 1183 -36.01 -12.21 2.57
CA GLY A 1183 -36.51 -13.17 1.60
C GLY A 1183 -35.43 -13.97 0.91
N ILE A 1184 -34.40 -14.37 1.64
CA ILE A 1184 -33.30 -15.15 1.11
C ILE A 1184 -33.08 -16.37 2.00
N CYS A 1185 -32.94 -17.53 1.38
CA CYS A 1185 -32.73 -18.77 2.13
C CYS A 1185 -31.42 -18.71 2.90
N THR A 1186 -31.45 -19.26 4.13
CA THR A 1186 -30.25 -19.28 4.95
C THR A 1186 -29.18 -20.18 4.33
N LEU A 1187 -29.59 -21.28 3.70
CA LEU A 1187 -28.63 -22.16 3.05
C LEU A 1187 -27.90 -21.46 1.91
N LEU A 1188 -28.58 -20.51 1.25
CA LEU A 1188 -27.92 -19.74 0.20
C LEU A 1188 -26.78 -18.91 0.78
N TYR A 1189 -27.01 -18.28 1.93
CA TYR A 1189 -25.92 -17.58 2.61
C TYR A 1189 -24.82 -18.55 3.04
N ASP A 1190 -25.20 -19.70 3.58
CA ASP A 1190 -24.21 -20.68 4.02
C ASP A 1190 -23.52 -21.39 2.86
N SER A 1191 -24.07 -21.30 1.66
CA SER A 1191 -23.46 -21.96 0.52
C SER A 1191 -22.15 -21.30 0.14
N ALA A 1192 -21.16 -22.12 -0.22
CA ALA A 1192 -19.87 -21.62 -0.65
C ALA A 1192 -20.00 -20.93 -2.01
N PRO A 1193 -19.15 -19.94 -2.30
CA PRO A 1193 -19.19 -19.24 -3.59
C PRO A 1193 -18.96 -20.15 -4.79
N SEP A 1194 -17.86 -20.89 -4.78
CA SEP A 1194 -17.52 -21.79 -5.88
CB SEP A 1194 -16.03 -21.73 -6.18
C SEP A 1194 -17.95 -23.22 -5.59
O SEP A 1194 -18.15 -23.59 -4.43
N GLY A 1195 -18.10 -24.02 -6.65
CA GLY A 1195 -18.50 -25.41 -6.50
C GLY A 1195 -19.59 -25.82 -7.47
N ARG A 1196 -19.95 -27.10 -7.43
CA ARG A 1196 -21.00 -27.60 -8.30
C ARG A 1196 -22.37 -27.01 -7.95
N PHE A 1197 -22.60 -26.75 -6.66
CA PHE A 1197 -23.84 -26.15 -6.19
C PHE A 1197 -23.58 -24.80 -5.54
N GLY A 1198 -22.55 -24.08 -6.01
CA GLY A 1198 -22.21 -22.79 -5.45
C GLY A 1198 -23.19 -21.70 -5.84
N THR A 1199 -23.08 -20.58 -5.14
CA THR A 1199 -23.97 -19.45 -5.39
C THR A 1199 -23.70 -18.81 -6.74
N MET A 1200 -22.47 -18.87 -7.23
CA MET A 1200 -22.14 -18.22 -8.49
C MET A 1200 -22.84 -18.89 -9.67
N THR A 1201 -23.02 -20.21 -9.62
CA THR A 1201 -23.74 -20.90 -10.69
C THR A 1201 -25.19 -20.42 -10.75
N TYR A 1202 -25.85 -20.32 -9.59
CA TYR A 1202 -27.22 -19.85 -9.55
C TYR A 1202 -27.31 -18.39 -10.01
N LEU A 1203 -26.34 -17.57 -9.60
CA LEU A 1203 -26.33 -16.17 -10.03
C LEU A 1203 -26.15 -16.06 -11.54
N SER A 1204 -25.27 -16.89 -12.11
CA SER A 1204 -25.10 -16.90 -13.57
C SER A 1204 -26.38 -17.32 -14.28
N LYS A 1205 -27.03 -18.35 -13.76
CA LYS A 1205 -28.29 -18.80 -14.35
C LYS A 1205 -29.33 -17.70 -14.30
N ALA A 1206 -29.46 -17.02 -13.16
CA ALA A 1206 -30.45 -15.96 -13.03
C ALA A 1206 -30.14 -14.77 -13.94
N ALA A 1207 -28.86 -14.40 -14.02
CA ALA A 1207 -28.48 -13.29 -14.90
C ALA A 1207 -28.76 -13.62 -16.36
N ALA A 1208 -28.43 -14.84 -16.78
CA ALA A 1208 -28.71 -15.24 -18.16
C ALA A 1208 -30.21 -15.31 -18.42
N THR A 1209 -30.99 -15.75 -17.42
CA THR A 1209 -32.44 -15.78 -17.57
C THR A 1209 -32.99 -14.36 -17.74
N TYR A 1210 -32.49 -13.41 -16.94
CA TYR A 1210 -32.93 -12.03 -17.07
C TYR A 1210 -32.56 -11.46 -18.43
N VAL A 1211 -31.34 -11.75 -18.89
CA VAL A 1211 -30.90 -11.26 -20.19
C VAL A 1211 -31.79 -11.82 -21.30
N GLN A 1212 -32.11 -13.12 -21.22
CA GLN A 1212 -33.01 -13.71 -22.20
C GLN A 1212 -34.39 -13.09 -22.14
N GLU A 1213 -34.88 -12.80 -20.93
CA GLU A 1213 -36.15 -12.10 -20.77
C GLU A 1213 -36.12 -10.70 -21.37
N PHE A 1214 -34.94 -10.09 -21.44
CA PHE A 1214 -34.79 -8.76 -22.02
C PHE A 1214 -34.01 -8.81 -23.33
N LEU A 1215 -34.29 -9.81 -24.15
CA LEU A 1215 -33.72 -9.97 -25.48
C LEU A 1215 -34.85 -10.30 -26.45
N PRO A 1216 -34.67 -9.97 -27.74
CA PRO A 1216 -35.74 -10.24 -28.71
C PRO A 1216 -35.88 -11.72 -29.05
N HIS A 1217 -36.33 -12.51 -28.08
CA HIS A 1217 -36.66 -13.92 -28.27
C HIS A 1217 -35.49 -14.75 -28.80
N SEP A 1218 -34.27 -14.34 -28.48
CA SEP A 1218 -33.08 -15.07 -28.89
CB SEP A 1218 -32.77 -14.79 -30.37
OG SEP A 1218 -31.68 -15.58 -30.82
C SEP A 1218 -31.87 -14.70 -28.04
O SEP A 1218 -31.94 -13.79 -27.22
P SEP A 1218 -31.12 -15.02 -32.22
O1P SEP A 1218 -30.26 -16.15 -32.95
O2P SEP A 1218 -32.36 -14.58 -33.16
O3P SEP A 1218 -30.19 -13.73 -31.94
N ILE A 1219 -30.77 -15.42 -28.24
CA ILE A 1219 -29.54 -15.14 -27.52
C ILE A 1219 -28.52 -14.52 -28.47
N CYS A 1220 -27.75 -13.56 -27.96
CA CYS A 1220 -26.75 -12.84 -28.74
C CYS A 1220 -25.39 -12.91 -28.07
N ALA A 1221 -25.01 -14.10 -27.60
CA ALA A 1221 -23.74 -14.32 -26.91
C ALA A 1221 -22.88 -15.25 -27.76
N MET A 1222 -21.77 -14.72 -28.28
CA MET A 1222 -20.79 -15.54 -28.96
C MET A 1222 -19.40 -14.94 -28.71
N GLN A 1223 -18.39 -15.78 -28.88
CA GLN A 1223 -17.00 -15.35 -28.70
C GLN A 1223 -16.04 -16.30 -29.42
N SER B 12 30.57 -12.16 16.71
CA SER B 12 29.68 -11.54 17.69
C SER B 12 28.60 -10.71 17.02
N ALA B 13 27.77 -10.04 17.83
CA ALA B 13 26.71 -9.22 17.28
C ALA B 13 27.26 -8.00 16.56
N GLN B 14 28.41 -7.48 17.00
CA GLN B 14 29.01 -6.32 16.34
C GLN B 14 29.38 -6.63 14.90
N ASP B 15 29.97 -7.82 14.66
CA ASP B 15 30.33 -8.20 13.30
C ASP B 15 29.09 -8.34 12.43
N PHE B 16 28.02 -8.94 12.97
CA PHE B 16 26.79 -9.07 12.21
C PHE B 16 26.19 -7.71 11.87
N TYR B 17 26.21 -6.78 12.84
CA TYR B 17 25.69 -5.44 12.58
C TYR B 17 26.52 -4.71 11.54
N GLU B 18 27.84 -4.85 11.60
CA GLU B 18 28.71 -4.17 10.64
C GLU B 18 28.65 -4.82 9.26
N ASN B 19 28.26 -6.09 9.17
CA ASN B 19 28.21 -6.79 7.90
C ASN B 19 26.81 -6.92 7.32
N TYR B 20 25.78 -6.92 8.16
CA TYR B 20 24.40 -7.04 7.72
C TYR B 20 23.60 -5.82 8.16
N GLU B 21 22.83 -5.25 7.23
CA GLU B 21 22.02 -4.07 7.52
C GLU B 21 20.55 -4.45 7.56
N PRO B 22 19.88 -4.33 8.70
CA PRO B 22 18.44 -4.62 8.75
C PRO B 22 17.66 -3.71 7.80
N LYS B 23 16.62 -4.29 7.20
CA LYS B 23 15.79 -3.58 6.23
C LYS B 23 14.31 -3.81 6.50
N GLU B 24 13.47 -3.46 5.54
CA GLU B 24 12.02 -3.62 5.69
C GLU B 24 11.66 -5.09 5.87
N ILE B 25 10.57 -5.32 6.62
CA ILE B 25 10.15 -6.69 6.92
C ILE B 25 9.66 -7.37 5.65
N LEU B 26 10.13 -8.60 5.42
CA LEU B 26 9.72 -9.39 4.28
C LEU B 26 8.81 -10.55 4.64
N GLY B 27 8.77 -10.95 5.90
CA GLY B 27 7.92 -12.05 6.32
C GLY B 27 7.83 -12.12 7.82
N ARG B 28 6.82 -12.85 8.30
CA ARG B 28 6.57 -13.01 9.72
C ARG B 28 6.34 -14.48 10.03
N GLY B 29 6.70 -14.87 11.25
CA GLY B 29 6.50 -16.24 11.70
C GLY B 29 5.83 -16.32 13.06
N VAL B 30 5.82 -17.52 13.64
CA VAL B 30 5.21 -17.68 14.96
C VAL B 30 5.98 -16.89 16.01
N SER B 31 7.32 -16.95 15.96
CA SER B 31 8.15 -16.21 16.88
C SER B 31 9.38 -15.59 16.21
N SER B 32 9.40 -15.49 14.88
CA SER B 32 10.56 -14.99 14.15
C SER B 32 10.10 -13.97 13.12
N VAL B 33 11.02 -13.06 12.78
CA VAL B 33 10.79 -12.03 11.78
C VAL B 33 11.91 -12.11 10.74
N VAL B 34 11.54 -12.07 9.46
CA VAL B 34 12.49 -12.18 8.36
C VAL B 34 12.56 -10.84 7.65
N ARG B 35 13.78 -10.30 7.53
CA ARG B 35 14.00 -9.03 6.87
C ARG B 35 15.18 -9.16 5.91
N ARG B 36 15.21 -8.27 4.92
CA ARG B 36 16.31 -8.25 3.97
C ARG B 36 17.56 -7.66 4.60
N CYS B 37 18.73 -8.08 4.08
CA CYS B 37 20.01 -7.59 4.55
C CYS B 37 20.94 -7.36 3.35
N ILE B 38 21.91 -6.47 3.55
CA ILE B 38 22.90 -6.15 2.53
C ILE B 38 24.28 -6.41 3.10
N HIS B 39 25.09 -7.17 2.36
CA HIS B 39 26.46 -7.46 2.75
C HIS B 39 27.35 -6.34 2.24
N LYS B 40 27.84 -5.49 3.14
CA LYS B 40 28.57 -4.29 2.73
C LYS B 40 29.80 -4.59 1.89
N PRO B 41 30.67 -5.55 2.23
CA PRO B 41 31.81 -5.84 1.33
C PRO B 41 31.39 -6.28 -0.07
N THR B 42 30.23 -6.90 -0.21
CA THR B 42 29.80 -7.45 -1.50
C THR B 42 28.63 -6.67 -2.10
N SER B 43 27.90 -5.89 -1.31
CA SER B 43 26.69 -5.19 -1.76
C SER B 43 25.66 -6.19 -2.29
N GLN B 44 25.54 -7.32 -1.60
CA GLN B 44 24.60 -8.36 -1.98
C GLN B 44 23.19 -8.03 -1.48
N GLU B 45 22.23 -8.86 -1.87
CA GLU B 45 20.83 -8.70 -1.51
C GLU B 45 20.29 -9.92 -0.79
N TYR B 46 21.03 -10.41 0.21
CA TYR B 46 20.63 -11.58 0.96
C TYR B 46 19.50 -11.23 1.92
N ALA B 47 19.09 -12.21 2.72
CA ALA B 47 18.05 -12.04 3.72
C ALA B 47 18.54 -12.58 5.06
N VAL B 48 18.07 -11.96 6.14
CA VAL B 48 18.45 -12.34 7.51
C VAL B 48 17.18 -12.73 8.26
N LYS B 49 17.23 -13.90 8.91
CA LYS B 49 16.12 -14.39 9.72
C LYS B 49 16.47 -14.24 11.19
N VAL B 50 15.61 -13.55 11.93
CA VAL B 50 15.82 -13.26 13.35
C VAL B 50 14.70 -13.91 14.14
N ILE B 51 15.07 -14.72 15.12
CA ILE B 51 14.12 -15.42 15.99
C ILE B 51 14.47 -15.09 17.43
N ASP B 52 13.47 -14.66 18.20
CA ASP B 52 13.69 -14.32 19.60
C ASP B 52 13.87 -15.58 20.44
N VAL B 53 14.59 -15.43 21.55
CA VAL B 53 14.85 -16.55 22.45
C VAL B 53 13.86 -16.52 23.61
N THR B 54 13.88 -15.42 24.38
CA THR B 54 13.00 -15.30 25.53
C THR B 54 11.57 -14.95 25.13
N GLY B 55 11.35 -14.49 23.90
CA GLY B 55 10.00 -14.18 23.44
C GLY B 55 9.29 -13.15 24.29
N GLY B 56 10.00 -12.10 24.71
CA GLY B 56 9.40 -11.10 25.58
C GLY B 56 9.19 -11.56 27.00
N GLY B 57 9.91 -12.58 27.45
CA GLY B 57 9.72 -13.10 28.80
C GLY B 57 8.36 -13.73 29.02
N SER B 58 7.87 -14.48 28.03
CA SER B 58 6.54 -15.08 28.09
C SER B 58 6.57 -16.54 28.51
N PHE B 59 7.74 -17.11 28.80
CA PHE B 59 7.82 -18.51 29.19
C PHE B 59 9.08 -18.73 30.03
N SER B 60 9.14 -19.92 30.63
CA SER B 60 10.25 -20.30 31.48
C SER B 60 11.51 -20.54 30.64
N PRO B 61 12.69 -20.50 31.26
CA PRO B 61 13.93 -20.76 30.49
C PRO B 61 14.00 -22.14 29.87
N GLU B 62 13.18 -23.09 30.34
CA GLU B 62 13.15 -24.42 29.72
C GLU B 62 12.72 -24.31 28.25
N GLU B 63 11.71 -23.48 27.97
CA GLU B 63 11.32 -23.23 26.59
C GLU B 63 12.46 -22.57 25.82
N VAL B 64 13.23 -21.71 26.50
CA VAL B 64 14.36 -21.04 25.84
C VAL B 64 15.41 -22.06 25.40
N ARG B 65 15.76 -22.99 26.28
CA ARG B 65 16.78 -23.98 25.92
C ARG B 65 16.23 -24.96 24.88
N GLU B 66 14.93 -25.28 24.95
CA GLU B 66 14.34 -26.13 23.92
C GLU B 66 14.40 -25.45 22.56
N LEU B 67 14.09 -24.15 22.51
CA LEU B 67 14.19 -23.41 21.25
C LEU B 67 15.63 -23.36 20.76
N ARG B 68 16.58 -23.16 21.67
CA ARG B 68 17.99 -23.14 21.28
C ARG B 68 18.41 -24.49 20.69
N GLU B 69 17.96 -25.59 21.31
CA GLU B 69 18.24 -26.91 20.77
C GLU B 69 17.63 -27.09 19.38
N ALA B 70 16.40 -26.60 19.19
CA ALA B 70 15.78 -26.69 17.88
C ALA B 70 16.57 -25.92 16.83
N THR B 71 17.01 -24.70 17.16
CA THR B 71 17.79 -23.92 16.20
C THR B 71 19.13 -24.57 15.90
N LEU B 72 19.79 -25.14 16.93
CA LEU B 72 21.07 -25.77 16.67
C LEU B 72 20.91 -27.02 15.81
N LYS B 73 19.84 -27.79 16.04
CA LYS B 73 19.57 -28.93 15.17
C LYS B 73 19.30 -28.47 13.73
N GLU B 74 18.53 -27.39 13.57
CA GLU B 74 18.22 -26.89 12.24
C GLU B 74 19.48 -26.42 11.52
N VAL B 75 20.36 -25.70 12.22
CA VAL B 75 21.58 -25.19 11.59
C VAL B 75 22.52 -26.33 11.26
N ASP B 76 22.59 -27.35 12.12
CA ASP B 76 23.42 -28.51 11.82
C ASP B 76 22.92 -29.25 10.60
N ILE B 77 21.60 -29.43 10.48
CA ILE B 77 21.04 -30.12 9.32
C ILE B 77 21.26 -29.30 8.06
N LEU B 78 21.09 -27.97 8.14
CA LEU B 78 21.26 -27.13 6.97
C LEU B 78 22.72 -27.12 6.51
N ARG B 79 23.66 -27.13 7.46
CA ARG B 79 25.07 -27.26 7.09
C ARG B 79 25.36 -28.65 6.51
N LYS B 80 24.65 -29.67 6.97
CA LYS B 80 24.87 -31.02 6.44
C LYS B 80 24.53 -31.10 4.96
N VAL B 81 23.44 -30.47 4.54
CA VAL B 81 22.99 -30.52 3.16
C VAL B 81 23.41 -29.27 2.38
N SER B 82 24.34 -28.50 2.92
CA SER B 82 24.80 -27.30 2.24
C SER B 82 25.52 -27.65 0.95
N GLY B 83 25.42 -26.75 -0.03
CA GLY B 83 26.03 -26.94 -1.34
C GLY B 83 25.06 -27.34 -2.42
N HIS B 84 23.86 -27.78 -2.08
CA HIS B 84 22.86 -28.13 -3.07
C HIS B 84 22.21 -26.86 -3.60
N PRO B 85 22.34 -26.55 -4.90
CA PRO B 85 21.71 -25.32 -5.42
C PRO B 85 20.19 -25.32 -5.28
N ASN B 86 19.55 -26.48 -5.43
CA ASN B 86 18.09 -26.53 -5.37
C ASN B 86 17.60 -26.44 -3.93
N ILE B 87 18.37 -26.94 -2.97
CA ILE B 87 18.08 -26.80 -1.56
C ILE B 87 18.51 -25.40 -1.11
N ILE B 88 17.83 -24.85 -0.13
CA ILE B 88 18.22 -23.55 0.42
C ILE B 88 19.62 -23.67 1.05
N GLN B 89 20.33 -22.55 1.07
CA GLN B 89 21.71 -22.51 1.54
C GLN B 89 21.84 -21.50 2.67
N LEU B 90 22.54 -21.89 3.73
CA LEU B 90 22.75 -21.03 4.89
C LEU B 90 24.18 -20.51 4.83
N LYS B 91 24.33 -19.28 4.32
CA LYS B 91 25.65 -18.72 4.11
C LYS B 91 26.39 -18.47 5.42
N ASP B 92 25.73 -17.81 6.37
CA ASP B 92 26.35 -17.44 7.63
C ASP B 92 25.33 -17.50 8.75
N THR B 93 25.77 -17.96 9.92
CA THR B 93 24.92 -18.08 11.09
C THR B 93 25.57 -17.38 12.28
N TYR B 94 24.75 -16.70 13.07
CA TYR B 94 25.22 -15.96 14.23
C TYR B 94 24.32 -16.27 15.42
N GLU B 95 24.92 -16.28 16.61
CA GLU B 95 24.18 -16.53 17.84
C GLU B 95 24.62 -15.56 18.92
N THR B 96 23.65 -14.92 19.56
CA THR B 96 23.89 -14.02 20.68
C THR B 96 23.11 -14.51 21.89
N ASN B 97 23.21 -13.75 22.98
CA ASN B 97 22.56 -14.16 24.23
C ASN B 97 21.05 -14.16 24.09
N THR B 98 20.48 -13.13 23.47
CA THR B 98 19.04 -13.01 23.33
C THR B 98 18.55 -12.86 21.89
N PHE B 99 19.44 -12.94 20.90
CA PHE B 99 19.05 -12.80 19.51
C PHE B 99 19.82 -13.79 18.65
N PHE B 100 19.12 -14.44 17.73
CA PHE B 100 19.71 -15.35 16.77
C PHE B 100 19.65 -14.75 15.37
N PHE B 101 20.79 -14.74 14.67
CA PHE B 101 20.88 -14.19 13.33
C PHE B 101 21.31 -15.28 12.37
N LEU B 102 20.50 -15.50 11.34
CA LEU B 102 20.80 -16.46 10.29
C LEU B 102 20.68 -15.76 8.94
N VAL B 103 21.57 -16.13 8.01
CA VAL B 103 21.65 -15.50 6.70
C VAL B 103 21.21 -16.51 5.65
N PHE B 104 20.25 -16.12 4.82
CA PHE B 104 19.79 -16.96 3.72
C PHE B 104 19.88 -16.20 2.41
N ASP B 105 19.33 -16.77 1.34
CA ASP B 105 19.30 -16.12 0.03
C ASP B 105 17.91 -15.54 -0.19
N LEU B 106 17.83 -14.21 -0.27
CA LEU B 106 16.55 -13.55 -0.50
C LEU B 106 16.05 -13.83 -1.90
N MET B 107 14.75 -14.04 -2.02
CA MET B 107 14.11 -14.40 -3.28
C MET B 107 12.99 -13.42 -3.58
N LYS B 108 12.94 -12.93 -4.81
CA LYS B 108 12.00 -11.86 -5.17
C LYS B 108 10.55 -12.36 -5.26
N ARG B 109 10.33 -13.66 -5.41
CA ARG B 109 8.99 -14.21 -5.53
C ARG B 109 8.54 -14.76 -4.19
N GLY B 110 7.22 -14.86 -4.03
CA GLY B 110 6.63 -15.29 -2.77
C GLY B 110 6.54 -16.81 -2.66
N GLU B 111 5.77 -17.25 -1.67
CA GLU B 111 5.60 -18.67 -1.40
C GLU B 111 4.73 -19.32 -2.46
N LEU B 112 4.73 -20.66 -2.45
CA LEU B 112 3.93 -21.40 -3.40
C LEU B 112 2.44 -21.21 -3.15
N PHE B 113 2.05 -20.92 -1.91
CA PHE B 113 0.64 -20.70 -1.60
C PHE B 113 0.10 -19.48 -2.33
N ASP B 114 0.88 -18.38 -2.36
CA ASP B 114 0.43 -17.17 -3.03
C ASP B 114 0.28 -17.38 -4.54
N TYR B 115 1.27 -18.04 -5.16
CA TYR B 115 1.18 -18.31 -6.59
C TYR B 115 0.02 -19.24 -6.90
N LEU B 116 -0.18 -20.25 -6.05
CA LEU B 116 -1.28 -21.19 -6.25
C LEU B 116 -2.63 -20.49 -6.16
N THR B 117 -2.80 -19.61 -5.18
CA THR B 117 -4.08 -18.92 -5.04
C THR B 117 -4.26 -17.84 -6.10
N GLU B 118 -3.16 -17.32 -6.65
CA GLU B 118 -3.27 -16.35 -7.73
C GLU B 118 -3.65 -17.02 -9.05
N LYS B 119 -3.03 -18.16 -9.35
CA LYS B 119 -3.25 -18.86 -10.61
C LYS B 119 -4.28 -19.98 -10.51
N VAL B 120 -4.85 -20.21 -9.33
CA VAL B 120 -5.84 -21.26 -9.09
C VAL B 120 -5.24 -22.62 -9.39
N THR B 121 -4.96 -22.89 -10.67
CA THR B 121 -4.36 -24.14 -11.09
C THR B 121 -3.23 -23.84 -12.07
N LEU B 122 -2.09 -24.49 -11.87
CA LEU B 122 -0.93 -24.29 -12.72
C LEU B 122 -0.99 -25.18 -13.96
N SER B 123 -0.10 -24.92 -14.90
CA SER B 123 -0.05 -25.68 -16.13
C SER B 123 0.60 -27.03 -15.92
N GLU B 124 0.50 -27.89 -16.94
CA GLU B 124 1.06 -29.24 -16.85
C GLU B 124 2.57 -29.20 -16.75
N LYS B 125 3.22 -28.33 -17.53
CA LYS B 125 4.68 -28.22 -17.45
C LYS B 125 5.12 -27.72 -16.09
N GLU B 126 4.41 -26.75 -15.53
CA GLU B 126 4.78 -26.20 -14.22
C GLU B 126 4.67 -27.26 -13.14
N THR B 127 3.57 -28.01 -13.11
CA THR B 127 3.41 -29.04 -12.09
C THR B 127 4.39 -30.18 -12.31
N ARG B 128 4.70 -30.50 -13.56
CA ARG B 128 5.67 -31.55 -13.85
C ARG B 128 7.06 -31.15 -13.33
N LYS B 129 7.50 -29.93 -13.60
CA LYS B 129 8.82 -29.50 -13.14
C LYS B 129 8.86 -29.35 -11.62
N ILE B 130 7.74 -28.90 -11.02
CA ILE B 130 7.69 -28.82 -9.56
C ILE B 130 7.79 -30.21 -8.95
N MET B 131 7.06 -31.17 -9.52
CA MET B 131 7.11 -32.54 -9.01
C MET B 131 8.52 -33.12 -9.16
N ARG B 132 9.16 -32.86 -10.30
CA ARG B 132 10.52 -33.37 -10.51
C ARG B 132 11.49 -32.76 -9.49
N ALA B 133 11.40 -31.46 -9.26
CA ALA B 133 12.29 -30.81 -8.30
C ALA B 133 12.05 -31.34 -6.89
N LEU B 134 10.78 -31.50 -6.50
CA LEU B 134 10.48 -31.99 -5.16
C LEU B 134 10.94 -33.43 -4.99
N LEU B 135 10.74 -34.27 -6.02
CA LEU B 135 11.22 -35.65 -5.96
C LEU B 135 12.73 -35.69 -5.83
N GLU B 136 13.44 -34.83 -6.58
CA GLU B 136 14.89 -34.74 -6.42
C GLU B 136 15.26 -34.36 -5.00
N VAL B 137 14.53 -33.40 -4.42
CA VAL B 137 14.76 -33.01 -3.04
C VAL B 137 14.63 -34.22 -2.11
N ILE B 138 13.56 -34.99 -2.28
CA ILE B 138 13.32 -36.08 -1.34
C ILE B 138 14.35 -37.20 -1.51
N CYS B 139 14.77 -37.51 -2.74
CA CYS B 139 15.77 -38.57 -2.86
C CYS B 139 17.12 -38.11 -2.35
N THR B 140 17.48 -36.84 -2.60
CA THR B 140 18.73 -36.32 -2.07
C THR B 140 18.73 -36.33 -0.54
N LEU B 141 17.60 -35.96 0.07
CA LEU B 141 17.51 -35.97 1.52
C LEU B 141 17.55 -37.40 2.07
N HIS B 142 16.89 -38.35 1.38
CA HIS B 142 16.86 -39.72 1.86
C HIS B 142 18.22 -40.38 1.72
N LYS B 143 19.01 -39.97 0.72
CA LYS B 143 20.36 -40.51 0.59
C LYS B 143 21.22 -40.13 1.78
N LEU B 144 20.94 -39.00 2.41
CA LEU B 144 21.64 -38.56 3.61
C LEU B 144 20.89 -38.92 4.89
N ASN B 145 19.83 -39.71 4.78
CA ASN B 145 19.02 -40.16 5.93
C ASN B 145 18.45 -38.97 6.69
N ILE B 146 17.67 -38.16 5.98
CA ILE B 146 17.00 -37.01 6.56
C ILE B 146 15.56 -36.98 6.06
N VAL B 147 14.61 -36.84 6.99
CA VAL B 147 13.19 -36.76 6.67
C VAL B 147 12.65 -35.44 7.18
N HIS B 148 11.75 -34.83 6.40
CA HIS B 148 11.24 -33.49 6.72
C HIS B 148 9.91 -33.54 7.45
N ARG B 149 9.01 -34.42 7.01
CA ARG B 149 7.65 -34.59 7.54
C ARG B 149 6.83 -33.31 7.52
N ASP B 150 7.27 -32.28 6.79
CA ASP B 150 6.54 -31.02 6.71
C ASP B 150 6.49 -30.52 5.27
N LEU B 151 6.18 -31.41 4.34
CA LEU B 151 6.08 -31.06 2.93
C LEU B 151 4.72 -30.39 2.69
N LYS B 152 4.70 -29.07 2.72
CA LYS B 152 3.50 -28.28 2.55
C LYS B 152 3.76 -27.17 1.55
N PRO B 153 2.72 -26.70 0.84
CA PRO B 153 2.92 -25.58 -0.09
C PRO B 153 3.39 -24.32 0.59
N GLU B 154 3.01 -24.11 1.86
CA GLU B 154 3.44 -22.95 2.60
C GLU B 154 4.94 -22.94 2.82
N ASN B 155 5.54 -24.12 2.98
CA ASN B 155 6.99 -24.25 3.18
C ASN B 155 7.76 -24.25 1.87
N ILE B 156 7.08 -24.18 0.73
CA ILE B 156 7.71 -24.18 -0.58
C ILE B 156 7.58 -22.79 -1.18
N LEU B 157 8.68 -22.25 -1.67
CA LEU B 157 8.72 -20.93 -2.28
C LEU B 157 9.13 -21.03 -3.74
N LEU B 158 9.17 -19.89 -4.43
CA LEU B 158 9.60 -19.82 -5.81
C LEU B 158 10.51 -18.62 -5.99
N ASP B 159 11.32 -18.68 -7.04
CA ASP B 159 12.25 -17.60 -7.39
C ASP B 159 11.91 -17.07 -8.78
N ASP B 160 12.77 -16.18 -9.29
CA ASP B 160 12.56 -15.62 -10.62
C ASP B 160 12.66 -16.66 -11.72
N ASN B 161 13.33 -17.77 -11.47
CA ASN B 161 13.47 -18.85 -12.44
C ASN B 161 12.39 -19.92 -12.31
N MET B 162 11.37 -19.67 -11.48
CA MET B 162 10.29 -20.63 -11.23
C MET B 162 10.83 -21.96 -10.71
N ASN B 163 11.87 -21.89 -9.88
CA ASN B 163 12.46 -23.06 -9.26
C ASN B 163 12.10 -23.07 -7.77
N ILE B 164 11.59 -24.19 -7.30
CA ILE B 164 11.16 -24.32 -5.91
C ILE B 164 12.33 -24.77 -5.06
N LYS B 165 12.37 -24.31 -3.81
CA LYS B 165 13.40 -24.68 -2.85
C LYS B 165 12.75 -24.91 -1.49
N LEU B 166 13.12 -26.01 -0.84
CA LEU B 166 12.53 -26.36 0.44
C LEU B 166 13.15 -25.55 1.57
N THR B 167 12.31 -25.18 2.54
CA THR B 167 12.73 -24.35 3.67
C THR B 167 12.14 -24.99 4.93
N ASP B 168 12.32 -24.35 6.09
CA ASP B 168 11.80 -24.81 7.37
C ASP B 168 12.35 -26.20 7.72
N PHE B 169 13.67 -26.25 7.89
CA PHE B 169 14.36 -27.48 8.25
C PHE B 169 14.35 -27.75 9.75
N GLY B 170 13.76 -26.86 10.55
CA GLY B 170 13.75 -27.07 12.00
C GLY B 170 13.00 -28.31 12.41
N PHE B 171 11.85 -28.56 11.78
CA PHE B 171 11.07 -29.75 12.12
C PHE B 171 11.81 -31.03 11.73
N SER B 172 12.55 -30.99 10.62
CA SER B 172 13.31 -32.16 10.19
C SER B 172 14.40 -32.48 11.19
N CYS B 173 14.63 -33.77 11.41
CA CYS B 173 15.71 -34.24 12.27
C CYS B 173 16.37 -35.45 11.62
N GLN B 174 17.67 -35.58 11.86
CA GLN B 174 18.41 -36.70 11.30
C GLN B 174 18.03 -37.99 12.03
N LEU B 175 17.94 -39.08 11.27
CA LEU B 175 17.54 -40.36 11.84
C LEU B 175 18.48 -41.46 11.37
N GLU B 176 18.60 -42.50 12.20
CA GLU B 176 19.39 -43.69 11.99
C GLU B 176 18.49 -44.85 11.58
N PRO B 177 19.01 -45.82 10.84
CA PRO B 177 18.23 -47.04 10.59
C PRO B 177 17.88 -47.74 11.90
N GLY B 178 16.65 -48.27 11.96
CA GLY B 178 16.21 -49.03 13.10
C GLY B 178 15.51 -48.26 14.20
N GLU B 179 15.41 -46.94 14.10
CA GLU B 179 14.67 -46.14 15.07
C GLU B 179 13.47 -45.49 14.40
N ARG B 180 12.38 -45.37 15.16
CA ARG B 180 11.13 -44.80 14.68
C ARG B 180 10.70 -43.65 15.58
N LEU B 181 10.27 -42.56 14.97
CA LEU B 181 9.83 -41.38 15.71
C LEU B 181 8.39 -41.55 16.18
N ARG B 182 8.05 -40.81 17.24
CA ARG B 182 6.72 -40.88 17.83
C ARG B 182 6.01 -39.55 17.96
N GLU B 183 6.72 -38.42 17.91
CA GLU B 183 6.07 -37.12 18.03
C GLU B 183 5.21 -36.83 16.80
N VAL B 184 4.09 -36.15 17.01
CA VAL B 184 3.15 -35.81 15.95
C VAL B 184 3.09 -34.30 15.81
N CYS B 185 3.24 -33.82 14.57
CA CYS B 185 3.20 -32.39 14.30
C CYS B 185 2.83 -32.18 12.84
N GLY B 186 2.41 -30.96 12.53
CA GLY B 186 2.09 -30.57 11.17
C GLY B 186 0.60 -30.29 11.00
N THR B 187 0.26 -29.93 9.77
CA THR B 187 -1.13 -29.65 9.44
C THR B 187 -1.95 -30.94 9.55
N PRO B 188 -3.15 -30.89 10.13
CA PRO B 188 -3.90 -32.13 10.40
C PRO B 188 -4.24 -32.95 9.17
N SER B 189 -4.21 -32.37 7.97
CA SER B 189 -4.52 -33.09 6.75
C SER B 189 -3.30 -33.68 6.06
N TYR B 190 -2.16 -33.73 6.75
CA TYR B 190 -0.90 -34.24 6.19
C TYR B 190 -0.32 -35.32 7.08
N LEU B 191 -1.14 -36.28 7.50
CA LEU B 191 -0.71 -37.37 8.36
C LEU B 191 -0.95 -38.71 7.66
N ALA B 192 0.08 -39.56 7.68
CA ALA B 192 -0.01 -40.92 7.19
C ALA B 192 -0.78 -41.79 8.18
N PRO B 193 -1.29 -42.95 7.74
CA PRO B 193 -1.98 -43.84 8.70
C PRO B 193 -1.06 -44.34 9.78
N GLU B 194 0.26 -44.31 9.54
CA GLU B 194 1.21 -44.68 10.58
C GLU B 194 1.10 -43.76 11.79
N ILE B 195 0.87 -42.46 11.55
CA ILE B 195 0.80 -41.50 12.66
C ILE B 195 -0.38 -41.84 13.58
N ILE B 196 -1.56 -42.03 13.00
CA ILE B 196 -2.75 -42.31 13.80
C ILE B 196 -2.65 -43.70 14.42
N GLU B 197 -2.02 -44.65 13.72
CA GLU B 197 -1.83 -45.98 14.28
C GLU B 197 -0.92 -45.93 15.51
N CYS B 198 0.19 -45.19 15.43
CA CYS B 198 1.10 -45.09 16.56
C CYS B 198 0.49 -44.31 17.70
N SER B 199 -0.28 -43.28 17.39
CA SER B 199 -0.85 -42.41 18.41
C SER B 199 -2.18 -42.92 18.96
N MET B 200 -2.64 -44.11 18.55
CA MET B 200 -3.90 -44.60 19.06
C MET B 200 -3.83 -44.81 20.57
N ASN B 201 -3.10 -45.83 21.02
CA ASN B 201 -2.59 -45.84 22.39
C ASN B 201 -1.08 -46.04 22.42
N GLU B 202 -0.57 -47.20 22.03
CA GLU B 202 0.87 -47.43 21.95
C GLU B 202 1.29 -48.42 20.87
N ASP B 203 0.37 -48.95 20.06
CA ASP B 203 0.62 -50.21 19.36
C ASP B 203 1.67 -50.05 18.26
N HIS B 204 1.39 -49.22 17.27
CA HIS B 204 2.27 -49.16 16.10
C HIS B 204 3.63 -48.60 16.49
N PRO B 205 4.72 -49.08 15.88
CA PRO B 205 6.07 -48.71 16.35
C PRO B 205 6.37 -47.22 16.31
N GLY B 206 6.28 -46.59 15.13
CA GLY B 206 6.63 -45.19 15.02
C GLY B 206 6.63 -44.73 13.58
N TYR B 207 7.30 -43.61 13.34
CA TYR B 207 7.36 -43.01 12.02
C TYR B 207 8.21 -43.85 11.08
N GLY B 208 8.06 -43.58 9.78
CA GLY B 208 8.82 -44.28 8.76
C GLY B 208 9.41 -43.36 7.72
N LYS B 209 9.26 -43.73 6.45
CA LYS B 209 9.80 -42.93 5.35
C LYS B 209 8.77 -42.56 4.29
N GLU B 210 7.56 -43.13 4.33
CA GLU B 210 6.55 -42.84 3.33
C GLU B 210 5.67 -41.65 3.69
N VAL B 211 5.92 -41.01 4.84
CA VAL B 211 5.20 -39.79 5.17
C VAL B 211 5.47 -38.72 4.12
N ASP B 212 6.73 -38.60 3.69
CA ASP B 212 7.06 -37.70 2.60
C ASP B 212 6.39 -38.13 1.30
N MET B 213 6.21 -39.43 1.10
CA MET B 213 5.52 -39.92 -0.10
C MET B 213 4.08 -39.43 -0.14
N TRP B 214 3.33 -39.64 0.95
CA TRP B 214 1.96 -39.15 0.96
C TRP B 214 1.89 -37.63 0.95
N SER B 215 2.88 -36.97 1.56
CA SER B 215 2.91 -35.50 1.51
C SER B 215 3.07 -35.03 0.07
N THR B 216 3.96 -35.67 -0.69
CA THR B 216 4.13 -35.33 -2.10
C THR B 216 2.85 -35.59 -2.89
N GLY B 217 2.19 -36.72 -2.61
CA GLY B 217 0.92 -36.99 -3.26
C GLY B 217 -0.13 -35.93 -2.96
N VAL B 218 -0.18 -35.47 -1.71
CA VAL B 218 -1.14 -34.44 -1.33
C VAL B 218 -0.80 -33.12 -2.02
N ILE B 219 0.49 -32.79 -2.13
CA ILE B 219 0.89 -31.58 -2.86
C ILE B 219 0.44 -31.68 -4.30
N MET B 220 0.65 -32.83 -4.93
CA MET B 220 0.25 -33.01 -6.32
C MET B 220 -1.26 -32.85 -6.49
N TYR B 221 -2.04 -33.49 -5.62
CA TYR B 221 -3.49 -33.41 -5.72
C TYR B 221 -3.98 -31.98 -5.48
N THR B 222 -3.41 -31.29 -4.48
CA THR B 222 -3.83 -29.93 -4.19
C THR B 222 -3.49 -28.98 -5.33
N LEU B 223 -2.31 -29.15 -5.94
CA LEU B 223 -1.90 -28.23 -7.00
C LEU B 223 -2.69 -28.50 -8.27
N LEU B 224 -2.98 -29.77 -8.57
CA LEU B 224 -3.69 -30.10 -9.81
C LEU B 224 -5.18 -29.82 -9.68
N ALA B 225 -5.85 -30.49 -8.74
CA ALA B 225 -7.29 -30.33 -8.58
C ALA B 225 -7.67 -28.96 -8.02
N GLY B 226 -6.73 -28.25 -7.41
CA GLY B 226 -7.00 -26.94 -6.83
C GLY B 226 -7.44 -26.95 -5.39
N SER B 227 -7.70 -28.13 -4.81
CA SER B 227 -8.12 -28.24 -3.42
C SER B 227 -7.45 -29.46 -2.80
N PRO B 228 -7.24 -29.44 -1.48
CA PRO B 228 -6.71 -30.63 -0.80
C PRO B 228 -7.60 -31.84 -1.03
N PRO B 229 -7.01 -33.03 -1.16
CA PRO B 229 -7.83 -34.24 -1.37
C PRO B 229 -8.80 -34.52 -0.24
N PHE B 230 -8.42 -34.22 1.01
CA PHE B 230 -9.25 -34.46 2.17
C PHE B 230 -9.51 -33.15 2.89
N TRP B 231 -10.78 -32.85 3.15
CA TRP B 231 -11.16 -31.63 3.85
C TRP B 231 -12.57 -31.78 4.39
N HIS B 232 -12.79 -31.30 5.61
CA HIS B 232 -14.11 -31.34 6.23
C HIS B 232 -14.16 -30.28 7.32
N ARG B 233 -15.38 -29.91 7.70
CA ARG B 233 -15.58 -28.91 8.73
C ARG B 233 -15.32 -29.45 10.13
N LYS B 234 -15.19 -30.76 10.29
CA LYS B 234 -14.98 -31.39 11.59
C LYS B 234 -13.60 -32.05 11.61
N GLN B 235 -12.91 -31.94 12.75
CA GLN B 235 -11.61 -32.58 12.89
C GLN B 235 -11.72 -34.09 12.78
N MET B 236 -12.62 -34.70 13.57
CA MET B 236 -12.72 -36.15 13.63
C MET B 236 -13.18 -36.73 12.30
N LEU B 237 -14.11 -36.06 11.62
CA LEU B 237 -14.64 -36.58 10.37
C LEU B 237 -13.54 -36.70 9.31
N MET B 238 -12.78 -35.62 9.09
CA MET B 238 -11.73 -35.67 8.08
C MET B 238 -10.56 -36.53 8.55
N LEU B 239 -10.32 -36.62 9.86
CA LEU B 239 -9.29 -37.54 10.35
C LEU B 239 -9.64 -38.98 10.03
N ARG B 240 -10.90 -39.37 10.26
CA ARG B 240 -11.33 -40.71 9.91
C ARG B 240 -11.29 -40.93 8.41
N MET B 241 -11.66 -39.90 7.63
CA MET B 241 -11.63 -40.02 6.18
C MET B 241 -10.21 -40.25 5.67
N ILE B 242 -9.24 -39.50 6.18
CA ILE B 242 -7.86 -39.64 5.71
C ILE B 242 -7.26 -40.95 6.22
N MET B 243 -7.66 -41.38 7.42
CA MET B 243 -7.18 -42.67 7.92
C MET B 243 -7.71 -43.82 7.08
N SER B 244 -8.98 -43.74 6.67
CA SER B 244 -9.57 -44.81 5.86
C SER B 244 -9.06 -44.82 4.43
N GLY B 245 -8.52 -43.70 3.95
CA GLY B 245 -8.02 -43.62 2.59
C GLY B 245 -9.11 -43.78 1.55
N ASN B 246 -10.23 -43.10 1.74
CA ASN B 246 -11.37 -43.17 0.83
C ASN B 246 -11.44 -41.98 -0.11
N TYR B 247 -10.28 -41.46 -0.53
CA TYR B 247 -10.25 -40.33 -1.43
C TYR B 247 -10.83 -40.70 -2.79
N GLN B 248 -11.42 -39.72 -3.46
CA GLN B 248 -12.01 -39.90 -4.76
C GLN B 248 -11.61 -38.76 -5.69
N PHE B 249 -11.62 -39.05 -6.99
CA PHE B 249 -11.30 -38.06 -8.01
C PHE B 249 -12.57 -37.36 -8.45
N GLY B 250 -12.52 -36.03 -8.55
CA GLY B 250 -13.68 -35.28 -8.99
C GLY B 250 -14.07 -35.63 -10.41
N SER B 251 -15.39 -35.65 -10.65
CA SER B 251 -15.88 -36.02 -11.98
C SER B 251 -15.64 -34.91 -13.01
N PRO B 252 -16.09 -33.67 -12.80
CA PRO B 252 -15.92 -32.66 -13.86
C PRO B 252 -14.55 -31.99 -13.87
N GLU B 253 -13.69 -32.27 -12.89
CA GLU B 253 -12.36 -31.67 -12.83
C GLU B 253 -11.27 -32.57 -13.39
N TRP B 254 -11.31 -33.86 -13.08
CA TRP B 254 -10.31 -34.81 -13.55
C TRP B 254 -10.68 -35.47 -14.87
N ASP B 255 -11.85 -35.15 -15.44
CA ASP B 255 -12.24 -35.77 -16.71
C ASP B 255 -11.30 -35.36 -17.84
N ASP B 256 -10.94 -34.09 -17.91
CA ASP B 256 -10.07 -33.59 -18.97
C ASP B 256 -8.61 -33.58 -18.53
N TYR B 257 -8.13 -34.74 -18.06
CA TYR B 257 -6.74 -34.89 -17.63
C TYR B 257 -6.21 -36.24 -18.11
N SER B 258 -4.89 -36.32 -18.24
CA SER B 258 -4.25 -37.54 -18.69
C SER B 258 -4.31 -38.62 -17.61
N ASP B 259 -4.22 -39.88 -18.05
CA ASP B 259 -4.25 -41.00 -17.11
C ASP B 259 -2.93 -41.19 -16.39
N THR B 260 -1.81 -40.77 -17.01
CA THR B 260 -0.51 -40.99 -16.40
C THR B 260 -0.37 -40.25 -15.07
N VAL B 261 -0.78 -38.98 -15.04
CA VAL B 261 -0.74 -38.22 -13.79
C VAL B 261 -1.72 -38.82 -12.78
N LYS B 262 -2.86 -39.32 -13.26
CA LYS B 262 -3.85 -39.91 -12.37
C LYS B 262 -3.28 -41.13 -11.65
N ASP B 263 -2.66 -42.05 -12.38
CA ASP B 263 -2.15 -43.26 -11.73
C ASP B 263 -0.91 -42.95 -10.92
N LEU B 264 -0.11 -41.96 -11.34
CA LEU B 264 1.02 -41.54 -10.51
C LEU B 264 0.54 -41.00 -9.17
N VAL B 265 -0.49 -40.16 -9.19
CA VAL B 265 -1.05 -39.63 -7.96
C VAL B 265 -1.63 -40.74 -7.11
N SER B 266 -2.35 -41.69 -7.74
CA SER B 266 -2.94 -42.79 -6.98
C SER B 266 -1.86 -43.64 -6.32
N ARG B 267 -0.76 -43.90 -7.01
CA ARG B 267 0.35 -44.62 -6.40
C ARG B 267 0.98 -43.81 -5.27
N PHE B 268 0.99 -42.48 -5.41
CA PHE B 268 1.55 -41.64 -4.36
C PHE B 268 0.62 -41.51 -3.16
N LEU B 269 -0.65 -41.90 -3.29
CA LEU B 269 -1.61 -41.82 -2.19
C LEU B 269 -1.96 -43.19 -1.61
N VAL B 270 -1.11 -44.20 -1.81
CA VAL B 270 -1.41 -45.53 -1.32
C VAL B 270 -1.40 -45.54 0.20
N VAL B 271 -2.42 -46.16 0.80
CA VAL B 271 -2.52 -46.20 2.26
C VAL B 271 -1.44 -47.09 2.85
N GLN B 272 -1.09 -48.18 2.17
CA GLN B 272 -0.10 -49.11 2.69
C GLN B 272 1.31 -48.58 2.45
N PRO B 273 2.12 -48.37 3.49
CA PRO B 273 3.47 -47.83 3.25
C PRO B 273 4.35 -48.72 2.39
N GLN B 274 4.18 -50.04 2.47
CA GLN B 274 5.00 -50.94 1.66
C GLN B 274 4.69 -50.77 0.17
N ASN B 275 3.42 -50.61 -0.18
CA ASN B 275 3.03 -50.48 -1.58
C ASN B 275 3.25 -49.09 -2.15
N ARG B 276 3.56 -48.10 -1.31
CA ARG B 276 3.80 -46.75 -1.81
C ARG B 276 5.06 -46.69 -2.64
N TYR B 277 4.99 -45.99 -3.77
CA TYR B 277 6.13 -45.89 -4.67
C TYR B 277 7.25 -45.08 -4.03
N THR B 278 8.48 -45.54 -4.23
CA THR B 278 9.65 -44.82 -3.73
C THR B 278 10.01 -43.69 -4.68
N ALA B 279 10.98 -42.88 -4.26
CA ALA B 279 11.43 -41.76 -5.07
C ALA B 279 12.04 -42.24 -6.38
N GLU B 280 12.90 -43.26 -6.31
CA GLU B 280 13.58 -43.76 -7.51
C GLU B 280 12.58 -44.31 -8.52
N GLU B 281 11.57 -45.03 -8.05
CA GLU B 281 10.51 -45.51 -8.94
C GLU B 281 9.76 -44.33 -9.56
N ALA B 282 9.56 -43.27 -8.79
CA ALA B 282 8.87 -42.09 -9.33
C ALA B 282 9.69 -41.44 -10.43
N LEU B 283 11.00 -41.35 -10.27
CA LEU B 283 11.84 -40.82 -11.35
C LEU B 283 11.78 -41.72 -12.58
N ALA B 284 11.68 -43.02 -12.38
CA ALA B 284 11.59 -43.97 -13.49
C ALA B 284 10.24 -43.94 -14.20
N HIS B 285 9.26 -43.22 -13.65
CA HIS B 285 7.93 -43.19 -14.24
C HIS B 285 7.99 -42.52 -15.62
N PRO B 286 7.14 -42.95 -16.56
CA PRO B 286 7.14 -42.32 -17.89
C PRO B 286 6.81 -40.84 -17.88
N PHE B 287 6.22 -40.32 -16.80
CA PHE B 287 5.93 -38.89 -16.74
C PHE B 287 7.21 -38.07 -16.81
N PHE B 288 8.25 -38.49 -16.08
CA PHE B 288 9.46 -37.69 -15.96
C PHE B 288 10.56 -38.02 -16.97
N GLN B 289 10.42 -39.06 -17.78
CA GLN B 289 11.47 -39.38 -18.75
C GLN B 289 11.35 -38.46 -19.96
N GLN B 290 12.48 -38.18 -20.59
CA GLN B 290 12.53 -37.37 -21.80
C GLN B 290 13.53 -37.98 -22.77
N TYR B 291 13.30 -37.74 -24.06
CA TYR B 291 14.17 -38.25 -25.11
C TYR B 291 14.58 -37.11 -26.04
N LEU B 292 15.84 -37.14 -26.47
CA LEU B 292 16.38 -36.15 -27.38
C LEU B 292 16.58 -36.70 -28.79
N VAL B 293 17.34 -37.79 -28.92
CA VAL B 293 17.57 -38.43 -30.21
C VAL B 293 18.10 -39.83 -29.94
N GLU B 294 17.70 -40.78 -30.80
CA GLU B 294 18.15 -42.15 -30.70
C GLU B 294 18.27 -42.74 -32.10
N GLU B 295 19.16 -43.72 -32.24
CA GLU B 295 19.40 -44.37 -33.52
C GLU B 295 19.32 -45.89 -33.44
N VAL B 296 18.84 -46.44 -32.33
CA VAL B 296 18.73 -47.89 -32.16
C VAL B 296 17.31 -48.39 -32.41
N ARG B 297 16.43 -47.54 -32.96
CA ARG B 297 15.05 -47.92 -33.24
C ARG B 297 15.01 -48.65 -34.58
N HIS B 298 15.45 -49.91 -34.55
CA HIS B 298 15.44 -50.78 -35.71
C HIS B 298 14.73 -52.08 -35.37
N PHE B 299 13.94 -52.58 -36.31
CA PHE B 299 13.16 -53.79 -36.08
C PHE B 299 12.83 -54.42 -37.42
N SER B 300 11.97 -55.44 -37.39
CA SER B 300 11.52 -56.16 -38.58
C SER B 300 10.51 -55.32 -39.34
N PRO B 301 10.21 -55.66 -40.61
CA PRO B 301 9.17 -54.91 -41.33
C PRO B 301 7.82 -54.93 -40.65
N ARG B 302 7.56 -55.92 -39.79
CA ARG B 302 6.33 -55.91 -38.99
C ARG B 302 6.29 -54.69 -38.08
N GLY B 303 7.42 -54.33 -37.47
CA GLY B 303 7.47 -53.13 -36.67
C GLY B 303 7.22 -51.88 -37.47
N LYS B 304 7.77 -51.80 -38.68
CA LYS B 304 7.52 -50.65 -39.54
C LYS B 304 6.04 -50.57 -39.92
N PHE B 305 5.42 -51.70 -40.23
CA PHE B 305 4.00 -51.70 -40.54
C PHE B 305 3.16 -51.26 -39.35
N LYS B 306 3.51 -51.72 -38.15
CA LYS B 306 2.80 -51.31 -36.95
C LYS B 306 2.97 -49.81 -36.71
N VAL B 307 4.17 -49.28 -36.92
CA VAL B 307 4.41 -47.85 -36.74
C VAL B 307 3.59 -47.05 -37.75
N ILE B 308 3.54 -47.51 -39.00
CA ILE B 308 2.75 -46.83 -40.03
C ILE B 308 1.27 -46.85 -39.67
N ALA B 309 0.77 -48.00 -39.20
CA ALA B 309 -0.63 -48.09 -38.80
C ALA B 309 -0.94 -47.15 -37.64
N LEU B 310 -0.06 -47.09 -36.64
CA LEU B 310 -0.27 -46.20 -35.51
C LEU B 310 -0.23 -44.74 -35.95
N THR B 311 0.67 -44.40 -36.87
CA THR B 311 0.71 -43.04 -37.40
C THR B 311 -0.57 -42.69 -38.13
N VAL B 312 -1.10 -43.62 -38.93
CA VAL B 312 -2.36 -43.38 -39.63
C VAL B 312 -3.50 -43.20 -38.64
N LEU B 313 -3.53 -44.03 -37.60
CA LEU B 313 -4.58 -43.90 -36.59
C LEU B 313 -4.49 -42.55 -35.87
N ALA B 314 -3.28 -42.13 -35.52
CA ALA B 314 -3.11 -40.82 -34.87
C ALA B 314 -3.54 -39.68 -35.80
N SER B 315 -3.20 -39.79 -37.09
CA SER B 315 -3.61 -38.77 -38.04
C SER B 315 -5.13 -38.70 -38.15
N VAL B 316 -5.80 -39.85 -38.22
CA VAL B 316 -7.25 -39.86 -38.30
C VAL B 316 -7.87 -39.30 -37.02
N ARG B 317 -7.27 -39.62 -35.87
CA ARG B 317 -7.76 -39.06 -34.61
C ARG B 317 -7.64 -37.55 -34.58
N ILE B 318 -6.51 -37.01 -35.06
CA ILE B 318 -6.33 -35.57 -35.07
C ILE B 318 -7.20 -34.92 -36.14
N TYR B 319 -7.62 -35.70 -37.14
CA TYR B 319 -8.49 -35.19 -38.20
C TYR B 319 -9.90 -34.94 -37.69
N TYR B 320 -10.24 -35.50 -36.53
CA TYR B 320 -11.58 -35.38 -35.98
C TYR B 320 -11.69 -34.39 -34.83
N GLN B 321 -10.61 -33.71 -34.45
CA GLN B 321 -10.67 -32.83 -33.29
C GLN B 321 -11.51 -31.59 -33.58
N TYR B 322 -11.27 -30.93 -34.73
CA TYR B 322 -11.95 -29.67 -35.00
C TYR B 322 -13.44 -29.87 -35.24
N ARG B 323 -13.82 -31.00 -35.83
CA ARG B 323 -15.24 -31.25 -36.07
C ARG B 323 -15.99 -31.68 -34.83
N ARG B 324 -15.27 -32.04 -33.76
CA ARG B 324 -15.90 -32.45 -32.50
C ARG B 324 -16.07 -31.31 -31.52
N VAL B 325 -15.63 -30.10 -31.87
CA VAL B 325 -15.75 -28.96 -30.95
C VAL B 325 -17.21 -28.56 -30.84
N LYS B 326 -17.61 -28.13 -29.65
CA LYS B 326 -18.98 -27.71 -29.42
C LYS B 326 -19.14 -26.21 -29.69
N PRO B 327 -20.31 -25.79 -30.17
CA PRO B 327 -20.55 -24.35 -30.36
C PRO B 327 -20.89 -23.65 -29.06
N VAL B 328 -21.30 -22.38 -29.13
CA VAL B 328 -21.56 -21.61 -27.92
C VAL B 328 -22.60 -22.32 -27.05
N THR B 329 -23.71 -22.73 -27.64
CA THR B 329 -24.74 -23.53 -26.97
C THR B 329 -25.19 -22.88 -25.66
N ARG B 330 -25.90 -21.76 -25.80
CA ARG B 330 -26.41 -21.06 -24.63
C ARG B 330 -27.43 -21.88 -23.86
N GLU B 331 -27.97 -22.94 -24.49
CA GLU B 331 -28.97 -23.77 -23.82
C GLU B 331 -28.35 -24.51 -22.63
N ILE B 332 -27.23 -25.18 -22.83
CA ILE B 332 -26.59 -25.84 -21.70
C ILE B 332 -26.05 -24.80 -20.72
N VAL B 333 -25.67 -23.63 -21.21
CA VAL B 333 -25.17 -22.57 -20.33
C VAL B 333 -26.26 -22.14 -19.35
N ILE B 334 -27.48 -21.93 -19.85
CA ILE B 334 -28.57 -21.55 -18.95
C ILE B 334 -28.96 -22.73 -18.07
N ARG B 335 -28.94 -23.95 -18.60
CA ARG B 335 -29.33 -25.09 -17.77
C ARG B 335 -28.21 -25.49 -16.81
N ASP B 336 -26.94 -25.36 -17.23
CA ASP B 336 -25.82 -25.72 -16.37
C ASP B 336 -24.55 -24.98 -16.78
N PRO B 337 -24.06 -24.04 -15.96
CA PRO B 337 -22.86 -23.30 -16.35
C PRO B 337 -21.55 -24.06 -16.17
N TYR B 338 -21.58 -25.24 -15.54
CA TYR B 338 -20.38 -26.03 -15.34
C TYR B 338 -20.01 -26.86 -16.57
N ALA B 339 -20.90 -26.95 -17.57
CA ALA B 339 -20.59 -27.74 -18.76
C ALA B 339 -19.43 -27.15 -19.54
N LEU B 340 -19.39 -25.83 -19.67
CA LEU B 340 -18.33 -25.16 -20.41
C LEU B 340 -17.10 -25.04 -19.53
N ARG B 341 -16.01 -25.72 -19.91
CA ARG B 341 -14.78 -25.66 -19.13
C ARG B 341 -14.20 -24.24 -19.03
N PRO B 342 -14.06 -23.48 -20.12
CA PRO B 342 -13.57 -22.10 -19.96
C PRO B 342 -14.46 -21.25 -19.06
N LEU B 343 -15.78 -21.40 -19.16
CA LEU B 343 -16.68 -20.63 -18.31
C LEU B 343 -16.53 -21.04 -16.85
N ARG B 344 -16.40 -22.34 -16.58
CA ARG B 344 -16.19 -22.80 -15.21
C ARG B 344 -14.88 -22.27 -14.65
N ARG B 345 -13.82 -22.29 -15.46
CA ARG B 345 -12.54 -21.74 -15.02
C ARG B 345 -12.64 -20.26 -14.72
N LEU B 346 -13.34 -19.52 -15.59
CA LEU B 346 -13.50 -18.08 -15.39
C LEU B 346 -14.27 -17.78 -14.10
N ILE B 347 -15.37 -18.49 -13.86
CA ILE B 347 -16.16 -18.22 -12.67
C ILE B 347 -15.40 -18.65 -11.42
N ASP B 348 -14.63 -19.74 -11.49
CA ASP B 348 -13.81 -20.14 -10.36
C ASP B 348 -12.74 -19.09 -10.06
N ALA B 349 -12.10 -18.56 -11.10
CA ALA B 349 -11.09 -17.52 -10.90
C ALA B 349 -11.72 -16.27 -10.30
N TYR B 350 -12.91 -15.89 -10.77
CA TYR B 350 -13.60 -14.72 -10.21
C TYR B 350 -13.95 -14.95 -8.75
N ALA B 351 -14.44 -16.14 -8.40
CA ALA B 351 -14.76 -16.44 -7.01
C ALA B 351 -13.52 -16.40 -6.13
N PHE B 352 -12.39 -16.94 -6.64
CA PHE B 352 -11.16 -16.89 -5.87
C PHE B 352 -10.67 -15.45 -5.68
N ARG B 353 -10.79 -14.63 -6.73
CA ARG B 353 -10.37 -13.24 -6.62
C ARG B 353 -11.26 -12.46 -5.66
N ILE B 354 -12.55 -12.82 -5.58
CA ILE B 354 -13.47 -12.15 -4.68
C ILE B 354 -13.05 -12.36 -3.24
N TYR B 355 -12.67 -13.59 -2.89
CA TYR B 355 -12.23 -13.95 -1.54
C TYR B 355 -10.75 -14.36 -1.53
N GLY B 356 -9.91 -13.60 -2.22
CA GLY B 356 -8.49 -13.90 -2.29
C GLY B 356 -7.68 -13.49 -1.08
N HIS B 357 -8.29 -12.83 -0.11
CA HIS B 357 -7.60 -12.39 1.10
C HIS B 357 -7.83 -13.33 2.28
N TRP B 358 -8.39 -14.52 2.04
CA TRP B 358 -8.74 -15.45 3.10
C TRP B 358 -8.12 -16.82 2.82
N VAL B 359 -6.90 -16.83 2.28
CA VAL B 359 -6.16 -18.07 2.03
C VAL B 359 -4.79 -17.91 2.68
N LYS B 360 -4.68 -18.34 3.95
CA LYS B 360 -3.45 -18.23 4.71
C LYS B 360 -3.21 -19.54 5.44
N LYS B 361 -2.25 -19.53 6.36
CA LYS B 361 -1.93 -20.72 7.12
C LYS B 361 -3.08 -21.10 8.05
N GLY B 362 -3.33 -22.40 8.17
CA GLY B 362 -4.40 -22.88 9.01
C GLY B 362 -5.29 -23.90 8.33
N GLN B 363 -5.59 -24.99 9.04
CA GLN B 363 -6.45 -26.03 8.48
C GLN B 363 -7.92 -25.61 8.43
N GLN B 364 -8.33 -24.68 9.31
CA GLN B 364 -9.73 -24.28 9.37
C GLN B 364 -10.19 -23.65 8.05
N GLN B 365 -9.35 -22.81 7.45
CA GLN B 365 -9.67 -22.16 6.19
C GLN B 365 -8.59 -22.48 5.17
N ASN B 366 -9.00 -23.02 4.03
CA ASN B 366 -8.07 -23.42 2.98
C ASN B 366 -8.77 -23.28 1.63
N ARG B 367 -8.12 -23.79 0.57
CA ARG B 367 -8.70 -23.72 -0.76
C ARG B 367 -9.98 -24.53 -0.87
N ALA B 368 -10.00 -25.72 -0.26
CA ALA B 368 -11.17 -26.58 -0.36
C ALA B 368 -12.39 -26.00 0.34
N ALA B 369 -12.20 -25.03 1.24
CA ALA B 369 -13.34 -24.41 1.91
C ALA B 369 -14.20 -23.65 0.92
N LEU B 370 -13.57 -22.96 -0.05
CA LEU B 370 -14.32 -22.18 -1.03
C LEU B 370 -15.12 -23.05 -1.99
N PHE B 371 -14.82 -24.34 -2.08
CA PHE B 371 -15.51 -25.25 -2.98
C PHE B 371 -16.45 -26.14 -2.19
N GLU B 372 -17.70 -26.24 -2.65
CA GLU B 372 -18.72 -27.07 -2.02
C GLU B 372 -19.34 -27.95 -3.10
N ASN B 373 -18.72 -29.10 -3.37
CA ASN B 373 -19.26 -30.03 -4.35
C ASN B 373 -20.46 -30.80 -3.80
N THR B 374 -20.47 -31.08 -2.50
CA THR B 374 -21.56 -31.81 -1.90
C THR B 374 -22.84 -30.96 -1.94
N PRO B 375 -24.01 -31.59 -2.10
CA PRO B 375 -25.25 -30.84 -2.13
C PRO B 375 -25.73 -30.53 -0.72
N LYS B 376 -26.12 -29.27 -0.50
CA LYS B 376 -26.58 -28.81 0.82
C LYS B 376 -28.07 -29.17 0.97
N ALA B 377 -28.31 -30.45 1.20
CA ALA B 377 -29.68 -30.97 1.33
C ALA B 377 -29.83 -31.75 2.63
N VAL B 378 -30.95 -32.46 2.76
CA VAL B 378 -31.22 -33.24 3.97
C VAL B 378 -30.16 -34.32 4.18
N LEU B 379 -29.58 -34.83 3.09
CA LEU B 379 -28.57 -35.88 3.21
C LEU B 379 -27.32 -35.40 3.92
N LEU B 380 -27.10 -34.08 3.99
CA LEU B 380 -25.94 -33.56 4.68
C LEU B 380 -26.03 -33.77 6.18
N SER B 381 -27.26 -33.85 6.72
CA SER B 381 -27.43 -34.05 8.15
C SER B 381 -26.89 -35.42 8.59
N LEU B 382 -27.10 -36.45 7.77
CA LEU B 382 -26.61 -37.78 8.11
C LEU B 382 -25.09 -37.80 8.13
N ALA B 383 -24.53 -38.50 9.12
CA ALA B 383 -23.08 -38.60 9.26
C ALA B 383 -22.69 -39.91 9.93
N GLN C 23 -0.93 -49.03 -19.80
CA GLN C 23 0.51 -48.83 -19.90
C GLN C 23 0.95 -48.78 -21.35
N LEU C 24 1.99 -48.00 -21.63
CA LEU C 24 2.51 -47.85 -22.98
C LEU C 24 3.59 -48.91 -23.23
N THR C 25 4.17 -48.90 -24.42
CA THR C 25 5.20 -49.86 -24.78
C THR C 25 6.30 -49.14 -25.56
N GLU C 26 7.47 -49.78 -25.61
CA GLU C 26 8.59 -49.20 -26.33
C GLU C 26 8.29 -49.06 -27.82
N GLU C 27 7.64 -50.07 -28.40
CA GLU C 27 7.26 -49.99 -29.81
C GLU C 27 6.28 -48.84 -30.05
N GLN C 28 5.31 -48.66 -29.14
CA GLN C 28 4.38 -47.55 -29.27
C GLN C 28 5.10 -46.21 -29.17
N ILE C 29 6.05 -46.09 -28.26
CA ILE C 29 6.82 -44.85 -28.13
C ILE C 29 7.61 -44.57 -29.39
N ALA C 30 8.26 -45.60 -29.95
CA ALA C 30 9.02 -45.43 -31.18
C ALA C 30 8.11 -45.02 -32.34
N GLU C 31 6.92 -45.64 -32.44
CA GLU C 31 5.98 -45.28 -33.49
C GLU C 31 5.50 -43.84 -33.33
N PHE C 32 5.24 -43.42 -32.10
CA PHE C 32 4.81 -42.03 -31.86
C PHE C 32 5.93 -41.05 -32.23
N LYS C 33 7.18 -41.39 -31.88
CA LYS C 33 8.29 -40.52 -32.25
C LYS C 33 8.44 -40.43 -33.76
N GLU C 34 8.31 -41.56 -34.45
CA GLU C 34 8.39 -41.55 -35.91
C GLU C 34 7.27 -40.72 -36.52
N ALA C 35 6.06 -40.85 -35.98
CA ALA C 35 4.94 -40.05 -36.47
C ALA C 35 5.18 -38.56 -36.25
N PHE C 36 5.70 -38.19 -35.08
CA PHE C 36 6.01 -36.79 -34.82
C PHE C 36 7.08 -36.26 -35.76
N SER C 37 8.11 -37.07 -36.01
CA SER C 37 9.17 -36.64 -36.93
C SER C 37 8.63 -36.48 -38.36
N LEU C 38 7.77 -37.41 -38.80
CA LEU C 38 7.25 -37.35 -40.16
C LEU C 38 6.17 -36.29 -40.32
N PHE C 39 5.55 -35.84 -39.22
CA PHE C 39 4.49 -34.85 -39.32
C PHE C 39 4.99 -33.54 -39.90
N ASP C 40 6.17 -33.10 -39.50
CA ASP C 40 6.75 -31.85 -39.97
C ASP C 40 7.86 -32.13 -40.96
N LYS C 41 7.89 -31.33 -42.04
CA LYS C 41 8.93 -31.50 -43.05
C LYS C 41 10.30 -31.17 -42.49
N ASP C 42 10.40 -30.13 -41.66
CA ASP C 42 11.66 -29.72 -41.06
C ASP C 42 11.62 -30.00 -39.56
N GLY C 43 12.77 -30.40 -39.02
CA GLY C 43 12.86 -30.75 -37.62
C GLY C 43 13.05 -29.55 -36.71
N ASP C 44 11.98 -29.17 -36.00
CA ASP C 44 12.06 -28.06 -35.06
C ASP C 44 11.30 -28.31 -33.77
N GLY C 45 10.74 -29.51 -33.57
CA GLY C 45 9.99 -29.83 -32.38
C GLY C 45 8.53 -29.44 -32.42
N THR C 46 8.07 -28.80 -33.49
CA THR C 46 6.69 -28.37 -33.61
C THR C 46 6.13 -28.84 -34.95
N ILE C 47 4.88 -29.31 -34.91
CA ILE C 47 4.22 -29.76 -36.13
C ILE C 47 4.01 -28.59 -37.08
N THR C 48 3.75 -27.39 -36.54
CA THR C 48 3.64 -26.14 -37.28
C THR C 48 2.34 -26.07 -38.07
N THR C 49 1.68 -24.92 -38.05
CA THR C 49 0.42 -24.76 -38.77
C THR C 49 0.62 -24.88 -40.28
N LYS C 50 1.71 -24.29 -40.80
CA LYS C 50 1.95 -24.34 -42.24
C LYS C 50 2.21 -25.77 -42.70
N GLU C 51 3.02 -26.52 -41.96
CA GLU C 51 3.29 -27.90 -42.33
C GLU C 51 2.03 -28.75 -42.24
N LEU C 52 1.21 -28.54 -41.21
CA LEU C 52 -0.05 -29.26 -41.10
C LEU C 52 -0.97 -28.95 -42.27
N GLY C 53 -1.05 -27.68 -42.66
CA GLY C 53 -1.86 -27.32 -43.81
C GLY C 53 -1.37 -27.94 -45.09
N THR C 54 -0.05 -27.95 -45.30
CA THR C 54 0.51 -28.59 -46.48
C THR C 54 0.22 -30.10 -46.50
N VAL C 55 0.32 -30.74 -45.34
CA VAL C 55 0.00 -32.16 -45.24
C VAL C 55 -1.47 -32.40 -45.57
N MET C 56 -2.36 -31.54 -45.05
CA MET C 56 -3.78 -31.68 -45.33
C MET C 56 -4.07 -31.51 -46.82
N ARG C 57 -3.44 -30.52 -47.46
CA ARG C 57 -3.63 -30.33 -48.90
C ARG C 57 -3.10 -31.51 -49.70
N SER C 58 -1.95 -32.06 -49.28
CA SER C 58 -1.40 -33.24 -49.96
C SER C 58 -2.33 -34.43 -49.83
N LEU C 59 -2.93 -34.62 -48.65
CA LEU C 59 -3.86 -35.72 -48.46
C LEU C 59 -5.11 -35.56 -49.32
N GLY C 60 -5.52 -34.33 -49.58
CA GLY C 60 -6.70 -34.08 -50.40
C GLY C 60 -7.78 -33.33 -49.66
N GLN C 61 -7.39 -32.57 -48.64
CA GLN C 61 -8.32 -31.80 -47.83
C GLN C 61 -7.89 -30.34 -47.81
N ASN C 62 -8.87 -29.45 -47.73
CA ASN C 62 -8.64 -28.00 -47.70
C ASN C 62 -9.38 -27.38 -46.53
N PRO C 63 -8.89 -27.59 -45.30
CA PRO C 63 -9.54 -26.99 -44.14
C PRO C 63 -9.45 -25.48 -44.17
N THR C 64 -10.46 -24.83 -43.60
CA THR C 64 -10.47 -23.37 -43.53
C THR C 64 -9.45 -22.88 -42.51
N GLU C 65 -9.01 -21.63 -42.69
CA GLU C 65 -8.06 -21.05 -41.75
C GLU C 65 -8.66 -20.92 -40.35
N ALA C 66 -9.92 -20.51 -40.26
CA ALA C 66 -10.57 -20.41 -38.96
C ALA C 66 -10.70 -21.78 -38.32
N GLU C 67 -11.05 -22.80 -39.10
CA GLU C 67 -11.16 -24.15 -38.56
C GLU C 67 -9.82 -24.66 -38.07
N LEU C 68 -8.74 -24.39 -38.82
CA LEU C 68 -7.42 -24.81 -38.40
C LEU C 68 -7.00 -24.10 -37.12
N GLN C 69 -7.29 -22.80 -37.02
CA GLN C 69 -6.96 -22.05 -35.80
C GLN C 69 -7.74 -22.59 -34.61
N ASP C 70 -9.02 -22.90 -34.80
CA ASP C 70 -9.83 -23.46 -33.73
C ASP C 70 -9.28 -24.82 -33.28
N MET C 71 -8.89 -25.65 -34.25
CA MET C 71 -8.32 -26.95 -33.91
C MET C 71 -7.01 -26.80 -33.14
N ILE C 72 -6.16 -25.87 -33.56
CA ILE C 72 -4.90 -25.64 -32.87
C ILE C 72 -5.16 -25.16 -31.44
N ASN C 73 -6.11 -24.24 -31.28
CA ASN C 73 -6.43 -23.74 -29.94
C ASN C 73 -6.99 -24.83 -29.05
N GLU C 74 -7.87 -25.68 -29.60
CA GLU C 74 -8.48 -26.73 -28.79
C GLU C 74 -7.46 -27.79 -28.39
N VAL C 75 -6.62 -28.21 -29.33
CA VAL C 75 -5.59 -29.21 -29.02
C VAL C 75 -4.62 -28.67 -27.98
N ASP C 76 -4.18 -27.43 -28.15
CA ASP C 76 -3.24 -26.83 -27.21
C ASP C 76 -3.92 -26.57 -25.87
N ALA C 77 -3.12 -26.64 -24.80
CA ALA C 77 -3.63 -26.38 -23.46
C ALA C 77 -3.73 -24.89 -23.15
N ASP C 78 -3.13 -24.04 -23.96
CA ASP C 78 -3.16 -22.59 -23.75
C ASP C 78 -3.15 -21.92 -25.11
N GLY C 79 -2.93 -20.60 -25.10
CA GLY C 79 -2.97 -19.81 -26.32
C GLY C 79 -1.61 -19.55 -26.94
N ASN C 80 -0.61 -20.35 -26.58
CA ASN C 80 0.72 -20.15 -27.13
C ASN C 80 0.77 -20.42 -28.63
N GLY C 81 -0.16 -21.20 -29.15
CA GLY C 81 -0.23 -21.43 -30.59
C GLY C 81 0.77 -22.42 -31.14
N THR C 82 1.39 -23.23 -30.29
CA THR C 82 2.32 -24.25 -30.73
C THR C 82 1.98 -25.58 -30.08
N ILE C 83 2.05 -26.65 -30.88
CA ILE C 83 1.75 -27.99 -30.42
C ILE C 83 3.05 -28.79 -30.39
N ASP C 84 3.26 -29.51 -29.29
CA ASP C 84 4.50 -30.24 -29.05
C ASP C 84 4.26 -31.74 -29.11
N PHE C 85 5.36 -32.49 -29.09
CA PHE C 85 5.27 -33.95 -29.07
C PHE C 85 4.53 -34.49 -27.86
N PRO C 86 4.77 -34.04 -26.63
CA PRO C 86 3.95 -34.53 -25.51
C PRO C 86 2.47 -34.24 -25.68
N GLU C 87 2.12 -33.10 -26.28
CA GLU C 87 0.71 -32.80 -26.53
C GLU C 87 0.12 -33.80 -27.52
N PHE C 88 0.85 -34.15 -28.57
CA PHE C 88 0.38 -35.15 -29.53
C PHE C 88 0.25 -36.51 -28.87
N LEU C 89 1.19 -36.87 -27.99
CA LEU C 89 1.10 -38.15 -27.28
C LEU C 89 -0.12 -38.18 -26.38
N THR C 90 -0.40 -37.08 -25.67
CA THR C 90 -1.58 -37.02 -24.83
C THR C 90 -2.86 -37.11 -25.65
N MET C 91 -2.88 -36.43 -26.80
CA MET C 91 -4.06 -36.50 -27.67
C MET C 91 -4.28 -37.90 -28.19
N MET C 92 -3.20 -38.61 -28.56
CA MET C 92 -3.34 -39.97 -29.04
C MET C 92 -3.73 -40.93 -27.93
N ALA C 93 -3.56 -40.52 -26.66
CA ALA C 93 -3.90 -41.37 -25.54
C ALA C 93 -5.37 -41.33 -25.19
N ARG C 94 -6.16 -40.50 -25.86
CA ARG C 94 -7.58 -40.41 -25.56
C ARG C 94 -8.29 -41.71 -25.90
N LYS C 95 -9.36 -42.01 -25.16
CA LYS C 95 -10.15 -43.20 -25.36
C LYS C 95 -11.42 -42.85 -26.12
N MET C 96 -11.65 -43.53 -27.24
CA MET C 96 -12.81 -43.28 -28.08
C MET C 96 -14.01 -44.16 -27.75
N LYS C 97 -13.87 -45.04 -26.75
CA LYS C 97 -14.97 -45.94 -26.40
C LYS C 97 -15.19 -46.98 -27.48
N ASP C 98 -16.43 -47.14 -27.94
CA ASP C 98 -16.77 -48.12 -28.96
C ASP C 98 -17.27 -47.49 -30.24
N THR C 99 -18.31 -46.65 -30.18
CA THR C 99 -18.91 -46.10 -31.39
C THR C 99 -17.93 -45.21 -32.15
N ASP C 100 -17.18 -44.37 -31.43
CA ASP C 100 -16.22 -43.50 -32.09
C ASP C 100 -15.12 -44.32 -32.77
N SER C 101 -14.75 -45.46 -32.18
CA SER C 101 -13.71 -46.30 -32.78
C SER C 101 -14.17 -46.87 -34.12
N GLU C 102 -15.38 -47.42 -34.16
CA GLU C 102 -15.87 -47.97 -35.42
C GLU C 102 -16.10 -46.87 -36.45
N GLU C 103 -16.58 -45.70 -36.00
CA GLU C 103 -16.73 -44.59 -36.93
C GLU C 103 -15.39 -44.17 -37.52
N GLU C 104 -14.34 -44.11 -36.68
CA GLU C 104 -13.03 -43.72 -37.15
C GLU C 104 -12.46 -44.74 -38.13
N ILE C 105 -12.59 -46.04 -37.82
CA ILE C 105 -12.05 -47.05 -38.72
C ILE C 105 -12.82 -47.08 -40.03
N ARG C 106 -14.14 -46.84 -39.98
CA ARG C 106 -14.92 -46.76 -41.20
C ARG C 106 -14.49 -45.58 -42.06
N GLU C 107 -14.27 -44.42 -41.42
CA GLU C 107 -13.80 -43.25 -42.16
C GLU C 107 -12.43 -43.50 -42.77
N ALA C 108 -11.52 -44.13 -42.02
CA ALA C 108 -10.21 -44.43 -42.55
C ALA C 108 -10.28 -45.39 -43.73
N PHE C 109 -11.13 -46.42 -43.64
CA PHE C 109 -11.32 -47.33 -44.75
C PHE C 109 -11.89 -46.62 -45.97
N ARG C 110 -12.88 -45.75 -45.76
CA ARG C 110 -13.47 -45.01 -46.87
C ARG C 110 -12.44 -44.11 -47.55
N VAL C 111 -11.60 -43.44 -46.75
CA VAL C 111 -10.54 -42.60 -47.33
C VAL C 111 -9.56 -43.45 -48.11
N PHE C 112 -9.16 -44.60 -47.54
CA PHE C 112 -8.20 -45.47 -48.22
C PHE C 112 -8.81 -46.13 -49.44
N ASP C 113 -10.10 -46.43 -49.42
CA ASP C 113 -10.78 -47.10 -50.53
C ASP C 113 -11.31 -46.11 -51.55
N LYS C 114 -10.43 -45.26 -52.08
CA LYS C 114 -10.84 -44.29 -53.07
C LYS C 114 -11.34 -44.97 -54.35
N ASP C 115 -10.63 -46.00 -54.79
CA ASP C 115 -11.04 -46.73 -55.99
C ASP C 115 -12.27 -47.59 -55.70
N GLY C 116 -13.04 -47.84 -56.76
CA GLY C 116 -14.24 -48.65 -56.64
C GLY C 116 -13.95 -50.14 -56.69
N ASN C 117 -13.22 -50.64 -55.69
CA ASN C 117 -12.88 -52.05 -55.62
C ASN C 117 -13.36 -52.76 -54.37
N GLY C 118 -13.71 -52.03 -53.31
CA GLY C 118 -14.20 -52.63 -52.09
C GLY C 118 -13.13 -53.15 -51.15
N TYR C 119 -11.85 -52.94 -51.46
CA TYR C 119 -10.77 -53.41 -50.61
C TYR C 119 -9.69 -52.33 -50.45
PG ATP D . 5.92 -22.15 8.32
O1G ATP D . 5.62 -21.10 7.29
O2G ATP D . 7.39 -22.61 8.32
O3G ATP D . 5.02 -23.38 8.21
PB ATP D . 6.19 -20.43 10.76
O1B ATP D . 5.10 -19.53 11.19
O2B ATP D . 6.99 -21.10 11.88
O3B ATP D . 5.68 -21.59 9.80
PA ATP D . 8.77 -19.84 9.43
O1A ATP D . 9.59 -18.69 9.86
O2A ATP D . 9.24 -21.19 10.00
O3A ATP D . 7.24 -19.67 9.83
O5' ATP D . 8.71 -19.96 7.86
C5' ATP D . 9.47 -19.07 7.01
C4' ATP D . 8.75 -17.76 6.88
O4' ATP D . 9.68 -16.72 6.50
C3' ATP D . 7.64 -17.71 5.84
O3' ATP D . 6.65 -16.74 6.18
C2' ATP D . 8.42 -17.33 4.58
O2' ATP D . 7.59 -16.66 3.64
C1' ATP D . 9.47 -16.38 5.14
N9 ATP D . 10.76 -16.44 4.45
C8 ATP D . 11.88 -17.11 4.86
N7 ATP D . 12.89 -17.01 4.03
C5 ATP D . 12.40 -16.20 3.01
C6 ATP D . 12.99 -15.70 1.83
N6 ATP D . 14.25 -15.96 1.46
N1 ATP D . 12.23 -14.93 1.03
C2 ATP D . 10.97 -14.66 1.40
N3 ATP D . 10.31 -15.08 2.48
C4 ATP D . 11.09 -15.85 3.26
#